data_2I7O
# 
_entry.id   2I7O 
# 
_audit_conform.dict_name       mmcif_pdbx.dic 
_audit_conform.dict_version    5.398 
_audit_conform.dict_location   http://mmcif.pdb.org/dictionaries/ascii/mmcif_pdbx.dic 
# 
loop_
_database_2.database_id 
_database_2.database_code 
_database_2.pdbx_database_accession 
_database_2.pdbx_DOI 
PDB   2I7O         pdb_00002i7o 10.2210/pdb2i7o/pdb 
RCSB  RCSB039240   ?            ?                   
WWPDB D_1000039240 ?            ?                   
# 
loop_
_pdbx_audit_revision_history.ordinal 
_pdbx_audit_revision_history.data_content_type 
_pdbx_audit_revision_history.major_revision 
_pdbx_audit_revision_history.minor_revision 
_pdbx_audit_revision_history.revision_date 
1 'Structure model' 1 0 2007-08-14 
2 'Structure model' 1 1 2011-07-13 
3 'Structure model' 1 2 2021-10-20 
4 'Structure model' 1 3 2024-11-06 
# 
_pdbx_audit_revision_details.ordinal             1 
_pdbx_audit_revision_details.revision_ordinal    1 
_pdbx_audit_revision_details.data_content_type   'Structure model' 
_pdbx_audit_revision_details.provider            repository 
_pdbx_audit_revision_details.type                'Initial release' 
_pdbx_audit_revision_details.description         ? 
_pdbx_audit_revision_details.details             ? 
# 
loop_
_pdbx_audit_revision_group.ordinal 
_pdbx_audit_revision_group.revision_ordinal 
_pdbx_audit_revision_group.data_content_type 
_pdbx_audit_revision_group.group 
1 2 'Structure model' 'Version format compliance' 
2 3 'Structure model' 'Database references'       
3 3 'Structure model' 'Derived calculations'      
4 4 'Structure model' 'Data collection'           
5 4 'Structure model' 'Structure summary'         
# 
loop_
_pdbx_audit_revision_category.ordinal 
_pdbx_audit_revision_category.revision_ordinal 
_pdbx_audit_revision_category.data_content_type 
_pdbx_audit_revision_category.category 
1 3 'Structure model' database_2                
2 3 'Structure model' pdbx_struct_conn_angle    
3 3 'Structure model' struct_conn               
4 3 'Structure model' struct_ref_seq_dif        
5 3 'Structure model' struct_site               
6 4 'Structure model' chem_comp_atom            
7 4 'Structure model' chem_comp_bond            
8 4 'Structure model' pdbx_entry_details        
9 4 'Structure model' pdbx_modification_feature 
# 
loop_
_pdbx_audit_revision_item.ordinal 
_pdbx_audit_revision_item.revision_ordinal 
_pdbx_audit_revision_item.data_content_type 
_pdbx_audit_revision_item.item 
1  3 'Structure model' '_database_2.pdbx_DOI'                        
2  3 'Structure model' '_database_2.pdbx_database_accession'         
3  3 'Structure model' '_pdbx_struct_conn_angle.ptnr1_auth_comp_id'  
4  3 'Structure model' '_pdbx_struct_conn_angle.ptnr1_auth_seq_id'   
5  3 'Structure model' '_pdbx_struct_conn_angle.ptnr1_label_atom_id' 
6  3 'Structure model' '_pdbx_struct_conn_angle.ptnr1_label_comp_id' 
7  3 'Structure model' '_pdbx_struct_conn_angle.ptnr1_label_seq_id'  
8  3 'Structure model' '_pdbx_struct_conn_angle.ptnr3_auth_comp_id'  
9  3 'Structure model' '_pdbx_struct_conn_angle.ptnr3_auth_seq_id'   
10 3 'Structure model' '_pdbx_struct_conn_angle.ptnr3_label_atom_id' 
11 3 'Structure model' '_pdbx_struct_conn_angle.ptnr3_label_comp_id' 
12 3 'Structure model' '_pdbx_struct_conn_angle.ptnr3_label_seq_id'  
13 3 'Structure model' '_pdbx_struct_conn_angle.value'               
14 3 'Structure model' '_struct_conn.pdbx_dist_value'                
15 3 'Structure model' '_struct_conn.ptnr1_auth_comp_id'             
16 3 'Structure model' '_struct_conn.ptnr1_auth_seq_id'              
17 3 'Structure model' '_struct_conn.ptnr1_label_atom_id'            
18 3 'Structure model' '_struct_conn.ptnr1_label_comp_id'            
19 3 'Structure model' '_struct_conn.ptnr1_label_seq_id'             
20 3 'Structure model' '_struct_conn.ptnr2_auth_comp_id'             
21 3 'Structure model' '_struct_conn.ptnr2_auth_seq_id'              
22 3 'Structure model' '_struct_conn.ptnr2_label_asym_id'            
23 3 'Structure model' '_struct_conn.ptnr2_label_atom_id'            
24 3 'Structure model' '_struct_conn.ptnr2_label_comp_id'            
25 3 'Structure model' '_struct_ref_seq_dif.details'                 
26 3 'Structure model' '_struct_site.pdbx_auth_asym_id'              
27 3 'Structure model' '_struct_site.pdbx_auth_comp_id'              
28 3 'Structure model' '_struct_site.pdbx_auth_seq_id'               
# 
_pdbx_database_status.entry_id                        2I7O 
_pdbx_database_status.deposit_site                    RCSB 
_pdbx_database_status.process_site                    RCSB 
_pdbx_database_status.recvd_initial_deposition_date   2006-08-31 
_pdbx_database_status.status_code                     REL 
_pdbx_database_status.status_code_sf                  REL 
_pdbx_database_status.status_code_mr                  ? 
_pdbx_database_status.SG_entry                        ? 
_pdbx_database_status.status_code_cs                  ? 
_pdbx_database_status.pdb_format_compatible           Y 
_pdbx_database_status.status_code_nmr_data            ? 
_pdbx_database_status.methods_development_category    ? 
# 
_pdbx_database_related.db_name        PDB 
_pdbx_database_related.db_id          1BEX 
_pdbx_database_related.details        'Structure of ruthenium-modified Pseudomonas aeruginosa azurin' 
_pdbx_database_related.content_type   unspecified 
# 
loop_
_audit_author.name 
_audit_author.pdbx_ordinal 
'Sudhamsu, J.' 1 
'Crane, B.R.'  2 
# 
_citation.id                        primary 
_citation.title                     'Tryptophan-accelerated electron flow through proteins.' 
_citation.journal_abbrev            Science 
_citation.journal_volume            320 
_citation.page_first                1760 
_citation.page_last                 1762 
_citation.year                      2008 
_citation.journal_id_ASTM           SCIEAS 
_citation.country                   US 
_citation.journal_id_ISSN           0036-8075 
_citation.journal_id_CSD            0038 
_citation.book_publisher            ? 
_citation.pdbx_database_id_PubMed   18583608 
_citation.pdbx_database_id_DOI      10.1126/science.1158241 
# 
loop_
_citation_author.citation_id 
_citation_author.name 
_citation_author.ordinal 
_citation_author.identifier_ORCID 
primary 'Shih, C.'               1  ? 
primary 'Museth, A.K.'           2  ? 
primary 'Abrahamsson, M.'        3  ? 
primary 'Blanco-Rodriguez, A.M.' 4  ? 
primary 'Di Bilio, A.J.'         5  ? 
primary 'Sudhamsu, J.'           6  ? 
primary 'Crane, B.R.'            7  ? 
primary 'Ronayne, K.L.'          8  ? 
primary 'Towrie, M.'             9  ? 
primary 'Vlcek, A.'              10 ? 
primary 'Richards, J.H.'         11 ? 
primary 'Winkler, J.R.'          12 ? 
primary 'Gray, H.B.'             13 ? 
# 
loop_
_entity.id 
_entity.type 
_entity.src_method 
_entity.pdbx_description 
_entity.formula_weight 
_entity.pdbx_number_of_molecules 
_entity.pdbx_ec 
_entity.pdbx_mutation 
_entity.pdbx_fragment 
_entity.details 
1 polymer     man Azurin                                                    14044.868 1  ? 'H83N, K122W, T124H' ? ? 
2 non-polymer syn 'COPPER (II) ION'                                         63.546    1  ? ?                    ? ? 
3 non-polymer syn '(1,10 PHENANTHROLINE)-(TRI-CARBON MONOXIDE) RHENIUM (I)' 478.496   1  ? ?                    ? ? 
4 water       nat water                                                     18.015    65 ? ?                    ? ? 
# 
_entity_poly.entity_id                      1 
_entity_poly.type                           'polypeptide(L)' 
_entity_poly.nstd_linkage                   no 
_entity_poly.nstd_monomer                   no 
_entity_poly.pdbx_seq_one_letter_code       
;AQCSVDIQGNDQMQFNTNAITVDKSCKQFTVNLSHPGNLPKNVMGHNWVLSTAADMQGVVTDGMASGLDKDYLKPDDSRV
IAQTKLIGSGEKDSVTFDVSKLKEGEQYMFFCTFPGHSALMWGHLTLK
;
_entity_poly.pdbx_seq_one_letter_code_can   
;AQCSVDIQGNDQMQFNTNAITVDKSCKQFTVNLSHPGNLPKNVMGHNWVLSTAADMQGVVTDGMASGLDKDYLKPDDSRV
IAQTKLIGSGEKDSVTFDVSKLKEGEQYMFFCTFPGHSALMWGHLTLK
;
_entity_poly.pdbx_strand_id                 A 
_entity_poly.pdbx_target_identifier         ? 
# 
loop_
_pdbx_entity_nonpoly.entity_id 
_pdbx_entity_nonpoly.name 
_pdbx_entity_nonpoly.comp_id 
2 'COPPER (II) ION'                                         CU  
3 '(1,10 PHENANTHROLINE)-(TRI-CARBON MONOXIDE) RHENIUM (I)' REQ 
4 water                                                     HOH 
# 
loop_
_entity_poly_seq.entity_id 
_entity_poly_seq.num 
_entity_poly_seq.mon_id 
_entity_poly_seq.hetero 
1 1   ALA n 
1 2   GLN n 
1 3   CYS n 
1 4   SER n 
1 5   VAL n 
1 6   ASP n 
1 7   ILE n 
1 8   GLN n 
1 9   GLY n 
1 10  ASN n 
1 11  ASP n 
1 12  GLN n 
1 13  MET n 
1 14  GLN n 
1 15  PHE n 
1 16  ASN n 
1 17  THR n 
1 18  ASN n 
1 19  ALA n 
1 20  ILE n 
1 21  THR n 
1 22  VAL n 
1 23  ASP n 
1 24  LYS n 
1 25  SER n 
1 26  CYS n 
1 27  LYS n 
1 28  GLN n 
1 29  PHE n 
1 30  THR n 
1 31  VAL n 
1 32  ASN n 
1 33  LEU n 
1 34  SER n 
1 35  HIS n 
1 36  PRO n 
1 37  GLY n 
1 38  ASN n 
1 39  LEU n 
1 40  PRO n 
1 41  LYS n 
1 42  ASN n 
1 43  VAL n 
1 44  MET n 
1 45  GLY n 
1 46  HIS n 
1 47  ASN n 
1 48  TRP n 
1 49  VAL n 
1 50  LEU n 
1 51  SER n 
1 52  THR n 
1 53  ALA n 
1 54  ALA n 
1 55  ASP n 
1 56  MET n 
1 57  GLN n 
1 58  GLY n 
1 59  VAL n 
1 60  VAL n 
1 61  THR n 
1 62  ASP n 
1 63  GLY n 
1 64  MET n 
1 65  ALA n 
1 66  SER n 
1 67  GLY n 
1 68  LEU n 
1 69  ASP n 
1 70  LYS n 
1 71  ASP n 
1 72  TYR n 
1 73  LEU n 
1 74  LYS n 
1 75  PRO n 
1 76  ASP n 
1 77  ASP n 
1 78  SER n 
1 79  ARG n 
1 80  VAL n 
1 81  ILE n 
1 82  ALA n 
1 83  GLN n 
1 84  THR n 
1 85  LYS n 
1 86  LEU n 
1 87  ILE n 
1 88  GLY n 
1 89  SER n 
1 90  GLY n 
1 91  GLU n 
1 92  LYS n 
1 93  ASP n 
1 94  SER n 
1 95  VAL n 
1 96  THR n 
1 97  PHE n 
1 98  ASP n 
1 99  VAL n 
1 100 SER n 
1 101 LYS n 
1 102 LEU n 
1 103 LYS n 
1 104 GLU n 
1 105 GLY n 
1 106 GLU n 
1 107 GLN n 
1 108 TYR n 
1 109 MET n 
1 110 PHE n 
1 111 PHE n 
1 112 CYS n 
1 113 THR n 
1 114 PHE n 
1 115 PRO n 
1 116 GLY n 
1 117 HIS n 
1 118 SER n 
1 119 ALA n 
1 120 LEU n 
1 121 MET n 
1 122 TRP n 
1 123 GLY n 
1 124 HIS n 
1 125 LEU n 
1 126 THR n 
1 127 LEU n 
1 128 LYS n 
# 
_entity_src_gen.entity_id                          1 
_entity_src_gen.pdbx_src_id                        1 
_entity_src_gen.pdbx_alt_source_flag               sample 
_entity_src_gen.pdbx_seq_type                      ? 
_entity_src_gen.pdbx_beg_seq_num                   ? 
_entity_src_gen.pdbx_end_seq_num                   ? 
_entity_src_gen.gene_src_common_name               ? 
_entity_src_gen.gene_src_genus                     Pseudomonas 
_entity_src_gen.pdbx_gene_src_gene                 azu 
_entity_src_gen.gene_src_species                   ? 
_entity_src_gen.gene_src_strain                    ? 
_entity_src_gen.gene_src_tissue                    ? 
_entity_src_gen.gene_src_tissue_fraction           ? 
_entity_src_gen.gene_src_details                   ? 
_entity_src_gen.pdbx_gene_src_fragment             ? 
_entity_src_gen.pdbx_gene_src_scientific_name      'Pseudomonas aeruginosa' 
_entity_src_gen.pdbx_gene_src_ncbi_taxonomy_id     287 
_entity_src_gen.pdbx_gene_src_variant              ? 
_entity_src_gen.pdbx_gene_src_cell_line            ? 
_entity_src_gen.pdbx_gene_src_atcc                 ? 
_entity_src_gen.pdbx_gene_src_organ                ? 
_entity_src_gen.pdbx_gene_src_organelle            ? 
_entity_src_gen.pdbx_gene_src_cell                 ? 
_entity_src_gen.pdbx_gene_src_cellular_location    ? 
_entity_src_gen.host_org_common_name               ? 
_entity_src_gen.pdbx_host_org_scientific_name      'Escherichia coli BL21(DE3)' 
_entity_src_gen.pdbx_host_org_ncbi_taxonomy_id     469008 
_entity_src_gen.host_org_genus                     Escherichia 
_entity_src_gen.pdbx_host_org_gene                 ? 
_entity_src_gen.pdbx_host_org_organ                ? 
_entity_src_gen.host_org_species                   'Escherichia coli' 
_entity_src_gen.pdbx_host_org_tissue               ? 
_entity_src_gen.pdbx_host_org_tissue_fraction      ? 
_entity_src_gen.pdbx_host_org_strain               'BL21(DE3)' 
_entity_src_gen.pdbx_host_org_variant              ? 
_entity_src_gen.pdbx_host_org_cell_line            ? 
_entity_src_gen.pdbx_host_org_atcc                 ? 
_entity_src_gen.pdbx_host_org_culture_collection   ? 
_entity_src_gen.pdbx_host_org_cell                 ? 
_entity_src_gen.pdbx_host_org_organelle            ? 
_entity_src_gen.pdbx_host_org_cellular_location    ? 
_entity_src_gen.pdbx_host_org_vector_type          ? 
_entity_src_gen.pdbx_host_org_vector               ? 
_entity_src_gen.host_org_details                   ? 
_entity_src_gen.expression_system_id               ? 
_entity_src_gen.plasmid_name                       ? 
_entity_src_gen.plasmid_details                    ? 
_entity_src_gen.pdbx_description                   ? 
# 
loop_
_chem_comp.id 
_chem_comp.type 
_chem_comp.mon_nstd_flag 
_chem_comp.name 
_chem_comp.pdbx_synonyms 
_chem_comp.formula 
_chem_comp.formula_weight 
ALA 'L-peptide linking' y ALANINE                                                   ? 'C3 H7 N O2'       89.093  
ARG 'L-peptide linking' y ARGININE                                                  ? 'C6 H15 N4 O2 1'   175.209 
ASN 'L-peptide linking' y ASPARAGINE                                                ? 'C4 H8 N2 O3'      132.118 
ASP 'L-peptide linking' y 'ASPARTIC ACID'                                           ? 'C4 H7 N O4'       133.103 
CU  non-polymer         . 'COPPER (II) ION'                                         ? 'Cu 2'             63.546  
CYS 'L-peptide linking' y CYSTEINE                                                  ? 'C3 H7 N O2 S'     121.158 
GLN 'L-peptide linking' y GLUTAMINE                                                 ? 'C5 H10 N2 O3'     146.144 
GLU 'L-peptide linking' y 'GLUTAMIC ACID'                                           ? 'C5 H9 N O4'       147.129 
GLY 'peptide linking'   y GLYCINE                                                   ? 'C2 H5 N O2'       75.067  
HIS 'L-peptide linking' y HISTIDINE                                                 ? 'C6 H10 N3 O2 1'   156.162 
HOH non-polymer         . WATER                                                     ? 'H2 O'             18.015  
ILE 'L-peptide linking' y ISOLEUCINE                                                ? 'C6 H13 N O2'      131.173 
LEU 'L-peptide linking' y LEUCINE                                                   ? 'C6 H13 N O2'      131.173 
LYS 'L-peptide linking' y LYSINE                                                    ? 'C6 H15 N2 O2 1'   147.195 
MET 'L-peptide linking' y METHIONINE                                                ? 'C5 H11 N O2 S'    149.211 
PHE 'L-peptide linking' y PHENYLALANINE                                             ? 'C9 H11 N O2'      165.189 
PRO 'L-peptide linking' y PROLINE                                                   ? 'C5 H9 N O2'       115.130 
REQ non-polymer         . '(1,10 PHENANTHROLINE)-(TRI-CARBON MONOXIDE) RHENIUM (I)' ? 'C17 H12 N2 O3 Re' 478.496 
SER 'L-peptide linking' y SERINE                                                    ? 'C3 H7 N O3'       105.093 
THR 'L-peptide linking' y THREONINE                                                 ? 'C4 H9 N O3'       119.119 
TRP 'L-peptide linking' y TRYPTOPHAN                                                ? 'C11 H12 N2 O2'    204.225 
TYR 'L-peptide linking' y TYROSINE                                                  ? 'C9 H11 N O3'      181.189 
VAL 'L-peptide linking' y VALINE                                                    ? 'C5 H11 N O2'      117.146 
# 
loop_
_pdbx_poly_seq_scheme.asym_id 
_pdbx_poly_seq_scheme.entity_id 
_pdbx_poly_seq_scheme.seq_id 
_pdbx_poly_seq_scheme.mon_id 
_pdbx_poly_seq_scheme.ndb_seq_num 
_pdbx_poly_seq_scheme.pdb_seq_num 
_pdbx_poly_seq_scheme.auth_seq_num 
_pdbx_poly_seq_scheme.pdb_mon_id 
_pdbx_poly_seq_scheme.auth_mon_id 
_pdbx_poly_seq_scheme.pdb_strand_id 
_pdbx_poly_seq_scheme.pdb_ins_code 
_pdbx_poly_seq_scheme.hetero 
A 1 1   ALA 1   1   1   ALA ALA A . n 
A 1 2   GLN 2   2   2   GLN GLN A . n 
A 1 3   CYS 3   3   3   CYS CYS A . n 
A 1 4   SER 4   4   4   SER SER A . n 
A 1 5   VAL 5   5   5   VAL VAL A . n 
A 1 6   ASP 6   6   6   ASP ASP A . n 
A 1 7   ILE 7   7   7   ILE ILE A . n 
A 1 8   GLN 8   8   8   GLN GLN A . n 
A 1 9   GLY 9   9   9   GLY GLY A . n 
A 1 10  ASN 10  10  10  ASN ASN A . n 
A 1 11  ASP 11  11  11  ASP ASP A . n 
A 1 12  GLN 12  12  12  GLN GLN A . n 
A 1 13  MET 13  13  13  MET MET A . n 
A 1 14  GLN 14  14  14  GLN GLN A . n 
A 1 15  PHE 15  15  15  PHE PHE A . n 
A 1 16  ASN 16  16  16  ASN ASN A . n 
A 1 17  THR 17  17  17  THR THR A . n 
A 1 18  ASN 18  18  18  ASN ASN A . n 
A 1 19  ALA 19  19  19  ALA ALA A . n 
A 1 20  ILE 20  20  20  ILE ILE A . n 
A 1 21  THR 21  21  21  THR THR A . n 
A 1 22  VAL 22  22  22  VAL VAL A . n 
A 1 23  ASP 23  23  23  ASP ASP A . n 
A 1 24  LYS 24  24  24  LYS LYS A . n 
A 1 25  SER 25  25  25  SER SER A . n 
A 1 26  CYS 26  26  26  CYS CYS A . n 
A 1 27  LYS 27  27  27  LYS LYS A . n 
A 1 28  GLN 28  28  28  GLN GLN A . n 
A 1 29  PHE 29  29  29  PHE PHE A . n 
A 1 30  THR 30  30  30  THR THR A . n 
A 1 31  VAL 31  31  31  VAL VAL A . n 
A 1 32  ASN 32  32  32  ASN ASN A . n 
A 1 33  LEU 33  33  33  LEU LEU A . n 
A 1 34  SER 34  34  34  SER SER A . n 
A 1 35  HIS 35  35  35  HIS HIS A . n 
A 1 36  PRO 36  36  36  PRO PRO A . n 
A 1 37  GLY 37  37  37  GLY GLY A . n 
A 1 38  ASN 38  38  38  ASN ASN A . n 
A 1 39  LEU 39  39  39  LEU LEU A . n 
A 1 40  PRO 40  40  40  PRO PRO A . n 
A 1 41  LYS 41  41  41  LYS LYS A . n 
A 1 42  ASN 42  42  42  ASN ASN A . n 
A 1 43  VAL 43  43  43  VAL VAL A . n 
A 1 44  MET 44  44  44  MET MET A . n 
A 1 45  GLY 45  45  45  GLY GLY A . n 
A 1 46  HIS 46  46  46  HIS HIS A . n 
A 1 47  ASN 47  47  47  ASN ASN A . n 
A 1 48  TRP 48  48  48  TRP TRP A . n 
A 1 49  VAL 49  49  49  VAL VAL A . n 
A 1 50  LEU 50  50  50  LEU LEU A . n 
A 1 51  SER 51  51  51  SER SER A . n 
A 1 52  THR 52  52  52  THR THR A . n 
A 1 53  ALA 53  53  53  ALA ALA A . n 
A 1 54  ALA 54  54  54  ALA ALA A . n 
A 1 55  ASP 55  55  55  ASP ASP A . n 
A 1 56  MET 56  56  56  MET MET A . n 
A 1 57  GLN 57  57  57  GLN GLN A . n 
A 1 58  GLY 58  58  58  GLY GLY A . n 
A 1 59  VAL 59  59  59  VAL VAL A . n 
A 1 60  VAL 60  60  60  VAL VAL A . n 
A 1 61  THR 61  61  61  THR THR A . n 
A 1 62  ASP 62  62  62  ASP ASP A . n 
A 1 63  GLY 63  63  63  GLY GLY A . n 
A 1 64  MET 64  64  64  MET MET A . n 
A 1 65  ALA 65  65  65  ALA ALA A . n 
A 1 66  SER 66  66  66  SER SER A . n 
A 1 67  GLY 67  67  67  GLY GLY A . n 
A 1 68  LEU 68  68  68  LEU LEU A . n 
A 1 69  ASP 69  69  69  ASP ASP A . n 
A 1 70  LYS 70  70  70  LYS LYS A . n 
A 1 71  ASP 71  71  71  ASP ASP A . n 
A 1 72  TYR 72  72  72  TYR TYR A . n 
A 1 73  LEU 73  73  73  LEU LEU A . n 
A 1 74  LYS 74  74  74  LYS LYS A . n 
A 1 75  PRO 75  75  75  PRO PRO A . n 
A 1 76  ASP 76  76  76  ASP ASP A . n 
A 1 77  ASP 77  77  77  ASP ASP A . n 
A 1 78  SER 78  78  78  SER SER A . n 
A 1 79  ARG 79  79  79  ARG ARG A . n 
A 1 80  VAL 80  80  80  VAL VAL A . n 
A 1 81  ILE 81  81  81  ILE ILE A . n 
A 1 82  ALA 82  82  82  ALA ALA A . n 
A 1 83  GLN 83  83  83  GLN GLN A . n 
A 1 84  THR 84  84  84  THR THR A . n 
A 1 85  LYS 85  85  85  LYS LYS A . n 
A 1 86  LEU 86  86  86  LEU LEU A . n 
A 1 87  ILE 87  87  87  ILE ILE A . n 
A 1 88  GLY 88  88  88  GLY GLY A . n 
A 1 89  SER 89  89  89  SER SER A . n 
A 1 90  GLY 90  90  90  GLY GLY A . n 
A 1 91  GLU 91  91  91  GLU GLU A . n 
A 1 92  LYS 92  92  92  LYS LYS A . n 
A 1 93  ASP 93  93  93  ASP ASP A . n 
A 1 94  SER 94  94  94  SER SER A . n 
A 1 95  VAL 95  95  95  VAL VAL A . n 
A 1 96  THR 96  96  96  THR THR A . n 
A 1 97  PHE 97  97  97  PHE PHE A . n 
A 1 98  ASP 98  98  98  ASP ASP A . n 
A 1 99  VAL 99  99  99  VAL VAL A . n 
A 1 100 SER 100 100 100 SER SER A . n 
A 1 101 LYS 101 101 101 LYS LYS A . n 
A 1 102 LEU 102 102 102 LEU LEU A . n 
A 1 103 LYS 103 103 103 LYS LYS A . n 
A 1 104 GLU 104 104 104 GLU GLU A . n 
A 1 105 GLY 105 105 105 GLY GLY A . n 
A 1 106 GLU 106 106 106 GLU GLU A . n 
A 1 107 GLN 107 107 107 GLN GLN A . n 
A 1 108 TYR 108 108 108 TYR TYR A . n 
A 1 109 MET 109 109 109 MET MET A . n 
A 1 110 PHE 110 110 110 PHE PHE A . n 
A 1 111 PHE 111 111 111 PHE PHE A . n 
A 1 112 CYS 112 112 112 CYS CYS A . n 
A 1 113 THR 113 113 113 THR THR A . n 
A 1 114 PHE 114 114 114 PHE PHE A . n 
A 1 115 PRO 115 115 115 PRO PRO A . n 
A 1 116 GLY 116 116 116 GLY GLY A . n 
A 1 117 HIS 117 117 117 HIS HIS A . n 
A 1 118 SER 118 118 118 SER SER A . n 
A 1 119 ALA 119 119 119 ALA ALA A . n 
A 1 120 LEU 120 120 120 LEU LEU A . n 
A 1 121 MET 121 121 121 MET MET A . n 
A 1 122 TRP 122 122 122 TRP TRP A . n 
A 1 123 GLY 123 123 123 GLY GLY A . n 
A 1 124 HIS 124 124 124 HIS HIS A . n 
A 1 125 LEU 125 125 125 LEU LEU A . n 
A 1 126 THR 126 126 126 THR THR A . n 
A 1 127 LEU 127 127 127 LEU LEU A . n 
A 1 128 LYS 128 128 128 LYS LYS A . n 
# 
loop_
_pdbx_nonpoly_scheme.asym_id 
_pdbx_nonpoly_scheme.entity_id 
_pdbx_nonpoly_scheme.mon_id 
_pdbx_nonpoly_scheme.ndb_seq_num 
_pdbx_nonpoly_scheme.pdb_seq_num 
_pdbx_nonpoly_scheme.auth_seq_num 
_pdbx_nonpoly_scheme.pdb_mon_id 
_pdbx_nonpoly_scheme.auth_mon_id 
_pdbx_nonpoly_scheme.pdb_strand_id 
_pdbx_nonpoly_scheme.pdb_ins_code 
B 2 CU  1  901  901  CU  CU  A . 
C 3 REQ 1  801  801  REQ REQ A . 
D 4 HOH 1  5000 5000 HOH WAT A . 
D 4 HOH 2  5001 5001 HOH WAT A . 
D 4 HOH 3  5002 5002 HOH WAT A . 
D 4 HOH 4  5003 5003 HOH WAT A . 
D 4 HOH 5  5004 5004 HOH WAT A . 
D 4 HOH 6  5005 5005 HOH WAT A . 
D 4 HOH 7  5006 5006 HOH WAT A . 
D 4 HOH 8  5007 5007 HOH WAT A . 
D 4 HOH 9  5008 5008 HOH WAT A . 
D 4 HOH 10 5009 5009 HOH WAT A . 
D 4 HOH 11 5010 5010 HOH WAT A . 
D 4 HOH 12 5011 5011 HOH WAT A . 
D 4 HOH 13 5012 5012 HOH WAT A . 
D 4 HOH 14 5013 5013 HOH WAT A . 
D 4 HOH 15 5014 5014 HOH WAT A . 
D 4 HOH 16 5015 5015 HOH WAT A . 
D 4 HOH 17 5016 5016 HOH WAT A . 
D 4 HOH 18 5017 5017 HOH WAT A . 
D 4 HOH 19 5018 5018 HOH WAT A . 
D 4 HOH 20 5019 5019 HOH WAT A . 
D 4 HOH 21 5020 5020 HOH WAT A . 
D 4 HOH 22 5021 5021 HOH WAT A . 
D 4 HOH 23 5022 5022 HOH WAT A . 
D 4 HOH 24 5023 5023 HOH WAT A . 
D 4 HOH 25 5024 5024 HOH WAT A . 
D 4 HOH 26 5025 5025 HOH WAT A . 
D 4 HOH 27 5026 5026 HOH WAT A . 
D 4 HOH 28 5027 5027 HOH WAT A . 
D 4 HOH 29 5028 5028 HOH WAT A . 
D 4 HOH 30 5029 5029 HOH WAT A . 
D 4 HOH 31 5030 5030 HOH WAT A . 
D 4 HOH 32 5031 5031 HOH WAT A . 
D 4 HOH 33 5032 5032 HOH WAT A . 
D 4 HOH 34 5033 5033 HOH WAT A . 
D 4 HOH 35 5034 5034 HOH WAT A . 
D 4 HOH 36 5035 5035 HOH WAT A . 
D 4 HOH 37 5036 5036 HOH WAT A . 
D 4 HOH 38 5037 5037 HOH WAT A . 
D 4 HOH 39 5038 5038 HOH WAT A . 
D 4 HOH 40 5039 5039 HOH WAT A . 
D 4 HOH 41 5040 5040 HOH WAT A . 
D 4 HOH 42 5041 5041 HOH WAT A . 
D 4 HOH 43 5042 5042 HOH WAT A . 
D 4 HOH 44 5043 5043 HOH WAT A . 
D 4 HOH 45 5044 5044 HOH WAT A . 
D 4 HOH 46 5045 5045 HOH WAT A . 
D 4 HOH 47 5046 5046 HOH WAT A . 
D 4 HOH 48 5047 5047 HOH WAT A . 
D 4 HOH 49 5048 5048 HOH WAT A . 
D 4 HOH 50 5049 5049 HOH WAT A . 
D 4 HOH 51 5050 5050 HOH WAT A . 
D 4 HOH 52 5051 5051 HOH WAT A . 
D 4 HOH 53 5052 5052 HOH WAT A . 
D 4 HOH 54 5053 5053 HOH WAT A . 
D 4 HOH 55 5054 5054 HOH WAT A . 
D 4 HOH 56 5055 5055 HOH WAT A . 
D 4 HOH 57 5056 5056 HOH WAT A . 
D 4 HOH 58 5057 5057 HOH WAT A . 
D 4 HOH 59 5058 5058 HOH WAT A . 
D 4 HOH 60 5059 5059 HOH WAT A . 
D 4 HOH 61 5060 5060 HOH WAT A . 
D 4 HOH 62 5061 5061 HOH WAT A . 
D 4 HOH 63 5062 5062 HOH WAT A . 
D 4 HOH 64 5063 5063 HOH WAT A . 
D 4 HOH 65 5064 5064 HOH WAT A . 
# 
loop_
_software.name 
_software.version 
_software.date 
_software.type 
_software.contact_author 
_software.contact_author_email 
_software.classification 
_software.location 
_software.language 
_software.citation_id 
_software.pdbx_ordinal 
CNS         .       ?                package 'Axel T. Brunger' axel.brunger@yale.edu    refinement        
http://cns.csb.yale.edu/v1.1/    Fortran_77 ? 1 
PDB_EXTRACT 2.000   'April. 3, 2006' package PDB               sw-help@rcsb.rutgers.edu 'data extraction' 
http://pdb.rutgers.edu/software/ C++        ? 2 
ADSC        Quantum ?                ?       ?                 ?                        'data collection' ? ?          ? 3 
HKL-2000    .       ?                ?       ?                 ?                        'data reduction'  ? ?          ? 4 
HKL-2000    .       ?                ?       ?                 ?                        'data scaling'    ? ?          ? 5 
AMoRE       .       ?                ?       ?                 ?                        phasing           ? ?          ? 6 
# 
_cell.length_a           63.223 
_cell.length_b           69.075 
_cell.length_c           68.944 
_cell.angle_alpha        90.000 
_cell.angle_beta         90.000 
_cell.angle_gamma        90.000 
_cell.entry_id           2I7O 
_cell.pdbx_unique_axis   ? 
_cell.Z_PDB              8 
_cell.length_a_esd       ? 
_cell.length_b_esd       ? 
_cell.length_c_esd       ? 
_cell.angle_alpha_esd    ? 
_cell.angle_beta_esd     ? 
_cell.angle_gamma_esd    ? 
# 
_symmetry.space_group_name_H-M             'I 2 2 2' 
_symmetry.entry_id                         2I7O 
_symmetry.pdbx_full_space_group_name_H-M   ? 
_symmetry.Int_Tables_number                23 
_symmetry.cell_setting                     ? 
_symmetry.space_group_name_Hall            ? 
# 
_exptl.crystals_number   1 
_exptl.entry_id          2I7O 
_exptl.method            'X-RAY DIFFRACTION' 
# 
_exptl_crystal.id                    1 
_exptl_crystal.density_Matthews      2.68 
_exptl_crystal.density_meas          ? 
_exptl_crystal.density_percent_sol   54.09 
_exptl_crystal.description           ? 
_exptl_crystal.F_000                 ? 
_exptl_crystal.preparation           ? 
# 
_exptl_crystal_grow.crystal_id      1 
_exptl_crystal_grow.method          'VAPOR DIFFUSION, HANGING DROP' 
_exptl_crystal_grow.pH              3.2 
_exptl_crystal_grow.temp            298.0 
_exptl_crystal_grow.temp_details    ? 
_exptl_crystal_grow.pdbx_details    
'20-24% PEG 4000, 100 mM LiNO3, 100 mM citric acid, pH 3.2, VAPOR DIFFUSION, HANGING DROP, temperature 298.0K' 
_exptl_crystal_grow.pdbx_pH_range   . 
# 
_diffrn.id                     1 
_diffrn.ambient_temp           77.0 
_diffrn.ambient_temp_details   ? 
_diffrn.crystal_id             1 
# 
_diffrn_detector.diffrn_id              1 
_diffrn_detector.detector               CCD 
_diffrn_detector.type                   'ADSC QUANTUM 210' 
_diffrn_detector.pdbx_collection_date   2006-05-23 
_diffrn_detector.details                ? 
# 
_diffrn_radiation.diffrn_id                        1 
_diffrn_radiation.wavelength_id                    1 
_diffrn_radiation.pdbx_diffrn_protocol             'SINGLE WAVELENGTH' 
_diffrn_radiation.monochromator                    'Si 111 CHANNEL' 
_diffrn_radiation.pdbx_monochromatic_or_laue_m_l   M 
_diffrn_radiation.pdbx_scattering_type             x-ray 
# 
_diffrn_radiation_wavelength.id           1 
_diffrn_radiation_wavelength.wavelength   0.972 
_diffrn_radiation_wavelength.wt           1.0 
# 
_diffrn_source.diffrn_id                   1 
_diffrn_source.source                      SYNCHROTRON 
_diffrn_source.type                        'CHESS BEAMLINE A1' 
_diffrn_source.pdbx_wavelength             ? 
_diffrn_source.pdbx_wavelength_list        0.972 
_diffrn_source.pdbx_synchrotron_site       CHESS 
_diffrn_source.pdbx_synchrotron_beamline   A1 
# 
_reflns.entry_id                     2I7O 
_reflns.observed_criterion_sigma_F   2.0 
_reflns.observed_criterion_sigma_I   2.0 
_reflns.d_resolution_high            1.5 
_reflns.d_resolution_low             50.0 
_reflns.number_all                   24417 
_reflns.number_obs                   344927 
_reflns.percent_possible_obs         99.6 
_reflns.pdbx_Rmerge_I_obs            0.236 
_reflns.pdbx_Rsym_value              0.082 
_reflns.pdbx_netI_over_sigmaI        34.4 
_reflns.B_iso_Wilson_estimate        17.2 
_reflns.pdbx_redundancy              13.5 
_reflns.R_free_details               ? 
_reflns.limit_h_max                  ? 
_reflns.limit_h_min                  ? 
_reflns.limit_k_max                  ? 
_reflns.limit_k_min                  ? 
_reflns.limit_l_max                  ? 
_reflns.limit_l_min                  ? 
_reflns.observed_criterion_F_max     ? 
_reflns.observed_criterion_F_min     ? 
_reflns.pdbx_chi_squared             ? 
_reflns.pdbx_scaling_rejects         ? 
_reflns.pdbx_ordinal                 1 
_reflns.pdbx_diffrn_id               1 
# 
_refine.entry_id                                 2I7O 
_refine.ls_d_res_high                            1.500 
_refine.ls_d_res_low                             20.000 
_refine.pdbx_ls_sigma_F                          0.00 
_refine.ls_percent_reflns_obs                    96.900 
_refine.ls_number_reflns_obs                     23751 
_refine.ls_R_factor_R_work                       0.236 
_refine.ls_R_factor_R_free                       0.255 
_refine.ls_percent_reflns_R_free                 4.600 
_refine.ls_number_reflns_R_free                  1134 
_refine.B_iso_mean                               22.961 
_refine.solvent_model_param_bsol                 34.250 
_refine.aniso_B[1][1]                            3.644 
_refine.aniso_B[2][2]                            -7.757 
_refine.aniso_B[3][3]                            4.113 
_refine.aniso_B[1][2]                            0.000 
_refine.aniso_B[1][3]                            0.000 
_refine.aniso_B[2][3]                            0.000 
_refine.pdbx_ls_sigma_I                          ? 
_refine.ls_number_reflns_all                     ? 
_refine.ls_R_factor_all                          ? 
_refine.ls_R_factor_obs                          ? 
_refine.ls_redundancy_reflns_obs                 ? 
_refine.pdbx_data_cutoff_high_absF               ? 
_refine.pdbx_data_cutoff_low_absF                ? 
_refine.ls_number_parameters                     ? 
_refine.ls_number_restraints                     ? 
_refine.ls_R_factor_R_free_error                 ? 
_refine.ls_R_factor_R_free_error_details         ? 
_refine.pdbx_method_to_determine_struct          'MOLECULAR REPLACEMENT' 
_refine.pdbx_starting_model                      ? 
_refine.pdbx_ls_cross_valid_method               ? 
_refine.pdbx_R_Free_selection_details            ? 
_refine.pdbx_stereochem_target_val_spec_case     ? 
_refine.pdbx_stereochemistry_target_values       ? 
_refine.solvent_model_details                    ? 
_refine.solvent_model_param_ksol                 ? 
_refine.occupancy_max                            ? 
_refine.occupancy_min                            ? 
_refine.pdbx_isotropic_thermal_model             ? 
_refine.details                                  ? 
_refine.B_iso_min                                ? 
_refine.B_iso_max                                ? 
_refine.correlation_coeff_Fo_to_Fc               ? 
_refine.correlation_coeff_Fo_to_Fc_free          ? 
_refine.pdbx_solvent_vdw_probe_radii             ? 
_refine.pdbx_solvent_ion_probe_radii             ? 
_refine.pdbx_solvent_shrinkage_radii             ? 
_refine.overall_SU_R_Cruickshank_DPI             ? 
_refine.overall_SU_R_free                        ? 
_refine.overall_SU_ML                            ? 
_refine.overall_SU_B                             ? 
_refine.pdbx_overall_ESU_R_Free                  ? 
_refine.pdbx_data_cutoff_high_rms_absF           ? 
_refine.pdbx_overall_ESU_R                       ? 
_refine.ls_wR_factor_R_free                      ? 
_refine.ls_wR_factor_R_work                      ? 
_refine.overall_FOM_free_R_set                   ? 
_refine.overall_FOM_work_R_set                   ? 
_refine.pdbx_refine_id                           'X-RAY DIFFRACTION' 
_refine.pdbx_diffrn_id                           1 
_refine.pdbx_TLS_residual_ADP_flag               ? 
_refine.pdbx_overall_phase_error                 ? 
_refine.pdbx_overall_SU_R_free_Cruickshank_DPI   ? 
_refine.pdbx_overall_SU_R_Blow_DPI               ? 
_refine.pdbx_overall_SU_R_free_Blow_DPI          ? 
# 
_refine_hist.pdbx_refine_id                   'X-RAY DIFFRACTION' 
_refine_hist.cycle_id                         LAST 
_refine_hist.pdbx_number_atoms_protein        980 
_refine_hist.pdbx_number_atoms_nucleic_acid   0 
_refine_hist.pdbx_number_atoms_ligand         24 
_refine_hist.number_atoms_solvent             65 
_refine_hist.number_atoms_total               1069 
_refine_hist.d_res_high                       1.500 
_refine_hist.d_res_low                        20.000 
# 
loop_
_refine_ls_restr.type 
_refine_ls_restr.number 
_refine_ls_restr.dev_ideal 
_refine_ls_restr.dev_ideal_target 
_refine_ls_restr.weight 
_refine_ls_restr.pdbx_refine_id 
_refine_ls_restr.pdbx_restraint_function 
c_mcbond_it  ? 1.261 1.500 ? 'X-RAY DIFFRACTION' ? 
c_scbond_it  ? 2.029 2.000 ? 'X-RAY DIFFRACTION' ? 
c_mcangle_it ? 2.174 2.000 ? 'X-RAY DIFFRACTION' ? 
c_scangle_it ? 3.191 2.500 ? 'X-RAY DIFFRACTION' ? 
# 
loop_
_pdbx_xplor_file.serial_no 
_pdbx_xplor_file.param_file 
_pdbx_xplor_file.topol_file 
_pdbx_xplor_file.pdbx_refine_id 
1 protein.param ? 'X-RAY DIFFRACTION' 
2 rephen.par    ? 'X-RAY DIFFRACTION' 
3 water.param   ? 'X-RAY DIFFRACTION' 
4 ion.param     ? 'X-RAY DIFFRACTION' 
5 param19x.heme ? 'X-RAY DIFFRACTION' 
# 
_struct.entry_id                  2I7O 
_struct.title                     
'Structure of Re(4,7-dimethyl-phen)(Thr124His)(Lys122Trp)(His83Gln)AzCu(II), a Rhenium modified Azurin mutant' 
_struct.pdbx_model_details        ? 
_struct.pdbx_CASP_flag            ? 
_struct.pdbx_model_type_details   ? 
# 
_struct_keywords.entry_id        2I7O 
_struct_keywords.pdbx_keywords   'ELECTRON TRANSPORT' 
_struct_keywords.text            'Azurin, Rhenium, Elecron Transfer, Tryptophan, ELECTRON TRANSPORT' 
# 
loop_
_struct_asym.id 
_struct_asym.pdbx_blank_PDB_chainid_flag 
_struct_asym.pdbx_modified 
_struct_asym.entity_id 
_struct_asym.details 
A N N 1 ? 
B N N 2 ? 
C N N 3 ? 
D N N 4 ? 
# 
_struct_ref.id                         1 
_struct_ref.db_name                    UNP 
_struct_ref.db_code                    AZUR_PSEAE 
_struct_ref.pdbx_db_accession          P00282 
_struct_ref.entity_id                  1 
_struct_ref.pdbx_seq_one_letter_code   
;AECSVDIQGNDQMQFNTNAITVDKSCKQFTVNLSHPGNLPKNVMGHNWVLSTAADMQGVVTDGMASGLDKDYLKPDDSRV
IAHTKLIGSGEKDSVTFDVSKLKEGEQYMFFCTFPGHSALMKGTLTLK
;
_struct_ref.pdbx_align_begin           21 
_struct_ref.pdbx_db_isoform            ? 
# 
_struct_ref_seq.align_id                      1 
_struct_ref_seq.ref_id                        1 
_struct_ref_seq.pdbx_PDB_id_code              2I7O 
_struct_ref_seq.pdbx_strand_id                A 
_struct_ref_seq.seq_align_beg                 1 
_struct_ref_seq.pdbx_seq_align_beg_ins_code   ? 
_struct_ref_seq.seq_align_end                 128 
_struct_ref_seq.pdbx_seq_align_end_ins_code   ? 
_struct_ref_seq.pdbx_db_accession             P00282 
_struct_ref_seq.db_align_beg                  21 
_struct_ref_seq.pdbx_db_align_beg_ins_code    ? 
_struct_ref_seq.db_align_end                  148 
_struct_ref_seq.pdbx_db_align_end_ins_code    ? 
_struct_ref_seq.pdbx_auth_seq_align_beg       1 
_struct_ref_seq.pdbx_auth_seq_align_end       128 
# 
loop_
_struct_ref_seq_dif.align_id 
_struct_ref_seq_dif.pdbx_pdb_id_code 
_struct_ref_seq_dif.mon_id 
_struct_ref_seq_dif.pdbx_pdb_strand_id 
_struct_ref_seq_dif.seq_num 
_struct_ref_seq_dif.pdbx_pdb_ins_code 
_struct_ref_seq_dif.pdbx_seq_db_name 
_struct_ref_seq_dif.pdbx_seq_db_accession_code 
_struct_ref_seq_dif.db_mon_id 
_struct_ref_seq_dif.pdbx_seq_db_seq_num 
_struct_ref_seq_dif.details 
_struct_ref_seq_dif.pdbx_auth_seq_num 
_struct_ref_seq_dif.pdbx_ordinal 
1 2I7O GLN A 2   ? UNP P00282 GLU 22  conflict              2   1 
1 2I7O GLN A 83  ? UNP P00282 HIS 103 'engineered mutation' 83  2 
1 2I7O TRP A 122 ? UNP P00282 LYS 142 'engineered mutation' 122 3 
1 2I7O HIS A 124 ? UNP P00282 THR 144 'engineered mutation' 124 4 
# 
_pdbx_struct_assembly.id                   1 
_pdbx_struct_assembly.details              author_defined_assembly 
_pdbx_struct_assembly.method_details       ? 
_pdbx_struct_assembly.oligomeric_details   monomeric 
_pdbx_struct_assembly.oligomeric_count     1 
# 
_pdbx_struct_assembly_gen.assembly_id       1 
_pdbx_struct_assembly_gen.oper_expression   1 
_pdbx_struct_assembly_gen.asym_id_list      A,B,C,D 
# 
_pdbx_struct_oper_list.id                   1 
_pdbx_struct_oper_list.type                 'identity operation' 
_pdbx_struct_oper_list.name                 1_555 
_pdbx_struct_oper_list.symmetry_operation   x,y,z 
_pdbx_struct_oper_list.matrix[1][1]         1.0000000000 
_pdbx_struct_oper_list.matrix[1][2]         0.0000000000 
_pdbx_struct_oper_list.matrix[1][3]         0.0000000000 
_pdbx_struct_oper_list.vector[1]            0.0000000000 
_pdbx_struct_oper_list.matrix[2][1]         0.0000000000 
_pdbx_struct_oper_list.matrix[2][2]         1.0000000000 
_pdbx_struct_oper_list.matrix[2][3]         0.0000000000 
_pdbx_struct_oper_list.vector[2]            0.0000000000 
_pdbx_struct_oper_list.matrix[3][1]         0.0000000000 
_pdbx_struct_oper_list.matrix[3][2]         0.0000000000 
_pdbx_struct_oper_list.matrix[3][3]         1.0000000000 
_pdbx_struct_oper_list.vector[3]            0.0000000000 
# 
_struct_biol.id   1 
# 
loop_
_struct_conf.conf_type_id 
_struct_conf.id 
_struct_conf.pdbx_PDB_helix_id 
_struct_conf.beg_label_comp_id 
_struct_conf.beg_label_asym_id 
_struct_conf.beg_label_seq_id 
_struct_conf.pdbx_beg_PDB_ins_code 
_struct_conf.end_label_comp_id 
_struct_conf.end_label_asym_id 
_struct_conf.end_label_seq_id 
_struct_conf.pdbx_end_PDB_ins_code 
_struct_conf.beg_auth_comp_id 
_struct_conf.beg_auth_asym_id 
_struct_conf.beg_auth_seq_id 
_struct_conf.end_auth_comp_id 
_struct_conf.end_auth_asym_id 
_struct_conf.end_auth_seq_id 
_struct_conf.pdbx_PDB_helix_class 
_struct_conf.details 
_struct_conf.pdbx_PDB_helix_length 
HELX_P HELX_P1 1 PRO A 40  ? GLY A 45  ? PRO A 40  GLY A 45  1 ? 6  
HELX_P HELX_P2 2 ASP A 55  ? GLY A 67  ? ASP A 55  GLY A 67  1 ? 13 
HELX_P HELX_P3 3 LEU A 68  ? ASP A 71  ? LEU A 68  ASP A 71  5 ? 4  
HELX_P HELX_P4 4 SER A 100 ? LEU A 102 ? SER A 100 LEU A 102 5 ? 3  
HELX_P HELX_P5 5 GLY A 116 ? LEU A 120 ? GLY A 116 LEU A 120 5 ? 5  
# 
_struct_conf_type.id          HELX_P 
_struct_conf_type.criteria    ? 
_struct_conf_type.reference   ? 
# 
loop_
_struct_conn.id 
_struct_conn.conn_type_id 
_struct_conn.pdbx_leaving_atom_flag 
_struct_conn.pdbx_PDB_id 
_struct_conn.ptnr1_label_asym_id 
_struct_conn.ptnr1_label_comp_id 
_struct_conn.ptnr1_label_seq_id 
_struct_conn.ptnr1_label_atom_id 
_struct_conn.pdbx_ptnr1_label_alt_id 
_struct_conn.pdbx_ptnr1_PDB_ins_code 
_struct_conn.pdbx_ptnr1_standard_comp_id 
_struct_conn.ptnr1_symmetry 
_struct_conn.ptnr2_label_asym_id 
_struct_conn.ptnr2_label_comp_id 
_struct_conn.ptnr2_label_seq_id 
_struct_conn.ptnr2_label_atom_id 
_struct_conn.pdbx_ptnr2_label_alt_id 
_struct_conn.pdbx_ptnr2_PDB_ins_code 
_struct_conn.ptnr1_auth_asym_id 
_struct_conn.ptnr1_auth_comp_id 
_struct_conn.ptnr1_auth_seq_id 
_struct_conn.ptnr2_auth_asym_id 
_struct_conn.ptnr2_auth_comp_id 
_struct_conn.ptnr2_auth_seq_id 
_struct_conn.ptnr2_symmetry 
_struct_conn.pdbx_ptnr3_label_atom_id 
_struct_conn.pdbx_ptnr3_label_seq_id 
_struct_conn.pdbx_ptnr3_label_comp_id 
_struct_conn.pdbx_ptnr3_label_asym_id 
_struct_conn.pdbx_ptnr3_label_alt_id 
_struct_conn.pdbx_ptnr3_PDB_ins_code 
_struct_conn.details 
_struct_conn.pdbx_dist_value 
_struct_conn.pdbx_value_order 
_struct_conn.pdbx_role 
disulf1 disulf ? ? A CYS 3   SG  ? ? ? 1_555 A CYS 26 SG ? ? A CYS 3   A CYS 26  1_555 ? ? ? ? ? ? ? 2.479 ? ? 
metalc1 metalc ? ? A HIS 46  ND1 ? ? ? 1_555 B CU  .  CU ? ? A HIS 46  A CU  901 1_555 ? ? ? ? ? ? ? 2.032 ? ? 
metalc2 metalc ? ? A CYS 112 SG  ? ? ? 1_555 B CU  .  CU ? ? A CYS 112 A CU  901 1_555 ? ? ? ? ? ? ? 2.183 ? ? 
metalc3 metalc ? ? A HIS 117 ND1 ? ? ? 1_555 B CU  .  CU ? ? A HIS 117 A CU  901 1_555 ? ? ? ? ? ? ? 2.041 ? ? 
metalc4 metalc ? ? A HIS 124 NE2 ? ? ? 1_555 C REQ .  RE ? ? A HIS 124 A REQ 801 1_555 ? ? ? ? ? ? ? 2.187 ? ? 
# 
loop_
_struct_conn_type.id 
_struct_conn_type.criteria 
_struct_conn_type.reference 
disulf ? ? 
metalc ? ? 
# 
loop_
_pdbx_struct_conn_angle.id 
_pdbx_struct_conn_angle.ptnr1_label_atom_id 
_pdbx_struct_conn_angle.ptnr1_label_alt_id 
_pdbx_struct_conn_angle.ptnr1_label_asym_id 
_pdbx_struct_conn_angle.ptnr1_label_comp_id 
_pdbx_struct_conn_angle.ptnr1_label_seq_id 
_pdbx_struct_conn_angle.ptnr1_auth_atom_id 
_pdbx_struct_conn_angle.ptnr1_auth_asym_id 
_pdbx_struct_conn_angle.ptnr1_auth_comp_id 
_pdbx_struct_conn_angle.ptnr1_auth_seq_id 
_pdbx_struct_conn_angle.ptnr1_PDB_ins_code 
_pdbx_struct_conn_angle.ptnr1_symmetry 
_pdbx_struct_conn_angle.ptnr2_label_atom_id 
_pdbx_struct_conn_angle.ptnr2_label_alt_id 
_pdbx_struct_conn_angle.ptnr2_label_asym_id 
_pdbx_struct_conn_angle.ptnr2_label_comp_id 
_pdbx_struct_conn_angle.ptnr2_label_seq_id 
_pdbx_struct_conn_angle.ptnr2_auth_atom_id 
_pdbx_struct_conn_angle.ptnr2_auth_asym_id 
_pdbx_struct_conn_angle.ptnr2_auth_comp_id 
_pdbx_struct_conn_angle.ptnr2_auth_seq_id 
_pdbx_struct_conn_angle.ptnr2_PDB_ins_code 
_pdbx_struct_conn_angle.ptnr2_symmetry 
_pdbx_struct_conn_angle.ptnr3_label_atom_id 
_pdbx_struct_conn_angle.ptnr3_label_alt_id 
_pdbx_struct_conn_angle.ptnr3_label_asym_id 
_pdbx_struct_conn_angle.ptnr3_label_comp_id 
_pdbx_struct_conn_angle.ptnr3_label_seq_id 
_pdbx_struct_conn_angle.ptnr3_auth_atom_id 
_pdbx_struct_conn_angle.ptnr3_auth_asym_id 
_pdbx_struct_conn_angle.ptnr3_auth_comp_id 
_pdbx_struct_conn_angle.ptnr3_auth_seq_id 
_pdbx_struct_conn_angle.ptnr3_PDB_ins_code 
_pdbx_struct_conn_angle.ptnr3_symmetry 
_pdbx_struct_conn_angle.value 
_pdbx_struct_conn_angle.value_esd 
1  ND1 ? A HIS 46  ? A HIS 46  ? 1_555 CU ? B CU  . ? A CU  901 ? 1_555 SG  ? A CYS 112 ? A CYS 112 ? 1_555 133.9 ? 
2  ND1 ? A HIS 46  ? A HIS 46  ? 1_555 CU ? B CU  . ? A CU  901 ? 1_555 ND1 ? A HIS 117 ? A HIS 117 ? 1_555 104.7 ? 
3  SG  ? A CYS 112 ? A CYS 112 ? 1_555 CU ? B CU  . ? A CU  901 ? 1_555 ND1 ? A HIS 117 ? A HIS 117 ? 1_555 120.6 ? 
4  NE2 ? A HIS 124 ? A HIS 124 ? 1_555 RE ? C REQ . ? A REQ 801 ? 1_555 C3  ? C REQ .   ? A REQ 801 ? 1_555 94.5  ? 
5  NE2 ? A HIS 124 ? A HIS 124 ? 1_555 RE ? C REQ . ? A REQ 801 ? 1_555 C1  ? C REQ .   ? A REQ 801 ? 1_555 179.0 ? 
6  C3  ? C REQ .   ? A REQ 801 ? 1_555 RE ? C REQ . ? A REQ 801 ? 1_555 C1  ? C REQ .   ? A REQ 801 ? 1_555 86.6  ? 
7  NE2 ? A HIS 124 ? A HIS 124 ? 1_555 RE ? C REQ . ? A REQ 801 ? 1_555 C2  ? C REQ .   ? A REQ 801 ? 1_555 90.0  ? 
8  C3  ? C REQ .   ? A REQ 801 ? 1_555 RE ? C REQ . ? A REQ 801 ? 1_555 C2  ? C REQ .   ? A REQ 801 ? 1_555 86.5  ? 
9  C1  ? C REQ .   ? A REQ 801 ? 1_555 RE ? C REQ . ? A REQ 801 ? 1_555 C2  ? C REQ .   ? A REQ 801 ? 1_555 90.1  ? 
10 NE2 ? A HIS 124 ? A HIS 124 ? 1_555 RE ? C REQ . ? A REQ 801 ? 1_555 N1  ? C REQ .   ? A REQ 801 ? 1_555 82.6  ? 
11 C3  ? C REQ .   ? A REQ 801 ? 1_555 RE ? C REQ . ? A REQ 801 ? 1_555 N1  ? C REQ .   ? A REQ 801 ? 1_555 98.7  ? 
12 C1  ? C REQ .   ? A REQ 801 ? 1_555 RE ? C REQ . ? A REQ 801 ? 1_555 N1  ? C REQ .   ? A REQ 801 ? 1_555 97.2  ? 
13 C2  ? C REQ .   ? A REQ 801 ? 1_555 RE ? C REQ . ? A REQ 801 ? 1_555 N1  ? C REQ .   ? A REQ 801 ? 1_555 171.2 ? 
14 NE2 ? A HIS 124 ? A HIS 124 ? 1_555 RE ? C REQ . ? A REQ 801 ? 1_555 N2  ? C REQ .   ? A REQ 801 ? 1_555 86.9  ? 
15 C3  ? C REQ .   ? A REQ 801 ? 1_555 RE ? C REQ . ? A REQ 801 ? 1_555 N2  ? C REQ .   ? A REQ 801 ? 1_555 176.0 ? 
16 C1  ? C REQ .   ? A REQ 801 ? 1_555 RE ? C REQ . ? A REQ 801 ? 1_555 N2  ? C REQ .   ? A REQ 801 ? 1_555 92.1  ? 
17 C2  ? C REQ .   ? A REQ 801 ? 1_555 RE ? C REQ . ? A REQ 801 ? 1_555 N2  ? C REQ .   ? A REQ 801 ? 1_555 97.3  ? 
18 N1  ? C REQ .   ? A REQ 801 ? 1_555 RE ? C REQ . ? A REQ 801 ? 1_555 N2  ? C REQ .   ? A REQ 801 ? 1_555 77.7  ? 
# 
_pdbx_modification_feature.ordinal                            1 
_pdbx_modification_feature.label_comp_id                      CYS 
_pdbx_modification_feature.label_asym_id                      A 
_pdbx_modification_feature.label_seq_id                       3 
_pdbx_modification_feature.label_alt_id                       ? 
_pdbx_modification_feature.modified_residue_label_comp_id     CYS 
_pdbx_modification_feature.modified_residue_label_asym_id     A 
_pdbx_modification_feature.modified_residue_label_seq_id      26 
_pdbx_modification_feature.modified_residue_label_alt_id      ? 
_pdbx_modification_feature.auth_comp_id                       CYS 
_pdbx_modification_feature.auth_asym_id                       A 
_pdbx_modification_feature.auth_seq_id                        3 
_pdbx_modification_feature.PDB_ins_code                       ? 
_pdbx_modification_feature.symmetry                           1_555 
_pdbx_modification_feature.modified_residue_auth_comp_id      CYS 
_pdbx_modification_feature.modified_residue_auth_asym_id      A 
_pdbx_modification_feature.modified_residue_auth_seq_id       26 
_pdbx_modification_feature.modified_residue_PDB_ins_code      ? 
_pdbx_modification_feature.modified_residue_symmetry          1_555 
_pdbx_modification_feature.comp_id_linking_atom               SG 
_pdbx_modification_feature.modified_residue_id_linking_atom   SG 
_pdbx_modification_feature.modified_residue_id                . 
_pdbx_modification_feature.ref_pcm_id                         . 
_pdbx_modification_feature.ref_comp_id                        . 
_pdbx_modification_feature.type                               None 
_pdbx_modification_feature.category                           'Disulfide bridge' 
# 
loop_
_struct_sheet.id 
_struct_sheet.type 
_struct_sheet.number_strands 
_struct_sheet.details 
A ? 3 ? 
B ? 5 ? 
# 
loop_
_struct_sheet_order.sheet_id 
_struct_sheet_order.range_id_1 
_struct_sheet_order.range_id_2 
_struct_sheet_order.offset 
_struct_sheet_order.sense 
A 1 2 ? parallel      
A 2 3 ? anti-parallel 
B 1 2 ? parallel      
B 2 3 ? anti-parallel 
B 3 4 ? anti-parallel 
B 4 5 ? anti-parallel 
# 
loop_
_struct_sheet_range.sheet_id 
_struct_sheet_range.id 
_struct_sheet_range.beg_label_comp_id 
_struct_sheet_range.beg_label_asym_id 
_struct_sheet_range.beg_label_seq_id 
_struct_sheet_range.pdbx_beg_PDB_ins_code 
_struct_sheet_range.end_label_comp_id 
_struct_sheet_range.end_label_asym_id 
_struct_sheet_range.end_label_seq_id 
_struct_sheet_range.pdbx_end_PDB_ins_code 
_struct_sheet_range.beg_auth_comp_id 
_struct_sheet_range.beg_auth_asym_id 
_struct_sheet_range.beg_auth_seq_id 
_struct_sheet_range.end_auth_comp_id 
_struct_sheet_range.end_auth_asym_id 
_struct_sheet_range.end_auth_seq_id 
A 1 SER A 4   ? GLN A 8   ? SER A 4   GLN A 8   
A 2 GLN A 28  ? SER A 34  ? GLN A 28  SER A 34  
A 3 LYS A 92  ? ASP A 98  ? LYS A 92  ASP A 98  
B 1 ALA A 19  ? ASP A 23  ? ALA A 19  ASP A 23  
B 2 TRP A 122 ? LYS A 128 ? TRP A 122 LYS A 128 
B 3 TYR A 108 ? PHE A 111 ? TYR A 108 PHE A 111 
B 4 VAL A 49  ? THR A 52  ? VAL A 49  THR A 52  
B 5 ALA A 82  ? GLN A 83  ? ALA A 82  GLN A 83  
# 
loop_
_pdbx_struct_sheet_hbond.sheet_id 
_pdbx_struct_sheet_hbond.range_id_1 
_pdbx_struct_sheet_hbond.range_id_2 
_pdbx_struct_sheet_hbond.range_1_label_atom_id 
_pdbx_struct_sheet_hbond.range_1_label_comp_id 
_pdbx_struct_sheet_hbond.range_1_label_asym_id 
_pdbx_struct_sheet_hbond.range_1_label_seq_id 
_pdbx_struct_sheet_hbond.range_1_PDB_ins_code 
_pdbx_struct_sheet_hbond.range_1_auth_atom_id 
_pdbx_struct_sheet_hbond.range_1_auth_comp_id 
_pdbx_struct_sheet_hbond.range_1_auth_asym_id 
_pdbx_struct_sheet_hbond.range_1_auth_seq_id 
_pdbx_struct_sheet_hbond.range_2_label_atom_id 
_pdbx_struct_sheet_hbond.range_2_label_comp_id 
_pdbx_struct_sheet_hbond.range_2_label_asym_id 
_pdbx_struct_sheet_hbond.range_2_label_seq_id 
_pdbx_struct_sheet_hbond.range_2_PDB_ins_code 
_pdbx_struct_sheet_hbond.range_2_auth_atom_id 
_pdbx_struct_sheet_hbond.range_2_auth_comp_id 
_pdbx_struct_sheet_hbond.range_2_auth_asym_id 
_pdbx_struct_sheet_hbond.range_2_auth_seq_id 
A 1 2 N VAL A 5   ? N VAL A 5   O ASN A 32  ? O ASN A 32  
A 2 3 N LEU A 33  ? N LEU A 33  O ASP A 93  ? O ASP A 93  
B 1 2 N VAL A 22  ? N VAL A 22  O LYS A 128 ? O LYS A 128 
B 2 3 O LEU A 125 ? O LEU A 125 N TYR A 108 ? N TYR A 108 
B 3 4 O MET A 109 ? O MET A 109 N SER A 51  ? N SER A 51  
B 4 5 N LEU A 50  ? N LEU A 50  O ALA A 82  ? O ALA A 82  
# 
loop_
_struct_site.id 
_struct_site.pdbx_evidence_code 
_struct_site.pdbx_auth_asym_id 
_struct_site.pdbx_auth_comp_id 
_struct_site.pdbx_auth_seq_id 
_struct_site.pdbx_auth_ins_code 
_struct_site.pdbx_num_residues 
_struct_site.details 
AC1 Software A CU  901 ? 5 'BINDING SITE FOR RESIDUE CU A 901'  
AC2 Software A REQ 801 ? 8 'BINDING SITE FOR RESIDUE REQ A 801' 
# 
loop_
_struct_site_gen.id 
_struct_site_gen.site_id 
_struct_site_gen.pdbx_num_res 
_struct_site_gen.label_comp_id 
_struct_site_gen.label_asym_id 
_struct_site_gen.label_seq_id 
_struct_site_gen.pdbx_auth_ins_code 
_struct_site_gen.auth_comp_id 
_struct_site_gen.auth_asym_id 
_struct_site_gen.auth_seq_id 
_struct_site_gen.label_atom_id 
_struct_site_gen.label_alt_id 
_struct_site_gen.symmetry 
_struct_site_gen.details 
1  AC1 5 GLY A 45  ? GLY A 45   . ? 1_555 ? 
2  AC1 5 HIS A 46  ? HIS A 46   . ? 1_555 ? 
3  AC1 5 CYS A 112 ? CYS A 112  . ? 1_555 ? 
4  AC1 5 HIS A 117 ? HIS A 117  . ? 1_555 ? 
5  AC1 5 MET A 121 ? MET A 121  . ? 1_555 ? 
6  AC2 8 ALA A 53  ? ALA A 53   . ? 4_555 ? 
7  AC2 8 ALA A 53  ? ALA A 53   . ? 1_555 ? 
8  AC2 8 GLN A 107 ? GLN A 107  . ? 1_555 ? 
9  AC2 8 MET A 109 ? MET A 109  . ? 1_555 ? 
10 AC2 8 MET A 109 ? MET A 109  . ? 4_555 ? 
11 AC2 8 TRP A 122 ? TRP A 122  . ? 1_555 ? 
12 AC2 8 HIS A 124 ? HIS A 124  . ? 1_555 ? 
13 AC2 8 HOH D .   ? HOH A 5005 . ? 4_555 ? 
# 
_pdbx_entry_details.entry_id                   2I7O 
_pdbx_entry_details.compound_details           ? 
_pdbx_entry_details.source_details             ? 
_pdbx_entry_details.nonpolymer_details         ? 
_pdbx_entry_details.sequence_details           ? 
_pdbx_entry_details.has_ligand_of_interest     ? 
_pdbx_entry_details.has_protein_modification   Y 
# 
_pdbx_validate_symm_contact.id                1 
_pdbx_validate_symm_contact.PDB_model_num     1 
_pdbx_validate_symm_contact.auth_atom_id_1    O 
_pdbx_validate_symm_contact.auth_asym_id_1    A 
_pdbx_validate_symm_contact.auth_comp_id_1    HOH 
_pdbx_validate_symm_contact.auth_seq_id_1     5062 
_pdbx_validate_symm_contact.PDB_ins_code_1    ? 
_pdbx_validate_symm_contact.label_alt_id_1    ? 
_pdbx_validate_symm_contact.site_symmetry_1   1_555 
_pdbx_validate_symm_contact.auth_atom_id_2    O 
_pdbx_validate_symm_contact.auth_asym_id_2    A 
_pdbx_validate_symm_contact.auth_comp_id_2    HOH 
_pdbx_validate_symm_contact.auth_seq_id_2     5062 
_pdbx_validate_symm_contact.PDB_ins_code_2    ? 
_pdbx_validate_symm_contact.label_alt_id_2    ? 
_pdbx_validate_symm_contact.site_symmetry_2   3_655 
_pdbx_validate_symm_contact.dist              1.57 
# 
loop_
_pdbx_validate_torsion.id 
_pdbx_validate_torsion.PDB_model_num 
_pdbx_validate_torsion.auth_comp_id 
_pdbx_validate_torsion.auth_asym_id 
_pdbx_validate_torsion.auth_seq_id 
_pdbx_validate_torsion.PDB_ins_code 
_pdbx_validate_torsion.label_alt_id 
_pdbx_validate_torsion.phi 
_pdbx_validate_torsion.psi 
1 1 MET A 44  ? ? -144.83 52.47  
2 1 PRO A 115 ? ? -39.31  114.99 
# 
loop_
_chem_comp_atom.comp_id 
_chem_comp_atom.atom_id 
_chem_comp_atom.type_symbol 
_chem_comp_atom.pdbx_aromatic_flag 
_chem_comp_atom.pdbx_stereo_config 
_chem_comp_atom.pdbx_ordinal 
ALA N    N  N N 1   
ALA CA   C  N S 2   
ALA C    C  N N 3   
ALA O    O  N N 4   
ALA CB   C  N N 5   
ALA OXT  O  N N 6   
ALA H    H  N N 7   
ALA H2   H  N N 8   
ALA HA   H  N N 9   
ALA HB1  H  N N 10  
ALA HB2  H  N N 11  
ALA HB3  H  N N 12  
ALA HXT  H  N N 13  
ARG N    N  N N 14  
ARG CA   C  N S 15  
ARG C    C  N N 16  
ARG O    O  N N 17  
ARG CB   C  N N 18  
ARG CG   C  N N 19  
ARG CD   C  N N 20  
ARG NE   N  N N 21  
ARG CZ   C  N N 22  
ARG NH1  N  N N 23  
ARG NH2  N  N N 24  
ARG OXT  O  N N 25  
ARG H    H  N N 26  
ARG H2   H  N N 27  
ARG HA   H  N N 28  
ARG HB2  H  N N 29  
ARG HB3  H  N N 30  
ARG HG2  H  N N 31  
ARG HG3  H  N N 32  
ARG HD2  H  N N 33  
ARG HD3  H  N N 34  
ARG HE   H  N N 35  
ARG HH11 H  N N 36  
ARG HH12 H  N N 37  
ARG HH21 H  N N 38  
ARG HH22 H  N N 39  
ARG HXT  H  N N 40  
ASN N    N  N N 41  
ASN CA   C  N S 42  
ASN C    C  N N 43  
ASN O    O  N N 44  
ASN CB   C  N N 45  
ASN CG   C  N N 46  
ASN OD1  O  N N 47  
ASN ND2  N  N N 48  
ASN OXT  O  N N 49  
ASN H    H  N N 50  
ASN H2   H  N N 51  
ASN HA   H  N N 52  
ASN HB2  H  N N 53  
ASN HB3  H  N N 54  
ASN HD21 H  N N 55  
ASN HD22 H  N N 56  
ASN HXT  H  N N 57  
ASP N    N  N N 58  
ASP CA   C  N S 59  
ASP C    C  N N 60  
ASP O    O  N N 61  
ASP CB   C  N N 62  
ASP CG   C  N N 63  
ASP OD1  O  N N 64  
ASP OD2  O  N N 65  
ASP OXT  O  N N 66  
ASP H    H  N N 67  
ASP H2   H  N N 68  
ASP HA   H  N N 69  
ASP HB2  H  N N 70  
ASP HB3  H  N N 71  
ASP HD2  H  N N 72  
ASP HXT  H  N N 73  
CU  CU   CU N N 74  
CYS N    N  N N 75  
CYS CA   C  N R 76  
CYS C    C  N N 77  
CYS O    O  N N 78  
CYS CB   C  N N 79  
CYS SG   S  N N 80  
CYS OXT  O  N N 81  
CYS H    H  N N 82  
CYS H2   H  N N 83  
CYS HA   H  N N 84  
CYS HB2  H  N N 85  
CYS HB3  H  N N 86  
CYS HG   H  N N 87  
CYS HXT  H  N N 88  
GLN N    N  N N 89  
GLN CA   C  N S 90  
GLN C    C  N N 91  
GLN O    O  N N 92  
GLN CB   C  N N 93  
GLN CG   C  N N 94  
GLN CD   C  N N 95  
GLN OE1  O  N N 96  
GLN NE2  N  N N 97  
GLN OXT  O  N N 98  
GLN H    H  N N 99  
GLN H2   H  N N 100 
GLN HA   H  N N 101 
GLN HB2  H  N N 102 
GLN HB3  H  N N 103 
GLN HG2  H  N N 104 
GLN HG3  H  N N 105 
GLN HE21 H  N N 106 
GLN HE22 H  N N 107 
GLN HXT  H  N N 108 
GLU N    N  N N 109 
GLU CA   C  N S 110 
GLU C    C  N N 111 
GLU O    O  N N 112 
GLU CB   C  N N 113 
GLU CG   C  N N 114 
GLU CD   C  N N 115 
GLU OE1  O  N N 116 
GLU OE2  O  N N 117 
GLU OXT  O  N N 118 
GLU H    H  N N 119 
GLU H2   H  N N 120 
GLU HA   H  N N 121 
GLU HB2  H  N N 122 
GLU HB3  H  N N 123 
GLU HG2  H  N N 124 
GLU HG3  H  N N 125 
GLU HE2  H  N N 126 
GLU HXT  H  N N 127 
GLY N    N  N N 128 
GLY CA   C  N N 129 
GLY C    C  N N 130 
GLY O    O  N N 131 
GLY OXT  O  N N 132 
GLY H    H  N N 133 
GLY H2   H  N N 134 
GLY HA2  H  N N 135 
GLY HA3  H  N N 136 
GLY HXT  H  N N 137 
HIS N    N  N N 138 
HIS CA   C  N S 139 
HIS C    C  N N 140 
HIS O    O  N N 141 
HIS CB   C  N N 142 
HIS CG   C  Y N 143 
HIS ND1  N  Y N 144 
HIS CD2  C  Y N 145 
HIS CE1  C  Y N 146 
HIS NE2  N  Y N 147 
HIS OXT  O  N N 148 
HIS H    H  N N 149 
HIS H2   H  N N 150 
HIS HA   H  N N 151 
HIS HB2  H  N N 152 
HIS HB3  H  N N 153 
HIS HD1  H  N N 154 
HIS HD2  H  N N 155 
HIS HE1  H  N N 156 
HIS HE2  H  N N 157 
HIS HXT  H  N N 158 
HOH O    O  N N 159 
HOH H1   H  N N 160 
HOH H2   H  N N 161 
ILE N    N  N N 162 
ILE CA   C  N S 163 
ILE C    C  N N 164 
ILE O    O  N N 165 
ILE CB   C  N S 166 
ILE CG1  C  N N 167 
ILE CG2  C  N N 168 
ILE CD1  C  N N 169 
ILE OXT  O  N N 170 
ILE H    H  N N 171 
ILE H2   H  N N 172 
ILE HA   H  N N 173 
ILE HB   H  N N 174 
ILE HG12 H  N N 175 
ILE HG13 H  N N 176 
ILE HG21 H  N N 177 
ILE HG22 H  N N 178 
ILE HG23 H  N N 179 
ILE HD11 H  N N 180 
ILE HD12 H  N N 181 
ILE HD13 H  N N 182 
ILE HXT  H  N N 183 
LEU N    N  N N 184 
LEU CA   C  N S 185 
LEU C    C  N N 186 
LEU O    O  N N 187 
LEU CB   C  N N 188 
LEU CG   C  N N 189 
LEU CD1  C  N N 190 
LEU CD2  C  N N 191 
LEU OXT  O  N N 192 
LEU H    H  N N 193 
LEU H2   H  N N 194 
LEU HA   H  N N 195 
LEU HB2  H  N N 196 
LEU HB3  H  N N 197 
LEU HG   H  N N 198 
LEU HD11 H  N N 199 
LEU HD12 H  N N 200 
LEU HD13 H  N N 201 
LEU HD21 H  N N 202 
LEU HD22 H  N N 203 
LEU HD23 H  N N 204 
LEU HXT  H  N N 205 
LYS N    N  N N 206 
LYS CA   C  N S 207 
LYS C    C  N N 208 
LYS O    O  N N 209 
LYS CB   C  N N 210 
LYS CG   C  N N 211 
LYS CD   C  N N 212 
LYS CE   C  N N 213 
LYS NZ   N  N N 214 
LYS OXT  O  N N 215 
LYS H    H  N N 216 
LYS H2   H  N N 217 
LYS HA   H  N N 218 
LYS HB2  H  N N 219 
LYS HB3  H  N N 220 
LYS HG2  H  N N 221 
LYS HG3  H  N N 222 
LYS HD2  H  N N 223 
LYS HD3  H  N N 224 
LYS HE2  H  N N 225 
LYS HE3  H  N N 226 
LYS HZ1  H  N N 227 
LYS HZ2  H  N N 228 
LYS HZ3  H  N N 229 
LYS HXT  H  N N 230 
MET N    N  N N 231 
MET CA   C  N S 232 
MET C    C  N N 233 
MET O    O  N N 234 
MET CB   C  N N 235 
MET CG   C  N N 236 
MET SD   S  N N 237 
MET CE   C  N N 238 
MET OXT  O  N N 239 
MET H    H  N N 240 
MET H2   H  N N 241 
MET HA   H  N N 242 
MET HB2  H  N N 243 
MET HB3  H  N N 244 
MET HG2  H  N N 245 
MET HG3  H  N N 246 
MET HE1  H  N N 247 
MET HE2  H  N N 248 
MET HE3  H  N N 249 
MET HXT  H  N N 250 
PHE N    N  N N 251 
PHE CA   C  N S 252 
PHE C    C  N N 253 
PHE O    O  N N 254 
PHE CB   C  N N 255 
PHE CG   C  Y N 256 
PHE CD1  C  Y N 257 
PHE CD2  C  Y N 258 
PHE CE1  C  Y N 259 
PHE CE2  C  Y N 260 
PHE CZ   C  Y N 261 
PHE OXT  O  N N 262 
PHE H    H  N N 263 
PHE H2   H  N N 264 
PHE HA   H  N N 265 
PHE HB2  H  N N 266 
PHE HB3  H  N N 267 
PHE HD1  H  N N 268 
PHE HD2  H  N N 269 
PHE HE1  H  N N 270 
PHE HE2  H  N N 271 
PHE HZ   H  N N 272 
PHE HXT  H  N N 273 
PRO N    N  N N 274 
PRO CA   C  N S 275 
PRO C    C  N N 276 
PRO O    O  N N 277 
PRO CB   C  N N 278 
PRO CG   C  N N 279 
PRO CD   C  N N 280 
PRO OXT  O  N N 281 
PRO H    H  N N 282 
PRO HA   H  N N 283 
PRO HB2  H  N N 284 
PRO HB3  H  N N 285 
PRO HG2  H  N N 286 
PRO HG3  H  N N 287 
PRO HD2  H  N N 288 
PRO HD3  H  N N 289 
PRO HXT  H  N N 290 
REQ RE   RE N N 291 
REQ N1   N  Y N 292 
REQ N2   N  Y N 293 
REQ O1   O  N N 294 
REQ O2   O  N N 295 
REQ O3   O  N N 296 
REQ C1   C  N N 297 
REQ C2   C  N N 298 
REQ C3   C  N N 299 
REQ C7   C  Y N 300 
REQ C8   C  Y N 301 
REQ C9   C  Y N 302 
REQ C10  C  Y N 303 
REQ C11  C  Y N 304 
REQ C12  C  Y N 305 
REQ C13  C  Y N 306 
REQ C14  C  Y N 307 
REQ C15  C  Y N 308 
REQ C16  C  Y N 309 
REQ C17  C  Y N 310 
REQ C18  C  Y N 311 
REQ C19  C  N N 312 
REQ C20  C  N N 313 
REQ H10  H  N N 314 
REQ H11  H  N N 315 
REQ H12  H  N N 316 
REQ H13  H  N N 317 
REQ H14  H  N N 318 
REQ H15  H  N N 319 
REQ H16  H  N N 320 
REQ H17  H  N N 321 
REQ H18  H  N N 322 
REQ H19  H  N N 323 
REQ H20  H  N N 324 
REQ H21  H  N N 325 
SER N    N  N N 326 
SER CA   C  N S 327 
SER C    C  N N 328 
SER O    O  N N 329 
SER CB   C  N N 330 
SER OG   O  N N 331 
SER OXT  O  N N 332 
SER H    H  N N 333 
SER H2   H  N N 334 
SER HA   H  N N 335 
SER HB2  H  N N 336 
SER HB3  H  N N 337 
SER HG   H  N N 338 
SER HXT  H  N N 339 
THR N    N  N N 340 
THR CA   C  N S 341 
THR C    C  N N 342 
THR O    O  N N 343 
THR CB   C  N R 344 
THR OG1  O  N N 345 
THR CG2  C  N N 346 
THR OXT  O  N N 347 
THR H    H  N N 348 
THR H2   H  N N 349 
THR HA   H  N N 350 
THR HB   H  N N 351 
THR HG1  H  N N 352 
THR HG21 H  N N 353 
THR HG22 H  N N 354 
THR HG23 H  N N 355 
THR HXT  H  N N 356 
TRP N    N  N N 357 
TRP CA   C  N S 358 
TRP C    C  N N 359 
TRP O    O  N N 360 
TRP CB   C  N N 361 
TRP CG   C  Y N 362 
TRP CD1  C  Y N 363 
TRP CD2  C  Y N 364 
TRP NE1  N  Y N 365 
TRP CE2  C  Y N 366 
TRP CE3  C  Y N 367 
TRP CZ2  C  Y N 368 
TRP CZ3  C  Y N 369 
TRP CH2  C  Y N 370 
TRP OXT  O  N N 371 
TRP H    H  N N 372 
TRP H2   H  N N 373 
TRP HA   H  N N 374 
TRP HB2  H  N N 375 
TRP HB3  H  N N 376 
TRP HD1  H  N N 377 
TRP HE1  H  N N 378 
TRP HE3  H  N N 379 
TRP HZ2  H  N N 380 
TRP HZ3  H  N N 381 
TRP HH2  H  N N 382 
TRP HXT  H  N N 383 
TYR N    N  N N 384 
TYR CA   C  N S 385 
TYR C    C  N N 386 
TYR O    O  N N 387 
TYR CB   C  N N 388 
TYR CG   C  Y N 389 
TYR CD1  C  Y N 390 
TYR CD2  C  Y N 391 
TYR CE1  C  Y N 392 
TYR CE2  C  Y N 393 
TYR CZ   C  Y N 394 
TYR OH   O  N N 395 
TYR OXT  O  N N 396 
TYR H    H  N N 397 
TYR H2   H  N N 398 
TYR HA   H  N N 399 
TYR HB2  H  N N 400 
TYR HB3  H  N N 401 
TYR HD1  H  N N 402 
TYR HD2  H  N N 403 
TYR HE1  H  N N 404 
TYR HE2  H  N N 405 
TYR HH   H  N N 406 
TYR HXT  H  N N 407 
VAL N    N  N N 408 
VAL CA   C  N S 409 
VAL C    C  N N 410 
VAL O    O  N N 411 
VAL CB   C  N N 412 
VAL CG1  C  N N 413 
VAL CG2  C  N N 414 
VAL OXT  O  N N 415 
VAL H    H  N N 416 
VAL H2   H  N N 417 
VAL HA   H  N N 418 
VAL HB   H  N N 419 
VAL HG11 H  N N 420 
VAL HG12 H  N N 421 
VAL HG13 H  N N 422 
VAL HG21 H  N N 423 
VAL HG22 H  N N 424 
VAL HG23 H  N N 425 
VAL HXT  H  N N 426 
# 
loop_
_chem_comp_bond.comp_id 
_chem_comp_bond.atom_id_1 
_chem_comp_bond.atom_id_2 
_chem_comp_bond.value_order 
_chem_comp_bond.pdbx_aromatic_flag 
_chem_comp_bond.pdbx_stereo_config 
_chem_comp_bond.pdbx_ordinal 
ALA N   CA   sing N N 1   
ALA N   H    sing N N 2   
ALA N   H2   sing N N 3   
ALA CA  C    sing N N 4   
ALA CA  CB   sing N N 5   
ALA CA  HA   sing N N 6   
ALA C   O    doub N N 7   
ALA C   OXT  sing N N 8   
ALA CB  HB1  sing N N 9   
ALA CB  HB2  sing N N 10  
ALA CB  HB3  sing N N 11  
ALA OXT HXT  sing N N 12  
ARG N   CA   sing N N 13  
ARG N   H    sing N N 14  
ARG N   H2   sing N N 15  
ARG CA  C    sing N N 16  
ARG CA  CB   sing N N 17  
ARG CA  HA   sing N N 18  
ARG C   O    doub N N 19  
ARG C   OXT  sing N N 20  
ARG CB  CG   sing N N 21  
ARG CB  HB2  sing N N 22  
ARG CB  HB3  sing N N 23  
ARG CG  CD   sing N N 24  
ARG CG  HG2  sing N N 25  
ARG CG  HG3  sing N N 26  
ARG CD  NE   sing N N 27  
ARG CD  HD2  sing N N 28  
ARG CD  HD3  sing N N 29  
ARG NE  CZ   sing N N 30  
ARG NE  HE   sing N N 31  
ARG CZ  NH1  sing N N 32  
ARG CZ  NH2  doub N N 33  
ARG NH1 HH11 sing N N 34  
ARG NH1 HH12 sing N N 35  
ARG NH2 HH21 sing N N 36  
ARG NH2 HH22 sing N N 37  
ARG OXT HXT  sing N N 38  
ASN N   CA   sing N N 39  
ASN N   H    sing N N 40  
ASN N   H2   sing N N 41  
ASN CA  C    sing N N 42  
ASN CA  CB   sing N N 43  
ASN CA  HA   sing N N 44  
ASN C   O    doub N N 45  
ASN C   OXT  sing N N 46  
ASN CB  CG   sing N N 47  
ASN CB  HB2  sing N N 48  
ASN CB  HB3  sing N N 49  
ASN CG  OD1  doub N N 50  
ASN CG  ND2  sing N N 51  
ASN ND2 HD21 sing N N 52  
ASN ND2 HD22 sing N N 53  
ASN OXT HXT  sing N N 54  
ASP N   CA   sing N N 55  
ASP N   H    sing N N 56  
ASP N   H2   sing N N 57  
ASP CA  C    sing N N 58  
ASP CA  CB   sing N N 59  
ASP CA  HA   sing N N 60  
ASP C   O    doub N N 61  
ASP C   OXT  sing N N 62  
ASP CB  CG   sing N N 63  
ASP CB  HB2  sing N N 64  
ASP CB  HB3  sing N N 65  
ASP CG  OD1  doub N N 66  
ASP CG  OD2  sing N N 67  
ASP OD2 HD2  sing N N 68  
ASP OXT HXT  sing N N 69  
CYS N   CA   sing N N 70  
CYS N   H    sing N N 71  
CYS N   H2   sing N N 72  
CYS CA  C    sing N N 73  
CYS CA  CB   sing N N 74  
CYS CA  HA   sing N N 75  
CYS C   O    doub N N 76  
CYS C   OXT  sing N N 77  
CYS CB  SG   sing N N 78  
CYS CB  HB2  sing N N 79  
CYS CB  HB3  sing N N 80  
CYS SG  HG   sing N N 81  
CYS OXT HXT  sing N N 82  
GLN N   CA   sing N N 83  
GLN N   H    sing N N 84  
GLN N   H2   sing N N 85  
GLN CA  C    sing N N 86  
GLN CA  CB   sing N N 87  
GLN CA  HA   sing N N 88  
GLN C   O    doub N N 89  
GLN C   OXT  sing N N 90  
GLN CB  CG   sing N N 91  
GLN CB  HB2  sing N N 92  
GLN CB  HB3  sing N N 93  
GLN CG  CD   sing N N 94  
GLN CG  HG2  sing N N 95  
GLN CG  HG3  sing N N 96  
GLN CD  OE1  doub N N 97  
GLN CD  NE2  sing N N 98  
GLN NE2 HE21 sing N N 99  
GLN NE2 HE22 sing N N 100 
GLN OXT HXT  sing N N 101 
GLU N   CA   sing N N 102 
GLU N   H    sing N N 103 
GLU N   H2   sing N N 104 
GLU CA  C    sing N N 105 
GLU CA  CB   sing N N 106 
GLU CA  HA   sing N N 107 
GLU C   O    doub N N 108 
GLU C   OXT  sing N N 109 
GLU CB  CG   sing N N 110 
GLU CB  HB2  sing N N 111 
GLU CB  HB3  sing N N 112 
GLU CG  CD   sing N N 113 
GLU CG  HG2  sing N N 114 
GLU CG  HG3  sing N N 115 
GLU CD  OE1  doub N N 116 
GLU CD  OE2  sing N N 117 
GLU OE2 HE2  sing N N 118 
GLU OXT HXT  sing N N 119 
GLY N   CA   sing N N 120 
GLY N   H    sing N N 121 
GLY N   H2   sing N N 122 
GLY CA  C    sing N N 123 
GLY CA  HA2  sing N N 124 
GLY CA  HA3  sing N N 125 
GLY C   O    doub N N 126 
GLY C   OXT  sing N N 127 
GLY OXT HXT  sing N N 128 
HIS N   CA   sing N N 129 
HIS N   H    sing N N 130 
HIS N   H2   sing N N 131 
HIS CA  C    sing N N 132 
HIS CA  CB   sing N N 133 
HIS CA  HA   sing N N 134 
HIS C   O    doub N N 135 
HIS C   OXT  sing N N 136 
HIS CB  CG   sing N N 137 
HIS CB  HB2  sing N N 138 
HIS CB  HB3  sing N N 139 
HIS CG  ND1  sing Y N 140 
HIS CG  CD2  doub Y N 141 
HIS ND1 CE1  doub Y N 142 
HIS ND1 HD1  sing N N 143 
HIS CD2 NE2  sing Y N 144 
HIS CD2 HD2  sing N N 145 
HIS CE1 NE2  sing Y N 146 
HIS CE1 HE1  sing N N 147 
HIS NE2 HE2  sing N N 148 
HIS OXT HXT  sing N N 149 
HOH O   H1   sing N N 150 
HOH O   H2   sing N N 151 
ILE N   CA   sing N N 152 
ILE N   H    sing N N 153 
ILE N   H2   sing N N 154 
ILE CA  C    sing N N 155 
ILE CA  CB   sing N N 156 
ILE CA  HA   sing N N 157 
ILE C   O    doub N N 158 
ILE C   OXT  sing N N 159 
ILE CB  CG1  sing N N 160 
ILE CB  CG2  sing N N 161 
ILE CB  HB   sing N N 162 
ILE CG1 CD1  sing N N 163 
ILE CG1 HG12 sing N N 164 
ILE CG1 HG13 sing N N 165 
ILE CG2 HG21 sing N N 166 
ILE CG2 HG22 sing N N 167 
ILE CG2 HG23 sing N N 168 
ILE CD1 HD11 sing N N 169 
ILE CD1 HD12 sing N N 170 
ILE CD1 HD13 sing N N 171 
ILE OXT HXT  sing N N 172 
LEU N   CA   sing N N 173 
LEU N   H    sing N N 174 
LEU N   H2   sing N N 175 
LEU CA  C    sing N N 176 
LEU CA  CB   sing N N 177 
LEU CA  HA   sing N N 178 
LEU C   O    doub N N 179 
LEU C   OXT  sing N N 180 
LEU CB  CG   sing N N 181 
LEU CB  HB2  sing N N 182 
LEU CB  HB3  sing N N 183 
LEU CG  CD1  sing N N 184 
LEU CG  CD2  sing N N 185 
LEU CG  HG   sing N N 186 
LEU CD1 HD11 sing N N 187 
LEU CD1 HD12 sing N N 188 
LEU CD1 HD13 sing N N 189 
LEU CD2 HD21 sing N N 190 
LEU CD2 HD22 sing N N 191 
LEU CD2 HD23 sing N N 192 
LEU OXT HXT  sing N N 193 
LYS N   CA   sing N N 194 
LYS N   H    sing N N 195 
LYS N   H2   sing N N 196 
LYS CA  C    sing N N 197 
LYS CA  CB   sing N N 198 
LYS CA  HA   sing N N 199 
LYS C   O    doub N N 200 
LYS C   OXT  sing N N 201 
LYS CB  CG   sing N N 202 
LYS CB  HB2  sing N N 203 
LYS CB  HB3  sing N N 204 
LYS CG  CD   sing N N 205 
LYS CG  HG2  sing N N 206 
LYS CG  HG3  sing N N 207 
LYS CD  CE   sing N N 208 
LYS CD  HD2  sing N N 209 
LYS CD  HD3  sing N N 210 
LYS CE  NZ   sing N N 211 
LYS CE  HE2  sing N N 212 
LYS CE  HE3  sing N N 213 
LYS NZ  HZ1  sing N N 214 
LYS NZ  HZ2  sing N N 215 
LYS NZ  HZ3  sing N N 216 
LYS OXT HXT  sing N N 217 
MET N   CA   sing N N 218 
MET N   H    sing N N 219 
MET N   H2   sing N N 220 
MET CA  C    sing N N 221 
MET CA  CB   sing N N 222 
MET CA  HA   sing N N 223 
MET C   O    doub N N 224 
MET C   OXT  sing N N 225 
MET CB  CG   sing N N 226 
MET CB  HB2  sing N N 227 
MET CB  HB3  sing N N 228 
MET CG  SD   sing N N 229 
MET CG  HG2  sing N N 230 
MET CG  HG3  sing N N 231 
MET SD  CE   sing N N 232 
MET CE  HE1  sing N N 233 
MET CE  HE2  sing N N 234 
MET CE  HE3  sing N N 235 
MET OXT HXT  sing N N 236 
PHE N   CA   sing N N 237 
PHE N   H    sing N N 238 
PHE N   H2   sing N N 239 
PHE CA  C    sing N N 240 
PHE CA  CB   sing N N 241 
PHE CA  HA   sing N N 242 
PHE C   O    doub N N 243 
PHE C   OXT  sing N N 244 
PHE CB  CG   sing N N 245 
PHE CB  HB2  sing N N 246 
PHE CB  HB3  sing N N 247 
PHE CG  CD1  doub Y N 248 
PHE CG  CD2  sing Y N 249 
PHE CD1 CE1  sing Y N 250 
PHE CD1 HD1  sing N N 251 
PHE CD2 CE2  doub Y N 252 
PHE CD2 HD2  sing N N 253 
PHE CE1 CZ   doub Y N 254 
PHE CE1 HE1  sing N N 255 
PHE CE2 CZ   sing Y N 256 
PHE CE2 HE2  sing N N 257 
PHE CZ  HZ   sing N N 258 
PHE OXT HXT  sing N N 259 
PRO N   CA   sing N N 260 
PRO N   CD   sing N N 261 
PRO N   H    sing N N 262 
PRO CA  C    sing N N 263 
PRO CA  CB   sing N N 264 
PRO CA  HA   sing N N 265 
PRO C   O    doub N N 266 
PRO C   OXT  sing N N 267 
PRO CB  CG   sing N N 268 
PRO CB  HB2  sing N N 269 
PRO CB  HB3  sing N N 270 
PRO CG  CD   sing N N 271 
PRO CG  HG2  sing N N 272 
PRO CG  HG3  sing N N 273 
PRO CD  HD2  sing N N 274 
PRO CD  HD3  sing N N 275 
PRO OXT HXT  sing N N 276 
REQ O3  C3   trip N N 277 
REQ O1  C1   trip N N 278 
REQ C3  RE   sing N N 279 
REQ C1  RE   sing N N 280 
REQ O2  C2   trip N N 281 
REQ C2  RE   sing N N 282 
REQ C7  C8   doub Y N 283 
REQ C7  N1   sing Y N 284 
REQ RE  N1   sing N N 285 
REQ RE  N2   sing N N 286 
REQ C8  C9   sing Y N 287 
REQ N1  C11  doub Y N 288 
REQ C9  C19  sing N N 289 
REQ C9  C10  doub Y N 290 
REQ C11 C10  sing Y N 291 
REQ C11 C12  sing Y N 292 
REQ N2  C16  doub Y N 293 
REQ N2  C12  sing Y N 294 
REQ C10 C17  sing Y N 295 
REQ C16 C15  sing Y N 296 
REQ C12 C13  doub Y N 297 
REQ C15 C14  doub Y N 298 
REQ C17 C18  doub Y N 299 
REQ C13 C18  sing Y N 300 
REQ C13 C14  sing Y N 301 
REQ C14 C20  sing N N 302 
REQ C7  H10  sing N N 303 
REQ C8  H11  sing N N 304 
REQ C15 H12  sing N N 305 
REQ C16 H13  sing N N 306 
REQ C17 H14  sing N N 307 
REQ C18 H15  sing N N 308 
REQ C19 H16  sing N N 309 
REQ C19 H17  sing N N 310 
REQ C19 H18  sing N N 311 
REQ C20 H19  sing N N 312 
REQ C20 H20  sing N N 313 
REQ C20 H21  sing N N 314 
SER N   CA   sing N N 315 
SER N   H    sing N N 316 
SER N   H2   sing N N 317 
SER CA  C    sing N N 318 
SER CA  CB   sing N N 319 
SER CA  HA   sing N N 320 
SER C   O    doub N N 321 
SER C   OXT  sing N N 322 
SER CB  OG   sing N N 323 
SER CB  HB2  sing N N 324 
SER CB  HB3  sing N N 325 
SER OG  HG   sing N N 326 
SER OXT HXT  sing N N 327 
THR N   CA   sing N N 328 
THR N   H    sing N N 329 
THR N   H2   sing N N 330 
THR CA  C    sing N N 331 
THR CA  CB   sing N N 332 
THR CA  HA   sing N N 333 
THR C   O    doub N N 334 
THR C   OXT  sing N N 335 
THR CB  OG1  sing N N 336 
THR CB  CG2  sing N N 337 
THR CB  HB   sing N N 338 
THR OG1 HG1  sing N N 339 
THR CG2 HG21 sing N N 340 
THR CG2 HG22 sing N N 341 
THR CG2 HG23 sing N N 342 
THR OXT HXT  sing N N 343 
TRP N   CA   sing N N 344 
TRP N   H    sing N N 345 
TRP N   H2   sing N N 346 
TRP CA  C    sing N N 347 
TRP CA  CB   sing N N 348 
TRP CA  HA   sing N N 349 
TRP C   O    doub N N 350 
TRP C   OXT  sing N N 351 
TRP CB  CG   sing N N 352 
TRP CB  HB2  sing N N 353 
TRP CB  HB3  sing N N 354 
TRP CG  CD1  doub Y N 355 
TRP CG  CD2  sing Y N 356 
TRP CD1 NE1  sing Y N 357 
TRP CD1 HD1  sing N N 358 
TRP CD2 CE2  doub Y N 359 
TRP CD2 CE3  sing Y N 360 
TRP NE1 CE2  sing Y N 361 
TRP NE1 HE1  sing N N 362 
TRP CE2 CZ2  sing Y N 363 
TRP CE3 CZ3  doub Y N 364 
TRP CE3 HE3  sing N N 365 
TRP CZ2 CH2  doub Y N 366 
TRP CZ2 HZ2  sing N N 367 
TRP CZ3 CH2  sing Y N 368 
TRP CZ3 HZ3  sing N N 369 
TRP CH2 HH2  sing N N 370 
TRP OXT HXT  sing N N 371 
TYR N   CA   sing N N 372 
TYR N   H    sing N N 373 
TYR N   H2   sing N N 374 
TYR CA  C    sing N N 375 
TYR CA  CB   sing N N 376 
TYR CA  HA   sing N N 377 
TYR C   O    doub N N 378 
TYR C   OXT  sing N N 379 
TYR CB  CG   sing N N 380 
TYR CB  HB2  sing N N 381 
TYR CB  HB3  sing N N 382 
TYR CG  CD1  doub Y N 383 
TYR CG  CD2  sing Y N 384 
TYR CD1 CE1  sing Y N 385 
TYR CD1 HD1  sing N N 386 
TYR CD2 CE2  doub Y N 387 
TYR CD2 HD2  sing N N 388 
TYR CE1 CZ   doub Y N 389 
TYR CE1 HE1  sing N N 390 
TYR CE2 CZ   sing Y N 391 
TYR CE2 HE2  sing N N 392 
TYR CZ  OH   sing N N 393 
TYR OH  HH   sing N N 394 
TYR OXT HXT  sing N N 395 
VAL N   CA   sing N N 396 
VAL N   H    sing N N 397 
VAL N   H2   sing N N 398 
VAL CA  C    sing N N 399 
VAL CA  CB   sing N N 400 
VAL CA  HA   sing N N 401 
VAL C   O    doub N N 402 
VAL C   OXT  sing N N 403 
VAL CB  CG1  sing N N 404 
VAL CB  CG2  sing N N 405 
VAL CB  HB   sing N N 406 
VAL CG1 HG11 sing N N 407 
VAL CG1 HG12 sing N N 408 
VAL CG1 HG13 sing N N 409 
VAL CG2 HG21 sing N N 410 
VAL CG2 HG22 sing N N 411 
VAL CG2 HG23 sing N N 412 
VAL OXT HXT  sing N N 413 
# 
_atom_sites.entry_id                    2I7O 
_atom_sites.fract_transf_matrix[1][1]   0.00462646 
_atom_sites.fract_transf_matrix[1][2]   -0.01393088 
_atom_sites.fract_transf_matrix[1][3]   0.00589100 
_atom_sites.fract_transf_matrix[2][1]   -0.01173145 
_atom_sites.fract_transf_matrix[2][2]   -0.00629871 
_atom_sites.fract_transf_matrix[2][3]   -0.00568180 
_atom_sites.fract_transf_matrix[3][1]   0.00736442 
_atom_sites.fract_transf_matrix[3][2]   -0.00271266 
_atom_sites.fract_transf_matrix[3][3]   -0.01219843 
_atom_sites.fract_transf_vector[1]      0.282195 
_atom_sites.fract_transf_vector[2]      0.198190 
_atom_sites.fract_transf_vector[3]      0.100207 
# 
loop_
_atom_type.symbol 
C  
CU 
N  
O  
RE 
S  
# 
loop_
_atom_site.group_PDB 
_atom_site.id 
_atom_site.type_symbol 
_atom_site.label_atom_id 
_atom_site.label_alt_id 
_atom_site.label_comp_id 
_atom_site.label_asym_id 
_atom_site.label_entity_id 
_atom_site.label_seq_id 
_atom_site.pdbx_PDB_ins_code 
_atom_site.Cartn_x 
_atom_site.Cartn_y 
_atom_site.Cartn_z 
_atom_site.occupancy 
_atom_site.B_iso_or_equiv 
_atom_site.pdbx_formal_charge 
_atom_site.auth_seq_id 
_atom_site.auth_comp_id 
_atom_site.auth_asym_id 
_atom_site.auth_atom_id 
_atom_site.pdbx_PDB_model_num 
ATOM   1    N  N   . ALA A 1 1   ? 9.798   6.865   -18.803 1.00 45.91 ? 1    ALA A N   1 
ATOM   2    C  CA  . ALA A 1 1   ? 10.938  6.582   -17.886 1.00 46.08 ? 1    ALA A CA  1 
ATOM   3    C  C   . ALA A 1 1   ? 10.494  5.666   -16.752 1.00 46.27 ? 1    ALA A C   1 
ATOM   4    O  O   . ALA A 1 1   ? 9.463   5.002   -16.852 1.00 47.01 ? 1    ALA A O   1 
ATOM   5    C  CB  . ALA A 1 1   ? 11.490  7.884   -17.324 1.00 46.24 ? 1    ALA A CB  1 
ATOM   6    N  N   . GLN A 1 2   ? 11.264  5.642   -15.669 1.00 42.66 ? 2    GLN A N   1 
ATOM   7    C  CA  . GLN A 1 2   ? 10.941  4.790   -14.531 1.00 40.03 ? 2    GLN A CA  1 
ATOM   8    C  C   . GLN A 1 2   ? 10.235  5.503   -13.387 1.00 37.39 ? 2    GLN A C   1 
ATOM   9    O  O   . GLN A 1 2   ? 10.857  5.972   -12.433 1.00 34.97 ? 2    GLN A O   1 
ATOM   10   C  CB  . GLN A 1 2   ? 12.201  4.104   -14.018 1.00 42.03 ? 2    GLN A CB  1 
ATOM   11   C  CG  . GLN A 1 2   ? 12.832  3.175   -15.034 1.00 44.57 ? 2    GLN A CG  1 
ATOM   12   C  CD  . GLN A 1 2   ? 13.253  1.860   -14.418 1.00 45.65 ? 2    GLN A CD  1 
ATOM   13   O  OE1 . GLN A 1 2   ? 12.421  1.083   -13.948 1.00 45.91 ? 2    GLN A OE1 1 
ATOM   14   N  NE2 . GLN A 1 2   ? 14.552  1.603   -14.412 1.00 46.31 ? 2    GLN A NE2 1 
ATOM   15   N  N   . CYS A 1 3   ? 8.917   5.570   -13.509 1.00 28.77 ? 3    CYS A N   1 
ATOM   16   C  CA  . CYS A 1 3   ? 8.061   6.193   -12.519 1.00 23.72 ? 3    CYS A CA  1 
ATOM   17   C  C   . CYS A 1 3   ? 7.081   5.114   -12.096 1.00 20.76 ? 3    CYS A C   1 
ATOM   18   O  O   . CYS A 1 3   ? 5.876   5.344   -11.995 1.00 17.94 ? 3    CYS A O   1 
ATOM   19   C  CB  . CYS A 1 3   ? 7.318   7.370   -13.142 1.00 22.07 ? 3    CYS A CB  1 
ATOM   20   S  SG  . CYS A 1 3   ? 8.419   8.691   -13.697 1.00 21.43 ? 3    CYS A SG  1 
ATOM   21   N  N   . SER A 1 4   ? 7.626   3.926   -11.873 1.00 19.85 ? 4    SER A N   1 
ATOM   22   C  CA  . SER A 1 4   ? 6.829   2.780   -11.467 1.00 18.76 ? 4    SER A CA  1 
ATOM   23   C  C   . SER A 1 4   ? 7.696   1.789   -10.696 1.00 19.43 ? 4    SER A C   1 
ATOM   24   O  O   . SER A 1 4   ? 8.925   1.817   -10.783 1.00 19.21 ? 4    SER A O   1 
ATOM   25   C  CB  . SER A 1 4   ? 6.241   2.092   -12.698 1.00 19.61 ? 4    SER A CB  1 
ATOM   26   O  OG  . SER A 1 4   ? 7.280   1.550   -13.491 0.48 19.59 ? 4    SER A OG  1 
ATOM   27   N  N   . VAL A 1 5   ? 7.046   0.914   -9.940  1.00 16.96 ? 5    VAL A N   1 
ATOM   28   C  CA  . VAL A 1 5   ? 7.758   -0.089  -9.164  1.00 16.70 ? 5    VAL A CA  1 
ATOM   29   C  C   . VAL A 1 5   ? 6.871   -1.321  -8.988  1.00 16.17 ? 5    VAL A C   1 
ATOM   30   O  O   . VAL A 1 5   ? 5.641   -1.219  -8.927  1.00 15.86 ? 5    VAL A O   1 
ATOM   31   C  CB  . VAL A 1 5   ? 8.161   0.466   -7.773  1.00 17.11 ? 5    VAL A CB  1 
ATOM   32   C  CG1 . VAL A 1 5   ? 6.913   0.802   -6.960  1.00 17.77 ? 5    VAL A CG1 1 
ATOM   33   C  CG2 . VAL A 1 5   ? 9.042   -0.541  -7.047  1.00 19.05 ? 5    VAL A CG2 1 
ATOM   34   N  N   . ASP A 1 6   ? 7.509   -2.485  -8.945  1.00 17.67 ? 6    ASP A N   1 
ATOM   35   C  CA  . ASP A 1 6   ? 6.790   -3.739  -8.758  1.00 18.35 ? 6    ASP A CA  1 
ATOM   36   C  C   . ASP A 1 6   ? 6.997   -4.176  -7.319  1.00 18.84 ? 6    ASP A C   1 
ATOM   37   O  O   . ASP A 1 6   ? 8.129   -4.345  -6.877  1.00 18.90 ? 6    ASP A O   1 
ATOM   38   C  CB  . ASP A 1 6   ? 7.320   -4.828  -9.696  1.00 20.18 ? 6    ASP A CB  1 
ATOM   39   C  CG  . ASP A 1 6   ? 7.170   -4.463  -11.161 1.00 22.78 ? 6    ASP A CG  1 
ATOM   40   O  OD1 . ASP A 1 6   ? 6.165   -3.818  -11.521 1.00 23.16 ? 6    ASP A OD1 1 
ATOM   41   O  OD2 . ASP A 1 6   ? 8.051   -4.835  -11.961 1.00 25.44 ? 6    ASP A OD2 1 
ATOM   42   N  N   . ILE A 1 7   ? 5.897   -4.353  -6.596  1.00 17.27 ? 7    ILE A N   1 
ATOM   43   C  CA  . ILE A 1 7   ? 5.954   -4.757  -5.195  1.00 17.94 ? 7    ILE A CA  1 
ATOM   44   C  C   . ILE A 1 7   ? 5.275   -6.112  -5.024  1.00 18.24 ? 7    ILE A C   1 
ATOM   45   O  O   . ILE A 1 7   ? 4.245   -6.373  -5.641  1.00 17.29 ? 7    ILE A O   1 
ATOM   46   C  CB  . ILE A 1 7   ? 5.231   -3.730  -4.296  1.00 20.07 ? 7    ILE A CB  1 
ATOM   47   C  CG1 . ILE A 1 7   ? 5.861   -2.342  -4.453  1.00 23.95 ? 7    ILE A CG1 1 
ATOM   48   C  CG2 . ILE A 1 7   ? 5.312   -4.171  -2.839  1.00 22.12 ? 7    ILE A CG2 1 
ATOM   49   C  CD1 . ILE A 1 7   ? 7.268   -2.246  -3.905  1.00 25.86 ? 7    ILE A CD1 1 
ATOM   50   N  N   . GLN A 1 8   ? 5.856   -6.968  -4.190  1.00 17.34 ? 8    GLN A N   1 
ATOM   51   C  CA  . GLN A 1 8   ? 5.290   -8.289  -3.931  1.00 16.23 ? 8    GLN A CA  1 
ATOM   52   C  C   . GLN A 1 8   ? 4.980   -8.484  -2.444  1.00 15.32 ? 8    GLN A C   1 
ATOM   53   O  O   . GLN A 1 8   ? 5.722   -8.007  -1.582  1.00 15.96 ? 8    GLN A O   1 
ATOM   54   C  CB  . GLN A 1 8   ? 6.274   -9.388  -4.364  1.00 18.05 ? 8    GLN A CB  1 
ATOM   55   C  CG  . GLN A 1 8   ? 6.609   -9.403  -5.852  1.00 21.26 ? 8    GLN A CG  1 
ATOM   56   C  CD  . GLN A 1 8   ? 7.631   -10.473 -6.211  1.00 24.71 ? 8    GLN A CD  1 
ATOM   57   O  OE1 . GLN A 1 8   ? 8.058   -10.577 -7.362  1.00 26.90 ? 8    GLN A OE1 1 
ATOM   58   N  NE2 . GLN A 1 8   ? 8.026   -11.274 -5.226  1.00 25.49 ? 8    GLN A NE2 1 
ATOM   59   N  N   . GLY A 1 9   ? 3.867   -9.158  -2.163  1.00 15.14 ? 9    GLY A N   1 
ATOM   60   C  CA  . GLY A 1 9   ? 3.471   -9.489  -0.800  1.00 14.64 ? 9    GLY A CA  1 
ATOM   61   C  C   . GLY A 1 9   ? 3.325   -11.009 -0.802  1.00 14.96 ? 9    GLY A C   1 
ATOM   62   O  O   . GLY A 1 9   ? 2.568   -11.545 -1.611  1.00 15.48 ? 9    GLY A O   1 
ATOM   63   N  N   . ASN A 1 10  ? 4.026   -11.709 0.091   1.00 15.14 ? 10   ASN A N   1 
ATOM   64   C  CA  . ASN A 1 10  ? 3.985   -13.178 0.098   1.00 15.86 ? 10   ASN A CA  1 
ATOM   65   C  C   . ASN A 1 10  ? 3.239   -13.844 1.255   1.00 16.85 ? 10   ASN A C   1 
ATOM   66   O  O   . ASN A 1 10  ? 2.578   -13.178 2.051   1.00 17.82 ? 10   ASN A O   1 
ATOM   67   C  CB  . ASN A 1 10  ? 5.414   -13.737 0.029   1.00 17.10 ? 10   ASN A CB  1 
ATOM   68   C  CG  . ASN A 1 10  ? 6.251   -13.353 1.231   1.00 17.97 ? 10   ASN A CG  1 
ATOM   69   O  OD1 . ASN A 1 10  ? 5.723   -12.942 2.258   1.00 19.11 ? 10   ASN A OD1 1 
ATOM   70   N  ND2 . ASN A 1 10  ? 7.569   -13.504 1.110   1.00 21.08 ? 10   ASN A ND2 1 
ATOM   71   N  N   . ASP A 1 11  ? 3.356   -15.168 1.338   1.00 18.69 ? 11   ASP A N   1 
ATOM   72   C  CA  . ASP A 1 11  ? 2.689   -15.937 2.387   1.00 20.48 ? 11   ASP A CA  1 
ATOM   73   C  C   . ASP A 1 11  ? 3.344   -15.781 3.757   1.00 22.95 ? 11   ASP A C   1 
ATOM   74   O  O   . ASP A 1 11  ? 2.817   -16.286 4.750   1.00 24.46 ? 11   ASP A O   1 
ATOM   75   C  CB  . ASP A 1 11  ? 2.651   -17.429 2.035   1.00 20.12 ? 11   ASP A CB  1 
ATOM   76   C  CG  . ASP A 1 11  ? 1.694   -17.749 0.904   1.00 21.30 ? 11   ASP A CG  1 
ATOM   77   O  OD1 . ASP A 1 11  ? 0.839   -16.905 0.564   1.00 21.17 ? 11   ASP A OD1 1 
ATOM   78   O  OD2 . ASP A 1 11  ? 1.788   -18.871 0.363   1.00 20.89 ? 11   ASP A OD2 1 
ATOM   79   N  N   . GLN A 1 12  ? 4.491   -15.107 3.808   1.00 24.64 ? 12   GLN A N   1 
ATOM   80   C  CA  . GLN A 1 12  ? 5.197   -14.894 5.069   1.00 25.32 ? 12   GLN A CA  1 
ATOM   81   C  C   . GLN A 1 12  ? 4.901   -13.510 5.638   1.00 24.01 ? 12   GLN A C   1 
ATOM   82   O  O   . GLN A 1 12  ? 5.614   -13.018 6.511   1.00 22.72 ? 12   GLN A O   1 
ATOM   83   C  CB  . GLN A 1 12  ? 6.709   -15.072 4.878   1.00 30.77 ? 12   GLN A CB  1 
ATOM   84   C  CG  . GLN A 1 12  ? 7.138   -16.527 4.695   1.00 39.75 ? 12   GLN A CG  1 
ATOM   85   C  CD  . GLN A 1 12  ? 8.645   -16.711 4.737   1.00 43.51 ? 12   GLN A CD  1 
ATOM   86   O  OE1 . GLN A 1 12  ? 9.144   -17.836 4.689   1.00 46.16 ? 12   GLN A OE1 1 
ATOM   87   N  NE2 . GLN A 1 12  ? 9.377   -15.608 4.827   1.00 45.47 ? 12   GLN A NE2 1 
ATOM   88   N  N   . MET A 1 13  ? 3.843   -12.890 5.128   1.00 21.21 ? 13   MET A N   1 
ATOM   89   C  CA  . MET A 1 13  ? 3.423   -11.569 5.591   1.00 18.84 ? 13   MET A CA  1 
ATOM   90   C  C   . MET A 1 13  ? 4.544   -10.534 5.445   1.00 19.60 ? 13   MET A C   1 
ATOM   91   O  O   . MET A 1 13  ? 4.836   -9.773  6.370   1.00 17.55 ? 13   MET A O   1 
ATOM   92   C  CB  . MET A 1 13  ? 2.972   -11.674 7.058   1.00 17.97 ? 13   MET A CB  1 
ATOM   93   C  CG  . MET A 1 13  ? 2.027   -10.574 7.512   1.00 16.92 ? 13   MET A CG  1 
ATOM   94   S  SD  . MET A 1 13  ? 1.471   -10.793 9.227   1.00 18.49 ? 13   MET A SD  1 
ATOM   95   C  CE  . MET A 1 13  ? 2.884   -10.186 10.140  1.00 19.16 ? 13   MET A CE  1 
ATOM   96   N  N   . GLN A 1 14  ? 5.155   -10.493 4.268   1.00 19.10 ? 14   GLN A N   1 
ATOM   97   C  CA  . GLN A 1 14  ? 6.244   -9.562  4.000   1.00 19.55 ? 14   GLN A CA  1 
ATOM   98   C  C   . GLN A 1 14  ? 6.179   -8.976  2.594   1.00 18.27 ? 14   GLN A C   1 
ATOM   99   O  O   . GLN A 1 14  ? 5.753   -9.650  1.659   1.00 17.20 ? 14   GLN A O   1 
ATOM   100  C  CB  . GLN A 1 14  ? 7.596   -10.275 4.143   1.00 25.43 ? 14   GLN A CB  1 
ATOM   101  C  CG  . GLN A 1 14  ? 8.136   -10.413 5.563   1.00 34.01 ? 14   GLN A CG  1 
ATOM   102  C  CD  . GLN A 1 14  ? 9.231   -9.402  5.875   1.00 39.01 ? 14   GLN A CD  1 
ATOM   103  O  OE1 . GLN A 1 14  ? 9.886   -9.479  6.915   1.00 40.85 ? 14   GLN A OE1 1 
ATOM   104  N  NE2 . GLN A 1 14  ? 9.432   -8.445  4.972   1.00 40.82 ? 14   GLN A NE2 1 
ATOM   105  N  N   . PHE A 1 15  ? 6.583   -7.712  2.463   1.00 17.13 ? 15   PHE A N   1 
ATOM   106  C  CA  . PHE A 1 15  ? 6.681   -7.053  1.155   1.00 15.92 ? 15   PHE A CA  1 
ATOM   107  C  C   . PHE A 1 15  ? 8.137   -7.326  0.763   1.00 16.23 ? 15   PHE A C   1 
ATOM   108  O  O   . PHE A 1 15  ? 8.963   -7.627  1.629   1.00 17.03 ? 15   PHE A O   1 
ATOM   109  C  CB  . PHE A 1 15  ? 6.503   -5.535  1.256   1.00 13.74 ? 15   PHE A CB  1 
ATOM   110  C  CG  . PHE A 1 15  ? 5.075   -5.069  1.293   1.00 13.08 ? 15   PHE A CG  1 
ATOM   111  C  CD1 . PHE A 1 15  ? 4.149   -5.509  0.348   1.00 14.24 ? 15   PHE A CD1 1 
ATOM   112  C  CD2 . PHE A 1 15  ? 4.670   -4.135  2.249   1.00 13.28 ? 15   PHE A CD2 1 
ATOM   113  C  CE1 . PHE A 1 15  ? 2.837   -5.018  0.350   1.00 14.24 ? 15   PHE A CE1 1 
ATOM   114  C  CE2 . PHE A 1 15  ? 3.364   -3.639  2.263   1.00 15.04 ? 15   PHE A CE2 1 
ATOM   115  C  CZ  . PHE A 1 15  ? 2.448   -4.079  1.313   1.00 14.05 ? 15   PHE A CZ  1 
ATOM   116  N  N   . ASN A 1 16  ? 8.473   -7.199  -0.516  1.00 16.96 ? 16   ASN A N   1 
ATOM   117  C  CA  . ASN A 1 16  ? 9.847   -7.465  -0.926  1.00 18.42 ? 16   ASN A CA  1 
ATOM   118  C  C   . ASN A 1 16  ? 10.765  -6.254  -0.817  1.00 20.04 ? 16   ASN A C   1 
ATOM   119  O  O   . ASN A 1 16  ? 11.928  -6.310  -1.210  1.00 21.35 ? 16   ASN A O   1 
ATOM   120  C  CB  . ASN A 1 16  ? 9.876   -8.053  -2.343  1.00 20.07 ? 16   ASN A CB  1 
ATOM   121  C  CG  . ASN A 1 16  ? 9.398   -7.087  -3.393  1.00 21.70 ? 16   ASN A CG  1 
ATOM   122  O  OD1 . ASN A 1 16  ? 8.540   -6.240  -3.144  1.00 20.60 ? 16   ASN A OD1 1 
ATOM   123  N  ND2 . ASN A 1 16  ? 9.939   -7.226  -4.598  1.00 24.98 ? 16   ASN A ND2 1 
ATOM   124  N  N   . THR A 1 17  ? 10.235  -5.168  -0.262  1.00 19.55 ? 17   THR A N   1 
ATOM   125  C  CA  . THR A 1 17  ? 11.009  -3.950  -0.052  1.00 19.13 ? 17   THR A CA  1 
ATOM   126  C  C   . THR A 1 17  ? 10.323  -3.076  0.987   1.00 18.91 ? 17   THR A C   1 
ATOM   127  O  O   . THR A 1 17  ? 9.101   -3.107  1.126   1.00 17.78 ? 17   THR A O   1 
ATOM   128  C  CB  . THR A 1 17  ? 11.175  -3.125  -1.348  1.00 21.46 ? 17   THR A CB  1 
ATOM   129  O  OG1 . THR A 1 17  ? 11.996  -1.975  -1.078  1.00 23.58 ? 17   THR A OG1 1 
ATOM   130  C  CG2 . THR A 1 17  ? 9.822   -2.664  -1.861  1.00 22.94 ? 17   THR A CG2 1 
ATOM   131  N  N   . ASN A 1 18  ? 11.116  -2.307  1.727   1.00 18.41 ? 18   ASN A N   1 
ATOM   132  C  CA  . ASN A 1 18  ? 10.555  -1.404  2.722   1.00 17.32 ? 18   ASN A CA  1 
ATOM   133  C  C   . ASN A 1 18  ? 10.902  0.037   2.369   1.00 16.86 ? 18   ASN A C   1 
ATOM   134  O  O   . ASN A 1 18  ? 10.785  0.940   3.200   1.00 16.22 ? 18   ASN A O   1 
ATOM   135  C  CB  . ASN A 1 18  ? 11.053  -1.752  4.134   1.00 17.88 ? 18   ASN A CB  1 
ATOM   136  C  CG  . ASN A 1 18  ? 12.550  -1.568  4.294   1.00 19.61 ? 18   ASN A CG  1 
ATOM   137  O  OD1 . ASN A 1 18  ? 13.207  -0.966  3.443   1.00 20.72 ? 18   ASN A OD1 1 
ATOM   138  N  ND2 . ASN A 1 18  ? 13.096  -2.073  5.396   1.00 22.67 ? 18   ASN A ND2 1 
ATOM   139  N  N   . ALA A 1 19  ? 11.321  0.258   1.128   1.00 18.09 ? 19   ALA A N   1 
ATOM   140  C  CA  . ALA A 1 19  ? 11.673  1.600   0.702   1.00 18.70 ? 19   ALA A CA  1 
ATOM   141  C  C   . ALA A 1 19  ? 11.464  1.812   -0.787  1.00 19.01 ? 19   ALA A C   1 
ATOM   142  O  O   . ALA A 1 19  ? 11.936  1.030   -1.610  1.00 19.99 ? 19   ALA A O   1 
ATOM   143  C  CB  . ALA A 1 19  ? 13.113  1.893   1.073   1.00 19.83 ? 19   ALA A CB  1 
ATOM   144  N  N   . ILE A 1 20  ? 10.729  2.866   -1.120  1.00 18.87 ? 20   ILE A N   1 
ATOM   145  C  CA  . ILE A 1 20  ? 10.465  3.212   -2.510  1.00 18.83 ? 20   ILE A CA  1 
ATOM   146  C  C   . ILE A 1 20  ? 10.851  4.659   -2.748  1.00 20.08 ? 20   ILE A C   1 
ATOM   147  O  O   . ILE A 1 20  ? 10.467  5.551   -1.995  1.00 19.50 ? 20   ILE A O   1 
ATOM   148  C  CB  . ILE A 1 20  ? 8.979   3.037   -2.869  1.00 19.30 ? 20   ILE A CB  1 
ATOM   149  C  CG1 . ILE A 1 20  ? 8.631   1.552   -2.859  1.00 19.74 ? 20   ILE A CG1 1 
ATOM   150  C  CG2 . ILE A 1 20  ? 8.697   3.654   -4.241  1.00 19.17 ? 20   ILE A CG2 1 
ATOM   151  C  CD1 . ILE A 1 20  ? 7.251   1.272   -3.311  1.00 22.05 ? 20   ILE A CD1 1 
ATOM   152  N  N   . THR A 1 21  ? 11.624  4.881   -3.800  1.00 21.95 ? 21   THR A N   1 
ATOM   153  C  CA  . THR A 1 21  ? 12.058  6.219   -4.145  1.00 23.19 ? 21   THR A CA  1 
ATOM   154  C  C   . THR A 1 21  ? 11.292  6.695   -5.366  1.00 23.22 ? 21   THR A C   1 
ATOM   155  O  O   . THR A 1 21  ? 11.189  5.975   -6.359  1.00 25.22 ? 21   THR A O   1 
ATOM   156  C  CB  . THR A 1 21  ? 13.557  6.236   -4.462  1.00 25.36 ? 21   THR A CB  1 
ATOM   157  O  OG1 . THR A 1 21  ? 14.298  5.909   -3.281  1.00 27.76 ? 21   THR A OG1 1 
ATOM   158  C  CG2 . THR A 1 21  ? 13.975  7.597   -4.961  1.00 28.05 ? 21   THR A CG2 1 
ATOM   159  N  N   . VAL A 1 22  ? 10.736  7.898   -5.278  1.00 23.86 ? 22   VAL A N   1 
ATOM   160  C  CA  . VAL A 1 22  ? 9.994   8.486   -6.385  1.00 24.53 ? 22   VAL A CA  1 
ATOM   161  C  C   . VAL A 1 22  ? 10.791  9.681   -6.889  1.00 26.53 ? 22   VAL A C   1 
ATOM   162  O  O   . VAL A 1 22  ? 10.981  10.658  -6.167  1.00 26.80 ? 22   VAL A O   1 
ATOM   163  C  CB  . VAL A 1 22  ? 8.599   8.971   -5.945  1.00 23.18 ? 22   VAL A CB  1 
ATOM   164  C  CG1 . VAL A 1 22  ? 7.925   9.713   -7.091  1.00 22.82 ? 22   VAL A CG1 1 
ATOM   165  C  CG2 . VAL A 1 22  ? 7.746   7.786   -5.502  1.00 22.53 ? 22   VAL A CG2 1 
ATOM   166  N  N   . ASP A 1 23  ? 11.259  9.603   -8.128  1.00 29.10 ? 23   ASP A N   1 
ATOM   167  C  CA  . ASP A 1 23  ? 12.040  10.689  -8.700  1.00 31.46 ? 23   ASP A CA  1 
ATOM   168  C  C   . ASP A 1 23  ? 11.149  11.917  -8.832  1.00 32.71 ? 23   ASP A C   1 
ATOM   169  O  O   . ASP A 1 23  ? 9.989   11.812  -9.233  1.00 31.92 ? 23   ASP A O   1 
ATOM   170  C  CB  . ASP A 1 23  ? 12.602  10.258  -10.056 1.00 34.00 ? 23   ASP A CB  1 
ATOM   171  C  CG  . ASP A 1 23  ? 13.857  11.025  -10.436 1.00 37.64 ? 23   ASP A CG  1 
ATOM   172  O  OD1 . ASP A 1 23  ? 14.779  10.429  -11.037 1.00 39.63 ? 23   ASP A OD1 1 
ATOM   173  O  OD2 . ASP A 1 23  ? 13.915  12.231  -10.138 1.00 39.81 ? 23   ASP A OD2 1 
ATOM   174  N  N   . LYS A 1 24  ? 11.695  13.078  -8.486  1.00 34.99 ? 24   LYS A N   1 
ATOM   175  C  CA  . LYS A 1 24  ? 10.947  14.325  -8.537  1.00 36.02 ? 24   LYS A CA  1 
ATOM   176  C  C   . LYS A 1 24  ? 10.500  14.688  -9.951  1.00 35.31 ? 24   LYS A C   1 
ATOM   177  O  O   . LYS A 1 24  ? 9.626   15.532  -10.126 1.00 35.60 ? 24   LYS A O   1 
ATOM   178  C  CB  . LYS A 1 24  ? 11.793  15.460  -7.947  1.00 39.27 ? 24   LYS A CB  1 
ATOM   179  C  CG  . LYS A 1 24  ? 11.035  16.412  -7.021  1.00 44.35 ? 24   LYS A CG  1 
ATOM   180  C  CD  . LYS A 1 24  ? 9.934   17.177  -7.745  1.00 47.01 ? 24   LYS A CD  1 
ATOM   181  C  CE  . LYS A 1 24  ? 9.285   18.200  -6.823  1.00 47.80 ? 24   LYS A CE  1 
ATOM   182  N  NZ  . LYS A 1 24  ? 8.226   18.993  -7.507  1.00 48.39 ? 24   LYS A NZ  1 
ATOM   183  N  N   . SER A 1 25  ? 11.093  14.046  -10.952 1.00 33.67 ? 25   SER A N   1 
ATOM   184  C  CA  . SER A 1 25  ? 10.730  14.322  -12.337 1.00 31.86 ? 25   SER A CA  1 
ATOM   185  C  C   . SER A 1 25  ? 9.448   13.586  -12.720 1.00 30.58 ? 25   SER A C   1 
ATOM   186  O  O   . SER A 1 25  ? 8.935   13.753  -13.825 1.00 28.72 ? 25   SER A O   1 
ATOM   187  C  CB  . SER A 1 25  ? 11.866  13.917  -13.281 1.00 32.64 ? 25   SER A CB  1 
ATOM   188  O  OG  . SER A 1 25  ? 12.084  12.519  -13.254 1.00 35.01 ? 25   SER A OG  1 
ATOM   189  N  N   . CYS A 1 26  ? 8.937   12.770  -11.805 1.00 26.93 ? 26   CYS A N   1 
ATOM   190  C  CA  . CYS A 1 26  ? 7.704   12.026  -12.045 1.00 25.27 ? 26   CYS A CA  1 
ATOM   191  C  C   . CYS A 1 26  ? 6.482   12.880  -11.712 1.00 25.20 ? 26   CYS A C   1 
ATOM   192  O  O   . CYS A 1 26  ? 6.438   13.524  -10.664 1.00 24.13 ? 26   CYS A O   1 
ATOM   193  C  CB  . CYS A 1 26  ? 7.663   10.766  -11.175 1.00 24.51 ? 26   CYS A CB  1 
ATOM   194  S  SG  . CYS A 1 26  ? 8.985   9.581   -11.454 1.00 25.30 ? 26   CYS A SG  1 
ATOM   195  N  N   . LYS A 1 27  ? 5.492   12.879  -12.600 1.00 23.38 ? 27   LYS A N   1 
ATOM   196  C  CA  . LYS A 1 27  ? 4.262   13.626  -12.377 1.00 22.87 ? 27   LYS A CA  1 
ATOM   197  C  C   . LYS A 1 27  ? 3.240   12.638  -11.824 1.00 22.50 ? 27   LYS A C   1 
ATOM   198  O  O   . LYS A 1 27  ? 2.336   13.012  -11.084 1.00 21.45 ? 27   LYS A O   1 
ATOM   199  C  CB  . LYS A 1 27  ? 3.753   14.235  -13.688 1.00 24.08 ? 27   LYS A CB  1 
ATOM   200  C  CG  . LYS A 1 27  ? 4.743   15.174  -14.369 1.00 28.35 ? 27   LYS A CG  1 
ATOM   201  C  CD  . LYS A 1 27  ? 5.125   16.335  -13.467 1.00 30.46 ? 27   LYS A CD  1 
ATOM   202  C  CE  . LYS A 1 27  ? 6.102   17.273  -14.159 1.00 32.02 ? 27   LYS A CE  1 
ATOM   203  N  NZ  . LYS A 1 27  ? 7.380   16.594  -14.520 1.00 33.08 ? 27   LYS A NZ  1 
ATOM   204  N  N   . GLN A 1 28  ? 3.386   11.372  -12.202 1.00 21.15 ? 28   GLN A N   1 
ATOM   205  C  CA  . GLN A 1 28  ? 2.494   10.320  -11.729 1.00 20.82 ? 28   GLN A CA  1 
ATOM   206  C  C   . GLN A 1 28  ? 3.378   9.117   -11.444 1.00 19.96 ? 28   GLN A C   1 
ATOM   207  O  O   . GLN A 1 28  ? 4.403   8.932   -12.103 1.00 19.70 ? 28   GLN A O   1 
ATOM   208  C  CB  . GLN A 1 28  ? 1.445   9.984   -12.795 1.00 23.60 ? 28   GLN A CB  1 
ATOM   209  C  CG  . GLN A 1 28  ? 2.014   9.408   -14.077 1.00 29.07 ? 28   GLN A CG  1 
ATOM   210  C  CD  . GLN A 1 28  ? 0.970   9.287   -15.163 1.00 31.77 ? 28   GLN A CD  1 
ATOM   211  O  OE1 . GLN A 1 28  ? 0.799   8.225   -15.762 1.00 33.14 ? 28   GLN A OE1 1 
ATOM   212  N  NE2 . GLN A 1 28  ? 0.265   10.378  -15.428 1.00 33.69 ? 28   GLN A NE2 1 
ATOM   213  N  N   . PHE A 1 29  ? 3.000   8.311   -10.457 1.00 17.24 ? 29   PHE A N   1 
ATOM   214  C  CA  . PHE A 1 29  ? 3.788   7.140   -10.086 1.00 15.63 ? 29   PHE A CA  1 
ATOM   215  C  C   . PHE A 1 29  ? 2.881   5.916   -10.025 1.00 14.67 ? 29   PHE A C   1 
ATOM   216  O  O   . PHE A 1 29  ? 1.749   5.997   -9.551  1.00 15.19 ? 29   PHE A O   1 
ATOM   217  C  CB  . PHE A 1 29  ? 4.448   7.365   -8.714  1.00 15.25 ? 29   PHE A CB  1 
ATOM   218  C  CG  . PHE A 1 29  ? 5.529   6.372   -8.388  1.00 15.74 ? 29   PHE A CG  1 
ATOM   219  C  CD1 . PHE A 1 29  ? 6.786   6.486   -8.966  1.00 15.04 ? 29   PHE A CD1 1 
ATOM   220  C  CD2 . PHE A 1 29  ? 5.285   5.314   -7.516  1.00 15.98 ? 29   PHE A CD2 1 
ATOM   221  C  CE1 . PHE A 1 29  ? 7.789   5.563   -8.681  1.00 16.28 ? 29   PHE A CE1 1 
ATOM   222  C  CE2 . PHE A 1 29  ? 6.280   4.383   -7.222  1.00 14.94 ? 29   PHE A CE2 1 
ATOM   223  C  CZ  . PHE A 1 29  ? 7.534   4.507   -7.805  1.00 15.39 ? 29   PHE A CZ  1 
ATOM   224  N  N   . THR A 1 30  ? 3.378   4.780   -10.507 1.00 14.96 ? 30   THR A N   1 
ATOM   225  C  CA  . THR A 1 30  ? 2.580   3.559   -10.515 1.00 14.76 ? 30   THR A CA  1 
ATOM   226  C  C   . THR A 1 30  ? 3.192   2.436   -9.689  1.00 14.52 ? 30   THR A C   1 
ATOM   227  O  O   . THR A 1 30  ? 4.394   2.180   -9.758  1.00 14.73 ? 30   THR A O   1 
ATOM   228  C  CB  . THR A 1 30  ? 2.387   3.050   -11.960 1.00 16.26 ? 30   THR A CB  1 
ATOM   229  O  OG1 . THR A 1 30  ? 1.741   4.069   -12.729 1.00 16.68 ? 30   THR A OG1 1 
ATOM   230  C  CG2 . THR A 1 30  ? 1.539   1.775   -11.989 1.00 17.72 ? 30   THR A CG2 1 
ATOM   231  N  N   . VAL A 1 31  ? 2.345   1.772   -8.909  1.00 14.83 ? 31   VAL A N   1 
ATOM   232  C  CA  . VAL A 1 31  ? 2.761   0.648   -8.080  1.00 15.12 ? 31   VAL A CA  1 
ATOM   233  C  C   . VAL A 1 31  ? 2.021   -0.590  -8.578  1.00 15.83 ? 31   VAL A C   1 
ATOM   234  O  O   . VAL A 1 31  ? 0.791   -0.604  -8.638  1.00 15.88 ? 31   VAL A O   1 
ATOM   235  C  CB  . VAL A 1 31  ? 2.411   0.884   -6.596  1.00 16.78 ? 31   VAL A CB  1 
ATOM   236  C  CG1 . VAL A 1 31  ? 2.825   -0.321  -5.757  1.00 15.61 ? 31   VAL A CG1 1 
ATOM   237  C  CG2 . VAL A 1 31  ? 3.115   2.138   -6.098  1.00 17.48 ? 31   VAL A CG2 1 
ATOM   238  N  N   . ASN A 1 32  ? 2.780   -1.615  -8.948  1.00 16.00 ? 32   ASN A N   1 
ATOM   239  C  CA  . ASN A 1 32  ? 2.205   -2.864  -9.437  1.00 15.62 ? 32   ASN A CA  1 
ATOM   240  C  C   . ASN A 1 32  ? 2.370   -3.917  -8.347  1.00 14.84 ? 32   ASN A C   1 
ATOM   241  O  O   . ASN A 1 32  ? 3.479   -4.386  -8.095  1.00 15.75 ? 32   ASN A O   1 
ATOM   242  C  CB  . ASN A 1 32  ? 2.923   -3.313  -10.713 1.00 16.88 ? 32   ASN A CB  1 
ATOM   243  C  CG  . ASN A 1 32  ? 2.857   -2.268  -11.812 1.00 18.10 ? 32   ASN A CG  1 
ATOM   244  O  OD1 . ASN A 1 32  ? 1.772   -1.852  -12.218 1.00 19.78 ? 32   ASN A OD1 1 
ATOM   245  N  ND2 . ASN A 1 32  ? 4.016   -1.834  -12.295 1.00 19.81 ? 32   ASN A ND2 1 
ATOM   246  N  N   . LEU A 1 33  ? 1.262   -4.283  -7.710  1.00 15.05 ? 33   LEU A N   1 
ATOM   247  C  CA  . LEU A 1 33  ? 1.271   -5.265  -6.631  1.00 15.15 ? 33   LEU A CA  1 
ATOM   248  C  C   . LEU A 1 33  ? 0.936   -6.688  -7.087  1.00 15.61 ? 33   LEU A C   1 
ATOM   249  O  O   . LEU A 1 33  ? 0.012   -6.899  -7.876  1.00 15.60 ? 33   LEU A O   1 
ATOM   250  C  CB  . LEU A 1 33  ? 0.272   -4.851  -5.542  1.00 15.49 ? 33   LEU A CB  1 
ATOM   251  C  CG  . LEU A 1 33  ? 0.239   -5.745  -4.301  1.00 15.62 ? 33   LEU A CG  1 
ATOM   252  C  CD1 . LEU A 1 33  ? 1.524   -5.565  -3.510  1.00 16.65 ? 33   LEU A CD1 1 
ATOM   253  C  CD2 . LEU A 1 33  ? -0.974  -5.394  -3.449  1.00 15.12 ? 33   LEU A CD2 1 
ATOM   254  N  N   . SER A 1 34  ? 1.703   -7.658  -6.597  1.00 14.98 ? 34   SER A N   1 
ATOM   255  C  CA  . SER A 1 34  ? 1.452   -9.062  -6.904  1.00 15.30 ? 34   SER A CA  1 
ATOM   256  C  C   . SER A 1 34  ? 1.555   -9.851  -5.603  1.00 15.10 ? 34   SER A C   1 
ATOM   257  O  O   . SER A 1 34  ? 2.035   -9.333  -4.582  1.00 14.90 ? 34   SER A O   1 
ATOM   258  C  CB  . SER A 1 34  ? 2.437   -9.600  -7.953  1.00 16.89 ? 34   SER A CB  1 
ATOM   259  O  OG  . SER A 1 34  ? 3.773   -9.541  -7.502  1.00 19.07 ? 34   SER A OG  1 
ATOM   260  N  N   . HIS A 1 35  ? 1.114   -11.102 -5.628  1.00 15.92 ? 35   HIS A N   1 
ATOM   261  C  CA  . HIS A 1 35  ? 1.109   -11.909 -4.414  1.00 16.08 ? 35   HIS A CA  1 
ATOM   262  C  C   . HIS A 1 35  ? 1.649   -13.312 -4.610  1.00 17.33 ? 35   HIS A C   1 
ATOM   263  O  O   . HIS A 1 35  ? 0.884   -14.247 -4.816  1.00 17.19 ? 35   HIS A O   1 
ATOM   264  C  CB  . HIS A 1 35  ? -0.325  -12.003 -3.866  1.00 15.72 ? 35   HIS A CB  1 
ATOM   265  C  CG  . HIS A 1 35  ? -0.441  -12.626 -2.500  1.00 15.72 ? 35   HIS A CG  1 
ATOM   266  N  ND1 . HIS A 1 35  ? 0.348   -13.680 -2.082  1.00 15.93 ? 35   HIS A ND1 1 
ATOM   267  C  CD2 . HIS A 1 35  ? -1.308  -12.386 -1.488  1.00 17.23 ? 35   HIS A CD2 1 
ATOM   268  C  CE1 . HIS A 1 35  ? -0.031  -14.058 -0.874  1.00 16.79 ? 35   HIS A CE1 1 
ATOM   269  N  NE2 . HIS A 1 35  ? -1.037  -13.291 -0.489  1.00 16.31 ? 35   HIS A NE2 1 
ATOM   270  N  N   . PRO A 1 36  ? 2.977   -13.476 -4.579  1.00 17.68 ? 36   PRO A N   1 
ATOM   271  C  CA  . PRO A 1 36  ? 3.464   -14.844 -4.750  1.00 18.82 ? 36   PRO A CA  1 
ATOM   272  C  C   . PRO A 1 36  ? 3.035   -15.645 -3.522  1.00 19.41 ? 36   PRO A C   1 
ATOM   273  O  O   . PRO A 1 36  ? 2.761   -15.073 -2.461  1.00 19.53 ? 36   PRO A O   1 
ATOM   274  C  CB  . PRO A 1 36  ? 4.978   -14.667 -4.859  1.00 20.53 ? 36   PRO A CB  1 
ATOM   275  C  CG  . PRO A 1 36  ? 5.243   -13.411 -4.117  1.00 22.61 ? 36   PRO A CG  1 
ATOM   276  C  CD  . PRO A 1 36  ? 4.089   -12.517 -4.507  1.00 20.00 ? 36   PRO A CD  1 
ATOM   277  N  N   . GLY A 1 37  ? 2.967   -16.962 -3.665  1.00 18.75 ? 37   GLY A N   1 
ATOM   278  C  CA  . GLY A 1 37  ? 2.536   -17.804 -2.565  1.00 17.41 ? 37   GLY A CA  1 
ATOM   279  C  C   . GLY A 1 37  ? 1.297   -18.587 -2.953  1.00 16.90 ? 37   GLY A C   1 
ATOM   280  O  O   . GLY A 1 37  ? 0.893   -18.583 -4.121  1.00 17.62 ? 37   GLY A O   1 
ATOM   281  N  N   . ASN A 1 38  ? 0.682   -19.247 -1.975  1.00 17.46 ? 38   ASN A N   1 
ATOM   282  C  CA  . ASN A 1 38  ? -0.505  -20.063 -2.221  1.00 17.60 ? 38   ASN A CA  1 
ATOM   283  C  C   . ASN A 1 38  ? -1.726  -19.698 -1.395  1.00 17.68 ? 38   ASN A C   1 
ATOM   284  O  O   . ASN A 1 38  ? -2.831  -20.148 -1.689  1.00 18.50 ? 38   ASN A O   1 
ATOM   285  C  CB  . ASN A 1 38  ? -0.175  -21.537 -1.958  1.00 16.65 ? 38   ASN A CB  1 
ATOM   286  C  CG  . ASN A 1 38  ? 0.958   -22.037 -2.818  1.00 17.66 ? 38   ASN A CG  1 
ATOM   287  O  OD1 . ASN A 1 38  ? 0.928   -21.896 -4.037  1.00 16.94 ? 38   ASN A OD1 1 
ATOM   288  N  ND2 . ASN A 1 38  ? 1.975   -22.626 -2.186  1.00 17.74 ? 38   ASN A ND2 1 
ATOM   289  N  N   . LEU A 1 39  ? -1.536  -18.885 -0.363  1.00 17.82 ? 39   LEU A N   1 
ATOM   290  C  CA  . LEU A 1 39  ? -2.642  -18.525 0.512   1.00 18.31 ? 39   LEU A CA  1 
ATOM   291  C  C   . LEU A 1 39  ? -3.681  -17.591 -0.108  1.00 18.10 ? 39   LEU A C   1 
ATOM   292  O  O   . LEU A 1 39  ? -3.348  -16.680 -0.868  1.00 18.32 ? 39   LEU A O   1 
ATOM   293  C  CB  . LEU A 1 39  ? -2.090  -17.937 1.812   1.00 18.33 ? 39   LEU A CB  1 
ATOM   294  C  CG  . LEU A 1 39  ? -1.284  -18.903 2.687   1.00 18.19 ? 39   LEU A CG  1 
ATOM   295  C  CD1 . LEU A 1 39  ? -0.757  -18.167 3.913   1.00 18.30 ? 39   LEU A CD1 1 
ATOM   296  C  CD2 . LEU A 1 39  ? -2.163  -20.070 3.116   1.00 18.82 ? 39   LEU A CD2 1 
ATOM   297  N  N   . PRO A 1 40  ? -4.969  -17.827 0.208   1.00 19.51 ? 40   PRO A N   1 
ATOM   298  C  CA  . PRO A 1 40  ? -6.088  -17.024 -0.299  1.00 20.20 ? 40   PRO A CA  1 
ATOM   299  C  C   . PRO A 1 40  ? -6.232  -15.687 0.424   1.00 21.82 ? 40   PRO A C   1 
ATOM   300  O  O   . PRO A 1 40  ? -5.623  -15.476 1.474   1.00 21.63 ? 40   PRO A O   1 
ATOM   301  C  CB  . PRO A 1 40  ? -7.289  -17.934 -0.066  1.00 19.56 ? 40   PRO A CB  1 
ATOM   302  C  CG  . PRO A 1 40  ? -6.931  -18.601 1.222   1.00 19.58 ? 40   PRO A CG  1 
ATOM   303  C  CD  . PRO A 1 40  ? -5.459  -18.936 1.046   1.00 19.24 ? 40   PRO A CD  1 
ATOM   304  N  N   . LYS A 1 41  ? -7.055  -14.800 -0.135  1.00 24.87 ? 41   LYS A N   1 
ATOM   305  C  CA  . LYS A 1 41  ? -7.293  -13.469 0.425   1.00 26.61 ? 41   LYS A CA  1 
ATOM   306  C  C   . LYS A 1 41  ? -7.713  -13.433 1.900   1.00 26.49 ? 41   LYS A C   1 
ATOM   307  O  O   . LYS A 1 41  ? -7.269  -12.557 2.642   1.00 26.86 ? 41   LYS A O   1 
ATOM   308  C  CB  . LYS A 1 41  ? -8.362  -12.726 -0.387  1.00 30.29 ? 41   LYS A CB  1 
ATOM   309  C  CG  . LYS A 1 41  ? -8.027  -12.509 -1.845  1.00 36.21 ? 41   LYS A CG  1 
ATOM   310  C  CD  . LYS A 1 41  ? -8.174  -11.040 -2.217  1.00 39.20 ? 41   LYS A CD  1 
ATOM   311  C  CE  . LYS A 1 41  ? -9.537  -10.470 -1.821  1.00 40.37 ? 41   LYS A CE  1 
ATOM   312  N  NZ  . LYS A 1 41  ? -10.666 -11.074 -2.580  1.00 41.28 ? 41   LYS A NZ  1 
ATOM   313  N  N   . ASN A 1 42  ? -8.562  -14.371 2.318   1.00 26.84 ? 42   ASN A N   1 
ATOM   314  C  CA  . ASN A 1 42  ? -9.031  -14.399 3.709   1.00 25.77 ? 42   ASN A CA  1 
ATOM   315  C  C   . ASN A 1 42  ? -7.965  -14.721 4.745   1.00 26.16 ? 42   ASN A C   1 
ATOM   316  O  O   . ASN A 1 42  ? -7.998  -14.204 5.863   1.00 25.43 ? 42   ASN A O   1 
ATOM   317  C  CB  . ASN A 1 42  ? -10.197 -15.388 3.868   1.00 26.46 ? 42   ASN A CB  1 
ATOM   318  C  CG  . ASN A 1 42  ? -9.853  -16.788 3.405   1.00 26.34 ? 42   ASN A CG  1 
ATOM   319  O  OD1 . ASN A 1 42  ? -9.686  -17.032 2.213   1.00 26.15 ? 42   ASN A OD1 1 
ATOM   320  N  ND2 . ASN A 1 42  ? -9.740  -17.714 4.349   1.00 26.49 ? 42   ASN A ND2 1 
ATOM   321  N  N   . VAL A 1 43  ? -7.014  -15.566 4.381   1.00 23.20 ? 43   VAL A N   1 
ATOM   322  C  CA  . VAL A 1 43  ? -5.954  -15.932 5.307   1.00 22.44 ? 43   VAL A CA  1 
ATOM   323  C  C   . VAL A 1 43  ? -4.754  -14.996 5.194   1.00 21.51 ? 43   VAL A C   1 
ATOM   324  O  O   . VAL A 1 43  ? -4.141  -14.631 6.200   1.00 21.43 ? 43   VAL A O   1 
ATOM   325  C  CB  . VAL A 1 43  ? -5.468  -17.382 5.044   1.00 22.90 ? 43   VAL A CB  1 
ATOM   326  C  CG1 . VAL A 1 43  ? -4.251  -17.694 5.902   1.00 23.83 ? 43   VAL A CG1 1 
ATOM   327  C  CG2 . VAL A 1 43  ? -6.600  -18.362 5.323   1.00 25.25 ? 43   VAL A CG2 1 
ATOM   328  N  N   . MET A 1 44  ? -4.438  -14.599 3.965   1.00 19.02 ? 44   MET A N   1 
ATOM   329  C  CA  . MET A 1 44  ? -3.269  -13.763 3.726   1.00 18.28 ? 44   MET A CA  1 
ATOM   330  C  C   . MET A 1 44  ? -3.465  -12.747 2.602   1.00 18.15 ? 44   MET A C   1 
ATOM   331  O  O   . MET A 1 44  ? -2.653  -12.667 1.682   1.00 18.71 ? 44   MET A O   1 
ATOM   332  C  CB  . MET A 1 44  ? -2.078  -14.675 3.411   1.00 18.79 ? 44   MET A CB  1 
ATOM   333  C  CG  . MET A 1 44  ? -0.730  -13.983 3.344   1.00 19.95 ? 44   MET A CG  1 
ATOM   334  S  SD  . MET A 1 44  ? -0.197  -13.329 4.931   1.00 20.61 ? 44   MET A SD  1 
ATOM   335  C  CE  . MET A 1 44  ? 0.144   -14.889 5.827   1.00 22.26 ? 44   MET A CE  1 
ATOM   336  N  N   . GLY A 1 45  ? -4.536  -11.964 2.681   1.00 17.16 ? 45   GLY A N   1 
ATOM   337  C  CA  . GLY A 1 45  ? -4.782  -10.969 1.658   1.00 16.57 ? 45   GLY A CA  1 
ATOM   338  C  C   . GLY A 1 45  ? -3.854  -9.788  1.841   1.00 15.56 ? 45   GLY A C   1 
ATOM   339  O  O   . GLY A 1 45  ? -3.505  -9.449  2.969   1.00 15.77 ? 45   GLY A O   1 
ATOM   340  N  N   . HIS A 1 46  ? -3.434  -9.178  0.733   1.00 15.33 ? 46   HIS A N   1 
ATOM   341  C  CA  . HIS A 1 46  ? -2.550  -8.018  0.807   1.00 14.77 ? 46   HIS A CA  1 
ATOM   342  C  C   . HIS A 1 46  ? -3.000  -6.854  -0.053  1.00 14.76 ? 46   HIS A C   1 
ATOM   343  O  O   . HIS A 1 46  ? -3.538  -7.037  -1.145  1.00 15.08 ? 46   HIS A O   1 
ATOM   344  C  CB  . HIS A 1 46  ? -1.124  -8.353  0.352   1.00 14.84 ? 46   HIS A CB  1 
ATOM   345  C  CG  . HIS A 1 46  ? -0.428  -9.380  1.184   1.00 15.65 ? 46   HIS A CG  1 
ATOM   346  N  ND1 . HIS A 1 46  ? -0.370  -9.315  2.560   1.00 14.57 ? 46   HIS A ND1 1 
ATOM   347  C  CD2 . HIS A 1 46  ? 0.295   -10.470 0.830   1.00 16.22 ? 46   HIS A CD2 1 
ATOM   348  C  CE1 . HIS A 1 46  ? 0.358   -10.316 3.015   1.00 16.13 ? 46   HIS A CE1 1 
ATOM   349  N  NE2 . HIS A 1 46  ? 0.775   -11.033 1.986   1.00 15.61 ? 46   HIS A NE2 1 
ATOM   350  N  N   . ASN A 1 47  ? -2.790  -5.647  0.452   1.00 14.52 ? 47   ASN A N   1 
ATOM   351  C  CA  . ASN A 1 47  ? -3.070  -4.468  -0.345  1.00 14.37 ? 47   ASN A CA  1 
ATOM   352  C  C   . ASN A 1 47  ? -1.896  -3.513  -0.191  1.00 14.93 ? 47   ASN A C   1 
ATOM   353  O  O   . ASN A 1 47  ? -0.992  -3.754  0.616   1.00 14.88 ? 47   ASN A O   1 
ATOM   354  C  CB  . ASN A 1 47  ? -4.403  -3.779  0.027   1.00 15.19 ? 47   ASN A CB  1 
ATOM   355  C  CG  . ASN A 1 47  ? -4.494  -3.345  1.495   1.00 14.40 ? 47   ASN A CG  1 
ATOM   356  O  OD1 . ASN A 1 47  ? -3.500  -3.181  2.193   1.00 15.95 ? 47   ASN A OD1 1 
ATOM   357  N  ND2 . ASN A 1 47  ? -5.731  -3.128  1.952   1.00 15.90 ? 47   ASN A ND2 1 
ATOM   358  N  N   . TRP A 1 48  ? -1.886  -2.461  -0.999  1.00 14.98 ? 48   TRP A N   1 
ATOM   359  C  CA  . TRP A 1 48  ? -0.844  -1.445  -0.933  1.00 15.32 ? 48   TRP A CA  1 
ATOM   360  C  C   . TRP A 1 48  ? -1.582  -0.144  -0.679  1.00 15.52 ? 48   TRP A C   1 
ATOM   361  O  O   . TRP A 1 48  ? -2.360  0.302   -1.520  1.00 15.67 ? 48   TRP A O   1 
ATOM   362  C  CB  . TRP A 1 48  ? -0.079  -1.359  -2.250  1.00 18.48 ? 48   TRP A CB  1 
ATOM   363  C  CG  . TRP A 1 48  ? 0.901   -0.232  -2.302  1.00 21.84 ? 48   TRP A CG  1 
ATOM   364  C  CD1 . TRP A 1 48  ? 0.633   1.083   -2.556  1.00 22.30 ? 48   TRP A CD1 1 
ATOM   365  C  CD2 . TRP A 1 48  ? 2.310   -0.322  -2.096  1.00 23.23 ? 48   TRP A CD2 1 
ATOM   366  N  NE1 . TRP A 1 48  ? 1.793   1.821   -2.539  1.00 23.87 ? 48   TRP A NE1 1 
ATOM   367  C  CE2 . TRP A 1 48  ? 2.837   0.981   -2.257  1.00 24.57 ? 48   TRP A CE2 1 
ATOM   368  C  CE3 . TRP A 1 48  ? 3.181   -1.374  -1.809  1.00 26.39 ? 48   TRP A CE3 1 
ATOM   369  C  CZ2 . TRP A 1 48  ? 4.181   1.255   -2.136  1.00 26.80 ? 48   TRP A CZ2 1 
ATOM   370  C  CZ3 . TRP A 1 48  ? 4.527   -1.096  -1.681  1.00 26.82 ? 48   TRP A CZ3 1 
ATOM   371  C  CH2 . TRP A 1 48  ? 5.011   0.208   -1.848  1.00 27.57 ? 48   TRP A CH2 1 
ATOM   372  N  N   . VAL A 1 49  ? -1.333  0.449   0.486   1.00 14.34 ? 49   VAL A N   1 
ATOM   373  C  CA  . VAL A 1 49  ? -1.986  1.696   0.885   1.00 14.54 ? 49   VAL A CA  1 
ATOM   374  C  C   . VAL A 1 49  ? -0.933  2.740   1.244   1.00 14.63 ? 49   VAL A C   1 
ATOM   375  O  O   . VAL A 1 49  ? 0.042   2.438   1.935   1.00 14.43 ? 49   VAL A O   1 
ATOM   376  C  CB  . VAL A 1 49  ? -2.913  1.441   2.099   1.00 14.05 ? 49   VAL A CB  1 
ATOM   377  C  CG1 . VAL A 1 49  ? -3.657  2.715   2.475   1.00 14.39 ? 49   VAL A CG1 1 
ATOM   378  C  CG2 . VAL A 1 49  ? -3.902  0.323   1.768   1.00 14.78 ? 49   VAL A CG2 1 
ATOM   379  N  N   . LEU A 1 50  ? -1.150  3.969   0.783   1.00 13.85 ? 50   LEU A N   1 
ATOM   380  C  CA  . LEU A 1 50  ? -0.211  5.062   1.008   1.00 13.76 ? 50   LEU A CA  1 
ATOM   381  C  C   . LEU A 1 50  ? -0.854  6.235   1.744   1.00 13.53 ? 50   LEU A C   1 
ATOM   382  O  O   . LEU A 1 50  ? -1.917  6.710   1.357   1.00 13.52 ? 50   LEU A O   1 
ATOM   383  C  CB  . LEU A 1 50  ? 0.332   5.538   -0.350  1.00 15.95 ? 50   LEU A CB  1 
ATOM   384  C  CG  . LEU A 1 50  ? 1.409   6.623   -0.428  1.00 17.34 ? 50   LEU A CG  1 
ATOM   385  C  CD1 . LEU A 1 50  ? 2.706   6.115   0.188   1.00 19.76 ? 50   LEU A CD1 1 
ATOM   386  C  CD2 . LEU A 1 50  ? 1.629   7.023   -1.890  1.00 18.59 ? 50   LEU A CD2 1 
ATOM   387  N  N   . SER A 1 51  ? -0.203  6.688   2.814   1.00 13.72 ? 51   SER A N   1 
ATOM   388  C  CA  . SER A 1 51  ? -0.686  7.831   3.588   1.00 13.67 ? 51   SER A CA  1 
ATOM   389  C  C   . SER A 1 51  ? 0.504   8.509   4.264   1.00 14.45 ? 51   SER A C   1 
ATOM   390  O  O   . SER A 1 51  ? 1.643   8.063   4.137   1.00 14.14 ? 51   SER A O   1 
ATOM   391  C  CB  . SER A 1 51  ? -1.673  7.377   4.671   1.00 14.22 ? 51   SER A CB  1 
ATOM   392  O  OG  . SER A 1 51  ? -0.993  6.777   5.769   1.00 13.82 ? 51   SER A OG  1 
ATOM   393  N  N   . THR A 1 52  ? 0.245   9.604   4.968   1.00 15.13 ? 52   THR A N   1 
ATOM   394  C  CA  . THR A 1 52  ? 1.327   10.252  5.692   1.00 14.63 ? 52   THR A CA  1 
ATOM   395  C  C   . THR A 1 52  ? 1.590   9.376   6.915   1.00 14.39 ? 52   THR A C   1 
ATOM   396  O  O   . THR A 1 52  ? 0.740   8.572   7.322   1.00 14.28 ? 52   THR A O   1 
ATOM   397  C  CB  . THR A 1 52  ? 0.936   11.641  6.206   1.00 14.83 ? 52   THR A CB  1 
ATOM   398  O  OG1 . THR A 1 52  ? -0.183  11.518  7.090   1.00 15.32 ? 52   THR A OG1 1 
ATOM   399  C  CG2 . THR A 1 52  ? 0.589   12.561  5.044   1.00 16.03 ? 52   THR A CG2 1 
ATOM   400  N  N   . ALA A 1 53  ? 2.773   9.530   7.494   1.00 15.41 ? 53   ALA A N   1 
ATOM   401  C  CA  . ALA A 1 53  ? 3.136   8.769   8.680   1.00 15.11 ? 53   ALA A CA  1 
ATOM   402  C  C   . ALA A 1 53  ? 2.121   9.028   9.799   1.00 15.70 ? 53   ALA A C   1 
ATOM   403  O  O   . ALA A 1 53  ? 1.684   8.105   10.484  1.00 16.18 ? 53   ALA A O   1 
ATOM   404  C  CB  . ALA A 1 53  ? 4.538   9.173   9.138   1.00 16.27 ? 53   ALA A CB  1 
ATOM   405  N  N   . ALA A 1 54  ? 1.742   10.290  9.977   1.00 16.81 ? 54   ALA A N   1 
ATOM   406  C  CA  . ALA A 1 54  ? 0.790   10.652  11.020  1.00 17.09 ? 54   ALA A CA  1 
ATOM   407  C  C   . ALA A 1 54  ? -0.581  9.974   10.885  1.00 17.38 ? 54   ALA A C   1 
ATOM   408  O  O   . ALA A 1 54  ? -1.245  9.705   11.888  1.00 18.22 ? 54   ALA A O   1 
ATOM   409  C  CB  . ALA A 1 54  ? 0.624   12.171  11.056  1.00 17.78 ? 54   ALA A CB  1 
ATOM   410  N  N   . ASP A 1 55  ? -0.992  9.686   9.651   1.00 16.17 ? 55   ASP A N   1 
ATOM   411  C  CA  . ASP A 1 55  ? -2.296  9.070   9.408   1.00 16.46 ? 55   ASP A CA  1 
ATOM   412  C  C   . ASP A 1 55  ? -2.296  7.545   9.332   1.00 16.01 ? 55   ASP A C   1 
ATOM   413  O  O   . ASP A 1 55  ? -3.358  6.932   9.361   1.00 16.41 ? 55   ASP A O   1 
ATOM   414  C  CB  . ASP A 1 55  ? -2.908  9.613   8.106   1.00 16.89 ? 55   ASP A CB  1 
ATOM   415  C  CG  . ASP A 1 55  ? -3.341  11.067  8.215   1.00 18.95 ? 55   ASP A CG  1 
ATOM   416  O  OD1 . ASP A 1 55  ? -3.692  11.509  9.328   1.00 20.28 ? 55   ASP A OD1 1 
ATOM   417  O  OD2 . ASP A 1 55  ? -3.352  11.764  7.177   1.00 18.49 ? 55   ASP A OD2 1 
ATOM   418  N  N   . MET A 1 56  ? -1.116  6.936   9.246   1.00 16.09 ? 56   MET A N   1 
ATOM   419  C  CA  . MET A 1 56  ? -1.027  5.483   9.115   1.00 16.40 ? 56   MET A CA  1 
ATOM   420  C  C   . MET A 1 56  ? -1.816  4.665   10.124  1.00 17.18 ? 56   MET A C   1 
ATOM   421  O  O   . MET A 1 56  ? -2.597  3.795   9.744   1.00 16.83 ? 56   MET A O   1 
ATOM   422  C  CB  . MET A 1 56  ? 0.430   5.022   9.158   1.00 16.76 ? 56   MET A CB  1 
ATOM   423  C  CG  . MET A 1 56  ? 0.586   3.523   8.923   1.00 17.73 ? 56   MET A CG  1 
ATOM   424  S  SD  . MET A 1 56  ? 2.300   3.017   8.830   1.00 18.98 ? 56   MET A SD  1 
ATOM   425  C  CE  . MET A 1 56  ? 2.188   1.332   9.419   0.28 18.38 ? 56   MET A CE  1 
ATOM   426  N  N   . GLN A 1 57  ? -1.600  4.925   11.409  1.00 18.17 ? 57   GLN A N   1 
ATOM   427  C  CA  . GLN A 1 57  ? -2.301  4.171   12.441  1.00 18.34 ? 57   GLN A CA  1 
ATOM   428  C  C   . GLN A 1 57  ? -3.815  4.262   12.293  1.00 18.01 ? 57   GLN A C   1 
ATOM   429  O  O   . GLN A 1 57  ? -4.510  3.254   12.396  1.00 17.58 ? 57   GLN A O   1 
ATOM   430  C  CB  . GLN A 1 57  ? -1.901  4.663   13.832  1.00 21.41 ? 57   GLN A CB  1 
ATOM   431  C  CG  . GLN A 1 57  ? -2.487  3.834   14.970  1.00 26.57 ? 57   GLN A CG  1 
ATOM   432  C  CD  . GLN A 1 57  ? -2.134  2.359   14.862  1.00 29.67 ? 57   GLN A CD  1 
ATOM   433  O  OE1 . GLN A 1 57  ? -2.890  1.558   14.304  1.00 31.49 ? 57   GLN A OE1 1 
ATOM   434  N  NE2 . GLN A 1 57  ? -0.970  1.996   15.383  1.00 30.53 ? 57   GLN A NE2 1 
ATOM   435  N  N   . GLY A 1 58  ? -4.320  5.470   12.053  1.00 18.66 ? 58   GLY A N   1 
ATOM   436  C  CA  . GLY A 1 58  ? -5.753  5.651   11.900  1.00 17.15 ? 58   GLY A CA  1 
ATOM   437  C  C   . GLY A 1 58  ? -6.300  4.902   10.700  1.00 16.93 ? 58   GLY A C   1 
ATOM   438  O  O   . GLY A 1 58  ? -7.384  4.320   10.755  1.00 16.99 ? 58   GLY A O   1 
ATOM   439  N  N   . VAL A 1 59  ? -5.550  4.913   9.604   1.00 16.27 ? 59   VAL A N   1 
ATOM   440  C  CA  . VAL A 1 59  ? -5.996  4.212   8.403   1.00 16.16 ? 59   VAL A CA  1 
ATOM   441  C  C   . VAL A 1 59  ? -6.026  2.705   8.645   1.00 16.44 ? 59   VAL A C   1 
ATOM   442  O  O   . VAL A 1 59  ? -6.962  2.011   8.228   1.00 16.61 ? 59   VAL A O   1 
ATOM   443  C  CB  . VAL A 1 59  ? -5.071  4.532   7.202   1.00 14.96 ? 59   VAL A CB  1 
ATOM   444  C  CG1 . VAL A 1 59  ? -5.453  3.673   6.004   1.00 15.94 ? 59   VAL A CG1 1 
ATOM   445  C  CG2 . VAL A 1 59  ? -5.197  6.009   6.839   1.00 16.49 ? 59   VAL A CG2 1 
ATOM   446  N  N   . VAL A 1 60  ? -5.005  2.197   9.323   1.00 15.98 ? 60   VAL A N   1 
ATOM   447  C  CA  . VAL A 1 60  ? -4.933  0.771   9.623   1.00 16.16 ? 60   VAL A CA  1 
ATOM   448  C  C   . VAL A 1 60  ? -6.051  0.334   10.574  1.00 16.98 ? 60   VAL A C   1 
ATOM   449  O  O   . VAL A 1 60  ? -6.730  -0.667  10.337  1.00 16.34 ? 60   VAL A O   1 
ATOM   450  C  CB  . VAL A 1 60  ? -3.570  0.416   10.250  1.00 16.66 ? 60   VAL A CB  1 
ATOM   451  C  CG1 . VAL A 1 60  ? -3.561  -1.036  10.696  1.00 17.21 ? 60   VAL A CG1 1 
ATOM   452  C  CG2 . VAL A 1 60  ? -2.463  0.648   9.241   1.00 16.70 ? 60   VAL A CG2 1 
ATOM   453  N  N   . THR A 1 61  ? -6.236  1.084   11.654  1.00 18.07 ? 61   THR A N   1 
ATOM   454  C  CA  . THR A 1 61  ? -7.269  0.756   12.627  1.00 18.53 ? 61   THR A CA  1 
ATOM   455  C  C   . THR A 1 61  ? -8.669  0.804   12.031  1.00 18.46 ? 61   THR A C   1 
ATOM   456  O  O   . THR A 1 61  ? -9.467  -0.105  12.252  1.00 18.74 ? 61   THR A O   1 
ATOM   457  C  CB  . THR A 1 61  ? -7.200  1.706   13.829  1.00 19.10 ? 61   THR A CB  1 
ATOM   458  O  OG1 . THR A 1 61  ? -5.959  1.502   14.510  1.00 22.29 ? 61   THR A OG1 1 
ATOM   459  C  CG2 . THR A 1 61  ? -8.358  1.448   14.791  1.00 21.57 ? 61   THR A CG2 1 
ATOM   460  N  N   . ASP A 1 62  ? -8.977  1.859   11.280  1.00 19.37 ? 62   ASP A N   1 
ATOM   461  C  CA  . ASP A 1 62  ? -10.300 1.960   10.670  1.00 19.83 ? 62   ASP A CA  1 
ATOM   462  C  C   . ASP A 1 62  ? -10.470 0.929   9.559   1.00 19.80 ? 62   ASP A C   1 
ATOM   463  O  O   . ASP A 1 62  ? -11.587 0.490   9.275   1.00 19.81 ? 62   ASP A O   1 
ATOM   464  C  CB  . ASP A 1 62  ? -10.543 3.371   10.111  1.00 20.48 ? 62   ASP A CB  1 
ATOM   465  C  CG  . ASP A 1 62  ? -10.611 4.427   11.205  1.00 22.54 ? 62   ASP A CG  1 
ATOM   466  O  OD1 . ASP A 1 62  ? -10.823 4.046   12.373  1.00 23.72 ? 62   ASP A OD1 1 
ATOM   467  O  OD2 . ASP A 1 62  ? -10.467 5.633   10.898  1.00 21.98 ? 62   ASP A OD2 1 
ATOM   468  N  N   . GLY A 1 63  ? -9.358  0.545   8.934   1.00 19.96 ? 63   GLY A N   1 
ATOM   469  C  CA  . GLY A 1 63  ? -9.403  -0.449  7.874   1.00 19.87 ? 63   GLY A CA  1 
ATOM   470  C  C   . GLY A 1 63  ? -9.872  -1.781  8.426   1.00 19.54 ? 63   GLY A C   1 
ATOM   471  O  O   . GLY A 1 63  ? -10.749 -2.424  7.856   1.00 20.48 ? 63   GLY A O   1 
ATOM   472  N  N   . MET A 1 64  ? -9.286  -2.205  9.541   1.00 20.63 ? 64   MET A N   1 
ATOM   473  C  CA  . MET A 1 64  ? -9.692  -3.465  10.160  1.00 20.75 ? 64   MET A CA  1 
ATOM   474  C  C   . MET A 1 64  ? -11.181 -3.426  10.496  1.00 21.33 ? 64   MET A C   1 
ATOM   475  O  O   . MET A 1 64  ? -11.901 -4.398  10.266  1.00 22.16 ? 64   MET A O   1 
ATOM   476  C  CB  . MET A 1 64  ? -8.900  -3.728  11.438  1.00 19.89 ? 64   MET A CB  1 
ATOM   477  C  CG  . MET A 1 64  ? -9.415  -4.942  12.199  0.25 18.16 ? 64   MET A CG  1 
ATOM   478  S  SD  . MET A 1 64  ? -8.402  -5.402  13.597  0.25 15.82 ? 64   MET A SD  1 
ATOM   479  C  CE  . MET A 1 64  ? -8.727  -4.018  14.715  0.25 17.61 ? 64   MET A CE  1 
ATOM   480  N  N   . ALA A 1 65  ? -11.630 -2.298  11.040  1.00 22.19 ? 65   ALA A N   1 
ATOM   481  C  CA  . ALA A 1 65  ? -13.033 -2.127  11.416  1.00 22.93 ? 65   ALA A CA  1 
ATOM   482  C  C   . ALA A 1 65  ? -13.979 -2.214  10.220  1.00 23.69 ? 65   ALA A C   1 
ATOM   483  O  O   . ALA A 1 65  ? -15.147 -2.581  10.376  1.00 24.46 ? 65   ALA A O   1 
ATOM   484  C  CB  . ALA A 1 65  ? -13.220 -0.783  12.124  1.00 23.22 ? 65   ALA A CB  1 
ATOM   485  N  N   . SER A 1 66  ? -13.485 -1.877  9.032   1.00 24.41 ? 66   SER A N   1 
ATOM   486  C  CA  . SER A 1 66  ? -14.304 -1.904  7.824   1.00 25.01 ? 66   SER A CA  1 
ATOM   487  C  C   . SER A 1 66  ? -14.621 -3.311  7.320   1.00 25.65 ? 66   SER A C   1 
ATOM   488  O  O   . SER A 1 66  ? -15.626 -3.517  6.642   1.00 26.36 ? 66   SER A O   1 
ATOM   489  C  CB  . SER A 1 66  ? -13.635 -1.091  6.712   1.00 25.43 ? 66   SER A CB  1 
ATOM   490  O  OG  . SER A 1 66  ? -13.578 0.281   7.059   1.00 26.61 ? 66   SER A OG  1 
ATOM   491  N  N   . GLY A 1 67  ? -13.758 -4.272  7.631   1.00 26.98 ? 67   GLY A N   1 
ATOM   492  C  CA  . GLY A 1 67  ? -14.014 -5.639  7.217   1.00 28.11 ? 67   GLY A CA  1 
ATOM   493  C  C   . GLY A 1 67  ? -13.448 -6.090  5.888   1.00 28.92 ? 67   GLY A C   1 
ATOM   494  O  O   . GLY A 1 67  ? -13.134 -5.287  5.010   1.00 28.70 ? 67   GLY A O   1 
ATOM   495  N  N   . LEU A 1 68  ? -13.334 -7.407  5.751   1.00 31.14 ? 68   LEU A N   1 
ATOM   496  C  CA  . LEU A 1 68  ? -12.807 -8.042  4.550   1.00 32.51 ? 68   LEU A CA  1 
ATOM   497  C  C   . LEU A 1 68  ? -13.590 -7.677  3.291   1.00 33.42 ? 68   LEU A C   1 
ATOM   498  O  O   . LEU A 1 68  ? -13.011 -7.524  2.217   1.00 33.82 ? 68   LEU A O   1 
ATOM   499  C  CB  . LEU A 1 68  ? -12.818 -9.563  4.735   1.00 33.32 ? 68   LEU A CB  1 
ATOM   500  C  CG  . LEU A 1 68  ? -12.317 -10.446 3.590   1.00 34.12 ? 68   LEU A CG  1 
ATOM   501  C  CD1 . LEU A 1 68  ? -10.850 -10.151 3.320   1.00 34.36 ? 68   LEU A CD1 1 
ATOM   502  C  CD2 . LEU A 1 68  ? -12.510 -11.915 3.960   1.00 34.58 ? 68   LEU A CD2 1 
ATOM   503  N  N   . ASP A 1 69  ? -14.901 -7.538  3.427   1.00 35.02 ? 69   ASP A N   1 
ATOM   504  C  CA  . ASP A 1 69  ? -15.749 -7.214  2.288   1.00 35.89 ? 69   ASP A CA  1 
ATOM   505  C  C   . ASP A 1 69  ? -15.527 -5.805  1.749   1.00 35.73 ? 69   ASP A C   1 
ATOM   506  O  O   . ASP A 1 69  ? -16.008 -5.457  0.670   1.00 35.37 ? 69   ASP A O   1 
ATOM   507  C  CB  . ASP A 1 69  ? -17.212 -7.420  2.667   1.00 38.89 ? 69   ASP A CB  1 
ATOM   508  C  CG  . ASP A 1 69  ? -17.497 -8.861  3.060   1.00 42.35 ? 69   ASP A CG  1 
ATOM   509  O  OD1 . ASP A 1 69  ? -17.754 -9.122  4.252   1.00 43.80 ? 69   ASP A OD1 1 
ATOM   510  O  OD2 . ASP A 1 69  ? -17.459 -9.744  2.180   1.00 44.03 ? 69   ASP A OD2 1 
ATOM   511  N  N   . LYS A 1 70  ? -14.801 -4.998  2.512   1.00 33.93 ? 70   LYS A N   1 
ATOM   512  C  CA  . LYS A 1 70  ? -14.472 -3.641  2.096   1.00 31.92 ? 70   LYS A CA  1 
ATOM   513  C  C   . LYS A 1 70  ? -12.961 -3.587  1.931   1.00 30.55 ? 70   LYS A C   1 
ATOM   514  O  O   . LYS A 1 70  ? -12.351 -2.518  1.964   1.00 28.55 ? 70   LYS A O   1 
ATOM   515  C  CB  . LYS A 1 70  ? -14.935 -2.637  3.146   1.00 33.50 ? 70   LYS A CB  1 
ATOM   516  C  CG  . LYS A 1 70  ? -16.438 -2.584  3.264   1.00 35.81 ? 70   LYS A CG  1 
ATOM   517  C  CD  . LYS A 1 70  ? -16.892 -1.572  4.284   1.00 37.30 ? 70   LYS A CD  1 
ATOM   518  C  CE  . LYS A 1 70  ? -18.405 -1.477  4.263   1.00 38.40 ? 70   LYS A CE  1 
ATOM   519  N  NZ  . LYS A 1 70  ? -19.030 -2.826  4.422   1.00 39.32 ? 70   LYS A NZ  1 
ATOM   520  N  N   . ASP A 1 71  ? -12.376 -4.767  1.748   1.00 27.60 ? 71   ASP A N   1 
ATOM   521  C  CA  . ASP A 1 71  ? -10.939 -4.919  1.569   1.00 26.30 ? 71   ASP A CA  1 
ATOM   522  C  C   . ASP A 1 71  ? -10.158 -4.279  2.709   1.00 25.85 ? 71   ASP A C   1 
ATOM   523  O  O   . ASP A 1 71  ? -9.058  -3.767  2.515   1.00 24.60 ? 71   ASP A O   1 
ATOM   524  C  CB  . ASP A 1 71  ? -10.515 -4.329  0.223   1.00 26.74 ? 71   ASP A CB  1 
ATOM   525  C  CG  . ASP A 1 71  ? -10.848 -5.244  -0.944  1.00 27.76 ? 71   ASP A CG  1 
ATOM   526  O  OD1 . ASP A 1 71  ? -11.672 -6.170  -0.765  1.00 29.19 ? 71   ASP A OD1 1 
ATOM   527  O  OD2 . ASP A 1 71  ? -10.292 -5.031  -2.041  1.00 29.36 ? 71   ASP A OD2 1 
ATOM   528  N  N   . TYR A 1 72  ? -10.742 -4.328  3.903   1.00 24.32 ? 72   TYR A N   1 
ATOM   529  C  CA  . TYR A 1 72  ? -10.124 -3.772  5.102   1.00 24.15 ? 72   TYR A CA  1 
ATOM   530  C  C   . TYR A 1 72  ? -9.661  -2.323  4.957   1.00 23.73 ? 72   TYR A C   1 
ATOM   531  O  O   . TYR A 1 72  ? -8.577  -1.949  5.412   1.00 23.18 ? 72   TYR A O   1 
ATOM   532  C  CB  . TYR A 1 72  ? -8.956  -4.662  5.544   1.00 26.37 ? 72   TYR A CB  1 
ATOM   533  C  CG  . TYR A 1 72  ? -9.407  -5.987  6.118   1.00 30.12 ? 72   TYR A CG  1 
ATOM   534  C  CD1 . TYR A 1 72  ? -10.207 -6.034  7.259   1.00 31.52 ? 72   TYR A CD1 1 
ATOM   535  C  CD2 . TYR A 1 72  ? -9.043  -7.193  5.517   1.00 31.42 ? 72   TYR A CD2 1 
ATOM   536  C  CE1 . TYR A 1 72  ? -10.634 -7.246  7.792   1.00 33.03 ? 72   TYR A CE1 1 
ATOM   537  C  CE2 . TYR A 1 72  ? -9.464  -8.412  6.042   1.00 33.03 ? 72   TYR A CE2 1 
ATOM   538  C  CZ  . TYR A 1 72  ? -10.260 -8.431  7.178   1.00 33.08 ? 72   TYR A CZ  1 
ATOM   539  O  OH  . TYR A 1 72  ? -10.683 -9.633  7.696   1.00 35.71 ? 72   TYR A OH  1 
ATOM   540  N  N   . LEU A 1 73  ? -10.499 -1.502  4.339   1.00 23.15 ? 73   LEU A N   1 
ATOM   541  C  CA  . LEU A 1 73  ? -10.171 -0.096  4.154   1.00 22.72 ? 73   LEU A CA  1 
ATOM   542  C  C   . LEU A 1 73  ? -11.450 0.723   4.283   1.00 22.95 ? 73   LEU A C   1 
ATOM   543  O  O   . LEU A 1 73  ? -12.450 0.408   3.646   1.00 22.32 ? 73   LEU A O   1 
ATOM   544  C  CB  . LEU A 1 73  ? -9.544  0.112   2.774   1.00 23.85 ? 73   LEU A CB  1 
ATOM   545  C  CG  . LEU A 1 73  ? -8.640  1.329   2.559   1.00 26.03 ? 73   LEU A CG  1 
ATOM   546  C  CD1 . LEU A 1 73  ? -7.496  1.339   3.564   1.00 26.02 ? 73   LEU A CD1 1 
ATOM   547  C  CD2 . LEU A 1 73  ? -8.089  1.283   1.151   1.00 27.54 ? 73   LEU A CD2 1 
ATOM   548  N  N   . LYS A 1 74  ? -11.418 1.759   5.117   1.00 23.07 ? 74   LYS A N   1 
ATOM   549  C  CA  . LYS A 1 74  ? -12.596 2.604   5.300   1.00 24.16 ? 74   LYS A CA  1 
ATOM   550  C  C   . LYS A 1 74  ? -12.932 3.317   3.996   1.00 24.83 ? 74   LYS A C   1 
ATOM   551  O  O   . LYS A 1 74  ? -12.079 3.967   3.399   1.00 24.28 ? 74   LYS A O   1 
ATOM   552  C  CB  . LYS A 1 74  ? -12.351 3.642   6.399   1.00 24.67 ? 74   LYS A CB  1 
ATOM   553  C  CG  . LYS A 1 74  ? -13.501 4.630   6.576   0.65 27.12 ? 74   LYS A CG  1 
ATOM   554  C  CD  . LYS A 1 74  ? -13.268 5.573   7.746   0.65 28.94 ? 74   LYS A CD  1 
ATOM   555  C  CE  . LYS A 1 74  ? -13.267 4.826   9.071   0.65 29.96 ? 74   LYS A CE  1 
ATOM   556  N  NZ  . LYS A 1 74  ? -14.531 4.072   9.303   0.65 31.27 ? 74   LYS A NZ  1 
ATOM   557  N  N   . PRO A 1 75  ? -14.183 3.189   3.527   1.00 27.30 ? 75   PRO A N   1 
ATOM   558  C  CA  . PRO A 1 75  ? -14.597 3.840   2.282   1.00 28.13 ? 75   PRO A CA  1 
ATOM   559  C  C   . PRO A 1 75  ? -14.384 5.350   2.332   1.00 29.80 ? 75   PRO A C   1 
ATOM   560  O  O   . PRO A 1 75  ? -14.525 5.970   3.385   1.00 29.07 ? 75   PRO A O   1 
ATOM   561  C  CB  . PRO A 1 75  ? -16.073 3.458   2.171   1.00 28.56 ? 75   PRO A CB  1 
ATOM   562  C  CG  . PRO A 1 75  ? -16.109 2.097   2.813   1.00 28.19 ? 75   PRO A CG  1 
ATOM   563  C  CD  . PRO A 1 75  ? -15.244 2.301   4.040   1.00 27.00 ? 75   PRO A CD  1 
ATOM   564  N  N   . ASP A 1 76  ? -14.040 5.927   1.185   1.00 32.53 ? 76   ASP A N   1 
ATOM   565  C  CA  . ASP A 1 76  ? -13.779 7.360   1.032   1.00 34.13 ? 76   ASP A CA  1 
ATOM   566  C  C   . ASP A 1 76  ? -12.887 7.989   2.116   1.00 33.18 ? 76   ASP A C   1 
ATOM   567  O  O   . ASP A 1 76  ? -13.104 9.129   2.535   1.00 32.43 ? 76   ASP A O   1 
ATOM   568  C  CB  . ASP A 1 76  ? -15.095 8.140   0.897   1.00 40.95 ? 76   ASP A CB  1 
ATOM   569  C  CG  . ASP A 1 76  ? -15.712 8.527   2.233   1.00 47.95 ? 76   ASP A CG  1 
ATOM   570  O  OD1 . ASP A 1 76  ? -16.662 9.334   2.229   1.00 51.84 ? 76   ASP A OD1 1 
ATOM   571  O  OD2 . ASP A 1 76  ? -15.269 8.042   3.294   1.00 52.23 ? 76   ASP A OD2 1 
ATOM   572  N  N   . ASP A 1 77  ? -11.873 7.244   2.548   1.00 29.70 ? 77   ASP A N   1 
ATOM   573  C  CA  . ASP A 1 77  ? -10.942 7.729   3.562   1.00 26.93 ? 77   ASP A CA  1 
ATOM   574  C  C   . ASP A 1 77  ? -10.075 8.844   2.960   1.00 25.32 ? 77   ASP A C   1 
ATOM   575  O  O   . ASP A 1 77  ? -9.236  8.591   2.095   1.00 23.87 ? 77   ASP A O   1 
ATOM   576  C  CB  . ASP A 1 77  ? -10.045 6.582   4.041   1.00 26.83 ? 77   ASP A CB  1 
ATOM   577  C  CG  . ASP A 1 77  ? -9.312  6.913   5.327   1.00 27.03 ? 77   ASP A CG  1 
ATOM   578  O  OD1 . ASP A 1 77  ? -8.860  8.067   5.465   1.00 27.83 ? 77   ASP A OD1 1 
ATOM   579  O  OD2 . ASP A 1 77  ? -9.183  6.019   6.193   1.00 27.44 ? 77   ASP A OD2 1 
ATOM   580  N  N   . SER A 1 78  ? -10.268 10.074  3.428   1.00 24.25 ? 78   SER A N   1 
ATOM   581  C  CA  . SER A 1 78  ? -9.519  11.218  2.912   1.00 23.43 ? 78   SER A CA  1 
ATOM   582  C  C   . SER A 1 78  ? -8.027  11.198  3.244   1.00 22.61 ? 78   SER A C   1 
ATOM   583  O  O   . SER A 1 78  ? -7.256  11.994  2.708   1.00 22.49 ? 78   SER A O   1 
ATOM   584  C  CB  . SER A 1 78  ? -10.134 12.526  3.429   1.00 24.53 ? 78   SER A CB  1 
ATOM   585  O  OG  . SER A 1 78  ? -10.078 12.590  4.842   1.00 27.57 ? 78   SER A OG  1 
ATOM   586  N  N   . ARG A 1 79  ? -7.621  10.287  4.123   1.00 20.16 ? 79   ARG A N   1 
ATOM   587  C  CA  . ARG A 1 79  ? -6.216  10.176  4.515   1.00 18.77 ? 79   ARG A CA  1 
ATOM   588  C  C   . ARG A 1 79  ? -5.431  9.324   3.528   1.00 17.97 ? 79   ARG A C   1 
ATOM   589  O  O   . ARG A 1 79  ? -4.201  9.400   3.469   1.00 17.54 ? 79   ARG A O   1 
ATOM   590  C  CB  . ARG A 1 79  ? -6.103  9.549   5.907   1.00 18.69 ? 79   ARG A CB  1 
ATOM   591  C  CG  . ARG A 1 79  ? -6.687  10.391  7.031   1.00 19.36 ? 79   ARG A CG  1 
ATOM   592  C  CD  . ARG A 1 79  ? -6.832  9.578   8.307   1.00 19.22 ? 79   ARG A CD  1 
ATOM   593  N  NE  . ARG A 1 79  ? -7.755  8.460   8.122   1.00 19.87 ? 79   ARG A NE  1 
ATOM   594  C  CZ  . ARG A 1 79  ? -8.218  7.693   9.104   1.00 18.99 ? 79   ARG A CZ  1 
ATOM   595  N  NH1 . ARG A 1 79  ? -7.849  7.911   10.359  1.00 20.28 ? 79   ARG A NH1 1 
ATOM   596  N  NH2 . ARG A 1 79  ? -9.055  6.704   8.827   1.00 21.00 ? 79   ARG A NH2 1 
ATOM   597  N  N   . VAL A 1 80  ? -6.144  8.510   2.755   1.00 18.11 ? 80   VAL A N   1 
ATOM   598  C  CA  . VAL A 1 80  ? -5.509  7.619   1.790   1.00 18.92 ? 80   VAL A CA  1 
ATOM   599  C  C   . VAL A 1 80  ? -5.196  8.320   0.469   1.00 20.43 ? 80   VAL A C   1 
ATOM   600  O  O   . VAL A 1 80  ? -6.090  8.781   -0.233  1.00 20.45 ? 80   VAL A O   1 
ATOM   601  C  CB  . VAL A 1 80  ? -6.396  6.387   1.527   1.00 17.72 ? 80   VAL A CB  1 
ATOM   602  C  CG1 . VAL A 1 80  ? -5.781  5.517   0.438   1.00 18.88 ? 80   VAL A CG1 1 
ATOM   603  C  CG2 . VAL A 1 80  ? -6.553  5.588   2.819   1.00 19.43 ? 80   VAL A CG2 1 
ATOM   604  N  N   . ILE A 1 81  ? -3.912  8.390   0.138   1.00 21.21 ? 81   ILE A N   1 
ATOM   605  C  CA  . ILE A 1 81  ? -3.475  9.052   -1.084  1.00 22.67 ? 81   ILE A CA  1 
ATOM   606  C  C   . ILE A 1 81  ? -3.495  8.093   -2.273  1.00 22.25 ? 81   ILE A C   1 
ATOM   607  O  O   . ILE A 1 81  ? -3.670  8.507   -3.417  1.00 21.74 ? 81   ILE A O   1 
ATOM   608  C  CB  . ILE A 1 81  ? -2.058  9.648   -0.893  1.00 28.86 ? 81   ILE A CB  1 
ATOM   609  C  CG1 . ILE A 1 81  ? -1.941  10.971  -1.647  1.00 34.74 ? 81   ILE A CG1 1 
ATOM   610  C  CG2 . ILE A 1 81  ? -1.002  8.684   -1.384  1.00 33.89 ? 81   ILE A CG2 1 
ATOM   611  C  CD1 . ILE A 1 81  ? -2.034  12.188  -0.757  1.00 38.93 ? 81   ILE A CD1 1 
ATOM   612  N  N   . ALA A 1 82  ? -3.312  6.805   -2.003  1.00 19.46 ? 82   ALA A N   1 
ATOM   613  C  CA  . ALA A 1 82  ? -3.326  5.794   -3.058  1.00 17.87 ? 82   ALA A CA  1 
ATOM   614  C  C   . ALA A 1 82  ? -3.600  4.429   -2.442  1.00 17.52 ? 82   ALA A C   1 
ATOM   615  O  O   . ALA A 1 82  ? -3.161  4.147   -1.329  1.00 16.56 ? 82   ALA A O   1 
ATOM   616  C  CB  . ALA A 1 82  ? -1.998  5.780   -3.790  1.00 18.39 ? 82   ALA A CB  1 
ATOM   617  N  N   . GLN A 1 83  ? -4.321  3.575   -3.162  1.00 18.10 ? 83   GLN A N   1 
ATOM   618  C  CA  . GLN A 1 83  ? -4.624  2.251   -2.638  1.00 18.27 ? 83   GLN A CA  1 
ATOM   619  C  C   . GLN A 1 83  ? -4.884  1.259   -3.762  1.00 18.56 ? 83   GLN A C   1 
ATOM   620  O  O   . GLN A 1 83  ? -5.352  1.632   -4.839  1.00 18.63 ? 83   GLN A O   1 
ATOM   621  C  CB  . GLN A 1 83  ? -5.862  2.309   -1.738  1.00 21.32 ? 83   GLN A CB  1 
ATOM   622  C  CG  . GLN A 1 83  ? -7.126  2.760   -2.482  1.00 27.07 ? 83   GLN A CG  1 
ATOM   623  C  CD  . GLN A 1 83  ? -8.347  2.863   -1.591  1.00 30.61 ? 83   GLN A CD  1 
ATOM   624  O  OE1 . GLN A 1 83  ? -8.374  3.651   -0.646  1.00 32.38 ? 83   GLN A OE1 1 
ATOM   625  N  NE2 . GLN A 1 83  ? -9.369  2.070   -1.890  1.00 31.99 ? 83   GLN A NE2 1 
ATOM   626  N  N   . THR A 1 84  ? -4.551  -0.001  -3.510  1.00 18.02 ? 84   THR A N   1 
ATOM   627  C  CA  . THR A 1 84  ? -4.821  -1.067  -4.473  1.00 18.18 ? 84   THR A CA  1 
ATOM   628  C  C   . THR A 1 84  ? -5.923  -1.876  -3.817  1.00 19.98 ? 84   THR A C   1 
ATOM   629  O  O   . THR A 1 84  ? -6.258  -1.645  -2.656  1.00 19.12 ? 84   THR A O   1 
ATOM   630  C  CB  . THR A 1 84  ? -3.624  -2.019  -4.670  1.00 16.75 ? 84   THR A CB  1 
ATOM   631  O  OG1 . THR A 1 84  ? -3.347  -2.699  -3.436  1.00 17.84 ? 84   THR A OG1 1 
ATOM   632  C  CG2 . THR A 1 84  ? -2.403  -1.259  -5.127  1.00 17.60 ? 84   THR A CG2 1 
ATOM   633  N  N   . LYS A 1 85  ? -6.499  -2.818  -4.551  1.00 22.67 ? 85   LYS A N   1 
ATOM   634  C  CA  . LYS A 1 85  ? -7.524  -3.668  -3.971  1.00 23.74 ? 85   LYS A CA  1 
ATOM   635  C  C   . LYS A 1 85  ? -6.785  -4.708  -3.125  1.00 23.13 ? 85   LYS A C   1 
ATOM   636  O  O   . LYS A 1 85  ? -5.557  -4.831  -3.212  1.00 21.79 ? 85   LYS A O   1 
ATOM   637  C  CB  . LYS A 1 85  ? -8.320  -4.367  -5.079  1.00 28.79 ? 85   LYS A CB  1 
ATOM   638  C  CG  . LYS A 1 85  ? -7.470  -5.217  -6.011  1.00 35.87 ? 85   LYS A CG  1 
ATOM   639  C  CD  . LYS A 1 85  ? -8.333  -6.000  -6.991  1.00 39.78 ? 85   LYS A CD  1 
ATOM   640  C  CE  . LYS A 1 85  ? -7.481  -6.904  -7.874  1.00 41.41 ? 85   LYS A CE  1 
ATOM   641  N  NZ  . LYS A 1 85  ? -8.304  -7.798  -8.738  1.00 42.25 ? 85   LYS A NZ  1 
ATOM   642  N  N   . LEU A 1 86  ? -7.521  -5.432  -2.287  1.00 22.57 ? 86   LEU A N   1 
ATOM   643  C  CA  . LEU A 1 86  ? -6.925  -6.484  -1.466  1.00 21.48 ? 86   LEU A CA  1 
ATOM   644  C  C   . LEU A 1 86  ? -6.823  -7.704  -2.382  1.00 21.32 ? 86   LEU A C   1 
ATOM   645  O  O   . LEU A 1 86  ? -7.821  -8.115  -2.976  1.00 21.39 ? 86   LEU A O   1 
ATOM   646  C  CB  . LEU A 1 86  ? -7.824  -6.812  -0.273  1.00 22.08 ? 86   LEU A CB  1 
ATOM   647  C  CG  . LEU A 1 86  ? -7.222  -7.732  0.794   1.00 22.41 ? 86   LEU A CG  1 
ATOM   648  C  CD1 . LEU A 1 86  ? -6.129  -7.000  1.553   1.00 22.35 ? 86   LEU A CD1 1 
ATOM   649  C  CD2 . LEU A 1 86  ? -8.312  -8.169  1.753   1.00 22.92 ? 86   LEU A CD2 1 
ATOM   650  N  N   . ILE A 1 87  ? -5.631  -8.280  -2.500  1.00 18.74 ? 87   ILE A N   1 
ATOM   651  C  CA  . ILE A 1 87  ? -5.447  -9.436  -3.372  1.00 18.28 ? 87   ILE A CA  1 
ATOM   652  C  C   . ILE A 1 87  ? -4.917  -10.684 -2.680  1.00 17.93 ? 87   ILE A C   1 
ATOM   653  O  O   . ILE A 1 87  ? -4.190  -10.615 -1.684  1.00 17.43 ? 87   ILE A O   1 
ATOM   654  C  CB  . ILE A 1 87  ? -4.489  -9.116  -4.540  1.00 17.73 ? 87   ILE A CB  1 
ATOM   655  C  CG1 . ILE A 1 87  ? -3.089  -8.819  -3.999  1.00 17.21 ? 87   ILE A CG1 1 
ATOM   656  C  CG2 . ILE A 1 87  ? -5.020  -7.931  -5.346  1.00 17.77 ? 87   ILE A CG2 1 
ATOM   657  C  CD1 . ILE A 1 87  ? -2.035  -8.675  -5.072  1.00 18.36 ? 87   ILE A CD1 1 
ATOM   658  N  N   . GLY A 1 88  ? -5.299  -11.833 -3.228  1.00 17.99 ? 88   GLY A N   1 
ATOM   659  C  CA  . GLY A 1 88  ? -4.837  -13.100 -2.701  1.00 18.12 ? 88   GLY A CA  1 
ATOM   660  C  C   . GLY A 1 88  ? -3.754  -13.624 -3.625  1.00 17.93 ? 88   GLY A C   1 
ATOM   661  O  O   . GLY A 1 88  ? -3.438  -12.996 -4.638  1.00 17.84 ? 88   GLY A O   1 
ATOM   662  N  N   . SER A 1 89  ? -3.181  -14.776 -3.291  1.00 19.22 ? 89   SER A N   1 
ATOM   663  C  CA  . SER A 1 89  ? -2.128  -15.350 -4.125  1.00 19.09 ? 89   SER A CA  1 
ATOM   664  C  C   . SER A 1 89  ? -2.596  -15.546 -5.561  1.00 19.29 ? 89   SER A C   1 
ATOM   665  O  O   . SER A 1 89  ? -3.723  -15.986 -5.800  1.00 20.08 ? 89   SER A O   1 
ATOM   666  C  CB  . SER A 1 89  ? -1.661  -16.695 -3.560  1.00 19.78 ? 89   SER A CB  1 
ATOM   667  O  OG  . SER A 1 89  ? -1.045  -16.539 -2.289  1.00 21.70 ? 89   SER A OG  1 
ATOM   668  N  N   . GLY A 1 90  ? -1.725  -15.205 -6.507  1.00 19.82 ? 90   GLY A N   1 
ATOM   669  C  CA  . GLY A 1 90  ? -2.050  -15.362 -7.915  1.00 20.74 ? 90   GLY A CA  1 
ATOM   670  C  C   . GLY A 1 90  ? -2.716  -14.162 -8.559  1.00 22.19 ? 90   GLY A C   1 
ATOM   671  O  O   . GLY A 1 90  ? -2.768  -14.062 -9.786  1.00 23.25 ? 90   GLY A O   1 
ATOM   672  N  N   . GLU A 1 91  ? -3.231  -13.247 -7.745  1.00 22.09 ? 91   GLU A N   1 
ATOM   673  C  CA  . GLU A 1 91  ? -3.897  -12.063 -8.273  1.00 22.11 ? 91   GLU A CA  1 
ATOM   674  C  C   . GLU A 1 91  ? -2.937  -10.882 -8.345  1.00 22.85 ? 91   GLU A C   1 
ATOM   675  O  O   . GLU A 1 91  ? -1.816  -10.952 -7.842  1.00 21.14 ? 91   GLU A O   1 
ATOM   676  C  CB  . GLU A 1 91  ? -5.107  -11.706 -7.400  1.00 22.62 ? 91   GLU A CB  1 
ATOM   677  C  CG  . GLU A 1 91  ? -6.063  -12.876 -7.162  1.00 25.04 ? 91   GLU A CG  1 
ATOM   678  C  CD  . GLU A 1 91  ? -7.284  -12.490 -6.347  1.00 26.77 ? 91   GLU A CD  1 
ATOM   679  O  OE1 . GLU A 1 91  ? -7.129  -11.774 -5.339  1.00 26.16 ? 91   GLU A OE1 1 
ATOM   680  O  OE2 . GLU A 1 91  ? -8.403  -12.919 -6.709  1.00 28.61 ? 91   GLU A OE2 1 
ATOM   681  N  N   . LYS A 1 92  ? -3.382  -9.803  -8.980  1.00 23.54 ? 92   LYS A N   1 
ATOM   682  C  CA  . LYS A 1 92  ? -2.576  -8.597  -9.122  1.00 23.98 ? 92   LYS A CA  1 
ATOM   683  C  C   . LYS A 1 92  ? -3.461  -7.365  -9.224  1.00 23.51 ? 92   LYS A C   1 
ATOM   684  O  O   . LYS A 1 92  ? -4.649  -7.465  -9.528  1.00 23.23 ? 92   LYS A O   1 
ATOM   685  C  CB  . LYS A 1 92  ? -1.714  -8.659  -10.385 1.00 26.78 ? 92   LYS A CB  1 
ATOM   686  C  CG  . LYS A 1 92  ? -0.754  -9.826  -10.462 1.00 32.29 ? 92   LYS A CG  1 
ATOM   687  C  CD  . LYS A 1 92  ? 0.192   -9.652  -11.644 1.00 35.38 ? 92   LYS A CD  1 
ATOM   688  C  CE  . LYS A 1 92  ? 1.074   -10.874 -11.834 1.00 36.77 ? 92   LYS A CE  1 
ATOM   689  N  NZ  . LYS A 1 92  ? 1.816   -11.224 -10.592 1.00 37.76 ? 92   LYS A NZ  1 
ATOM   690  N  N   . ASP A 1 93  ? -2.867  -6.205  -8.962  1.00 22.01 ? 93   ASP A N   1 
ATOM   691  C  CA  . ASP A 1 93  ? -3.574  -4.938  -9.072  1.00 20.76 ? 93   ASP A CA  1 
ATOM   692  C  C   . ASP A 1 93  ? -2.554  -3.809  -9.105  1.00 20.56 ? 93   ASP A C   1 
ATOM   693  O  O   . ASP A 1 93  ? -1.499  -3.895  -8.479  1.00 20.16 ? 93   ASP A O   1 
ATOM   694  C  CB  . ASP A 1 93  ? -4.551  -4.735  -7.913  1.00 20.71 ? 93   ASP A CB  1 
ATOM   695  C  CG  . ASP A 1 93  ? -5.525  -3.592  -8.172  1.00 22.52 ? 93   ASP A CG  1 
ATOM   696  O  OD1 . ASP A 1 93  ? -5.996  -3.467  -9.324  1.00 22.41 ? 93   ASP A OD1 1 
ATOM   697  O  OD2 . ASP A 1 93  ? -5.828  -2.826  -7.237  1.00 22.10 ? 93   ASP A OD2 1 
ATOM   698  N  N   . SER A 1 94  ? -2.870  -2.758  -9.848  1.00 20.30 ? 94   SER A N   1 
ATOM   699  C  CA  . SER A 1 94  ? -1.967  -1.625  -9.980  1.00 20.52 ? 94   SER A CA  1 
ATOM   700  C  C   . SER A 1 94  ? -2.691  -0.342  -9.618  1.00 21.00 ? 94   SER A C   1 
ATOM   701  O  O   . SER A 1 94  ? -3.914  -0.253  -9.737  1.00 21.35 ? 94   SER A O   1 
ATOM   702  C  CB  . SER A 1 94  ? -1.455  -1.521  -11.421 1.00 21.32 ? 94   SER A CB  1 
ATOM   703  O  OG  . SER A 1 94  ? -0.713  -2.669  -11.802 1.00 23.17 ? 94   SER A OG  1 
ATOM   704  N  N   . VAL A 1 95  ? -1.933  0.647   -9.163  1.00 19.57 ? 95   VAL A N   1 
ATOM   705  C  CA  . VAL A 1 95  ? -2.513  1.936   -8.831  1.00 19.30 ? 95   VAL A CA  1 
ATOM   706  C  C   . VAL A 1 95  ? -1.557  3.042   -9.263  1.00 19.02 ? 95   VAL A C   1 
ATOM   707  O  O   . VAL A 1 95  ? -0.337  2.911   -9.143  1.00 17.70 ? 95   VAL A O   1 
ATOM   708  C  CB  . VAL A 1 95  ? -2.816  2.067   -7.316  1.00 19.87 ? 95   VAL A CB  1 
ATOM   709  C  CG1 . VAL A 1 95  ? -1.535  1.961   -6.505  1.00 21.15 ? 95   VAL A CG1 1 
ATOM   710  C  CG2 . VAL A 1 95  ? -3.508  3.394   -7.048  1.00 21.96 ? 95   VAL A CG2 1 
ATOM   711  N  N   . THR A 1 96  ? -2.117  4.115   -9.811  1.00 18.36 ? 96   THR A N   1 
ATOM   712  C  CA  . THR A 1 96  ? -1.318  5.254   -10.248 1.00 18.14 ? 96   THR A CA  1 
ATOM   713  C  C   . THR A 1 96  ? -1.820  6.477   -9.497  1.00 18.17 ? 96   THR A C   1 
ATOM   714  O  O   . THR A 1 96  ? -3.027  6.666   -9.356  1.00 18.66 ? 96   THR A O   1 
ATOM   715  C  CB  . THR A 1 96  ? -1.459  5.498   -11.764 1.00 18.46 ? 96   THR A CB  1 
ATOM   716  O  OG1 . THR A 1 96  ? -1.045  4.328   -12.477 1.00 18.62 ? 96   THR A OG1 1 
ATOM   717  C  CG2 . THR A 1 96  ? -0.585  6.662   -12.201 1.00 19.17 ? 96   THR A CG2 1 
ATOM   718  N  N   . PHE A 1 97  ? -0.905  7.299   -8.997  1.00 17.75 ? 97   PHE A N   1 
ATOM   719  C  CA  . PHE A 1 97  ? -1.314  8.502   -8.274  1.00 18.21 ? 97   PHE A CA  1 
ATOM   720  C  C   . PHE A 1 97  ? -0.451  9.697   -8.667  1.00 19.52 ? 97   PHE A C   1 
ATOM   721  O  O   . PHE A 1 97  ? 0.653   9.528   -9.182  1.00 18.92 ? 97   PHE A O   1 
ATOM   722  C  CB  . PHE A 1 97  ? -1.243  8.278   -6.753  1.00 18.88 ? 97   PHE A CB  1 
ATOM   723  C  CG  . PHE A 1 97  ? 0.143   8.008   -6.232  1.00 18.65 ? 97   PHE A CG  1 
ATOM   724  C  CD1 . PHE A 1 97  ? 0.678   6.722   -6.258  1.00 19.55 ? 97   PHE A CD1 1 
ATOM   725  C  CD2 . PHE A 1 97  ? 0.915   9.043   -5.717  1.00 19.23 ? 97   PHE A CD2 1 
ATOM   726  C  CE1 . PHE A 1 97  ? 1.967   6.470   -5.779  1.00 19.88 ? 97   PHE A CE1 1 
ATOM   727  C  CE2 . PHE A 1 97  ? 2.205   8.801   -5.239  1.00 19.53 ? 97   PHE A CE2 1 
ATOM   728  C  CZ  . PHE A 1 97  ? 2.729   7.513   -5.270  1.00 19.27 ? 97   PHE A CZ  1 
ATOM   729  N  N   . ASP A 1 98  ? -0.963  10.901  -8.421  1.00 21.22 ? 98   ASP A N   1 
ATOM   730  C  CA  . ASP A 1 98  ? -0.234  12.123  -8.751  1.00 22.55 ? 98   ASP A CA  1 
ATOM   731  C  C   . ASP A 1 98  ? 0.850   12.413  -7.720  1.00 22.28 ? 98   ASP A C   1 
ATOM   732  O  O   . ASP A 1 98  ? 0.588   12.437  -6.517  1.00 22.80 ? 98   ASP A O   1 
ATOM   733  C  CB  . ASP A 1 98  ? -1.189  13.319  -8.834  1.00 27.14 ? 98   ASP A CB  1 
ATOM   734  C  CG  . ASP A 1 98  ? -2.239  13.158  -9.918  1.00 32.04 ? 98   ASP A CG  1 
ATOM   735  O  OD1 . ASP A 1 98  ? -2.014  12.371  -10.864 1.00 35.42 ? 98   ASP A OD1 1 
ATOM   736  O  OD2 . ASP A 1 98  ? -3.288  13.830  -9.834  1.00 35.78 ? 98   ASP A OD2 1 
ATOM   737  N  N   . VAL A 1 99  ? 2.068   12.627  -8.199  1.00 22.54 ? 99   VAL A N   1 
ATOM   738  C  CA  . VAL A 1 99  ? 3.193   12.915  -7.321  1.00 22.49 ? 99   VAL A CA  1 
ATOM   739  C  C   . VAL A 1 99  ? 2.957   14.215  -6.556  1.00 23.20 ? 99   VAL A C   1 
ATOM   740  O  O   . VAL A 1 99  ? 3.538   14.427  -5.493  1.00 23.75 ? 99   VAL A O   1 
ATOM   741  C  CB  . VAL A 1 99  ? 4.508   13.011  -8.131  1.00 22.20 ? 99   VAL A CB  1 
ATOM   742  C  CG1 . VAL A 1 99  ? 5.664   13.465  -7.241  1.00 22.72 ? 99   VAL A CG1 1 
ATOM   743  C  CG2 . VAL A 1 99  ? 4.827   11.655  -8.739  1.00 21.44 ? 99   VAL A CG2 1 
ATOM   744  N  N   . SER A 1 100 ? 2.097   15.075  -7.091  1.00 25.57 ? 100  SER A N   1 
ATOM   745  C  CA  . SER A 1 100 ? 1.800   16.350  -6.448  1.00 27.14 ? 100  SER A CA  1 
ATOM   746  C  C   . SER A 1 100 ? 1.135   16.153  -5.088  1.00 28.40 ? 100  SER A C   1 
ATOM   747  O  O   . SER A 1 100 ? 1.094   17.075  -4.273  1.00 28.67 ? 100  SER A O   1 
ATOM   748  C  CB  . SER A 1 100 ? 0.902   17.206  -7.348  1.00 28.05 ? 100  SER A CB  1 
ATOM   749  O  OG  . SER A 1 100 ? -0.351  16.587  -7.563  1.00 28.89 ? 100  SER A OG  1 
ATOM   750  N  N   . LYS A 1 101 ? 0.618   14.952  -4.843  1.00 28.26 ? 101  LYS A N   1 
ATOM   751  C  CA  . LYS A 1 101 ? -0.034  14.646  -3.573  1.00 28.21 ? 101  LYS A CA  1 
ATOM   752  C  C   . LYS A 1 101 ? 0.998   14.483  -2.456  1.00 27.67 ? 101  LYS A C   1 
ATOM   753  O  O   . LYS A 1 101 ? 0.662   14.562  -1.271  1.00 27.28 ? 101  LYS A O   1 
ATOM   754  C  CB  . LYS A 1 101 ? -0.852  13.355  -3.690  1.00 30.21 ? 101  LYS A CB  1 
ATOM   755  C  CG  . LYS A 1 101 ? -2.084  13.460  -4.578  1.00 33.46 ? 101  LYS A CG  1 
ATOM   756  C  CD  . LYS A 1 101 ? -2.680  12.080  -4.822  1.00 35.70 ? 101  LYS A CD  1 
ATOM   757  C  CE  . LYS A 1 101 ? -3.999  12.160  -5.571  1.00 36.88 ? 101  LYS A CE  1 
ATOM   758  N  NZ  . LYS A 1 101 ? -5.099  12.718  -4.733  1.00 37.20 ? 101  LYS A NZ  1 
ATOM   759  N  N   . LEU A 1 102 ? 2.252   14.255  -2.835  1.00 26.58 ? 102  LEU A N   1 
ATOM   760  C  CA  . LEU A 1 102 ? 3.317   14.082  -1.855  1.00 26.47 ? 102  LEU A CA  1 
ATOM   761  C  C   . LEU A 1 102 ? 3.799   15.441  -1.360  1.00 28.12 ? 102  LEU A C   1 
ATOM   762  O  O   . LEU A 1 102 ? 4.842   15.938  -1.779  1.00 28.29 ? 102  LEU A O   1 
ATOM   763  C  CB  . LEU A 1 102 ? 4.481   13.294  -2.463  1.00 24.12 ? 102  LEU A CB  1 
ATOM   764  C  CG  . LEU A 1 102 ? 4.113   11.915  -3.033  1.00 22.71 ? 102  LEU A CG  1 
ATOM   765  C  CD1 . LEU A 1 102 ? 5.353   11.235  -3.606  1.00 21.85 ? 102  LEU A CD1 1 
ATOM   766  C  CD2 . LEU A 1 102 ? 3.493   11.057  -1.935  1.00 22.67 ? 102  LEU A CD2 1 
ATOM   767  N  N   . LYS A 1 103 ? 3.024   16.025  -0.452  1.00 31.26 ? 103  LYS A N   1 
ATOM   768  C  CA  . LYS A 1 103 ? 3.312   17.337  0.117   1.00 33.46 ? 103  LYS A CA  1 
ATOM   769  C  C   . LYS A 1 103 ? 4.700   17.514  0.719   1.00 34.75 ? 103  LYS A C   1 
ATOM   770  O  O   . LYS A 1 103 ? 5.241   16.611  1.363   1.00 33.00 ? 103  LYS A O   1 
ATOM   771  C  CB  . LYS A 1 103 ? 2.251   17.685  1.164   1.00 36.67 ? 103  LYS A CB  1 
ATOM   772  C  CG  . LYS A 1 103 ? 0.846   17.749  0.591   1.00 42.10 ? 103  LYS A CG  1 
ATOM   773  C  CD  . LYS A 1 103 ? 0.744   18.837  -0.470  1.00 45.01 ? 103  LYS A CD  1 
ATOM   774  C  CE  . LYS A 1 103 ? -0.428  18.596  -1.406  1.00 46.10 ? 103  LYS A CE  1 
ATOM   775  N  NZ  . LYS A 1 103 ? -1.719  18.473  -0.679  1.00 46.87 ? 103  LYS A NZ  1 
ATOM   776  N  N   . GLU A 1 104 ? 5.258   18.703  0.507   1.00 36.38 ? 104  GLU A N   1 
ATOM   777  C  CA  . GLU A 1 104 ? 6.578   19.072  0.999   1.00 36.93 ? 104  GLU A CA  1 
ATOM   778  C  C   . GLU A 1 104 ? 6.607   18.966  2.521   1.00 36.06 ? 104  GLU A C   1 
ATOM   779  O  O   . GLU A 1 104 ? 5.663   19.378  3.198   1.00 35.98 ? 104  GLU A O   1 
ATOM   780  C  CB  . GLU A 1 104 ? 6.903   20.515  0.594   1.00 40.05 ? 104  GLU A CB  1 
ATOM   781  C  CG  . GLU A 1 104 ? 8.199   20.702  -0.188  1.00 46.14 ? 104  GLU A CG  1 
ATOM   782  C  CD  . GLU A 1 104 ? 8.077   20.276  -1.637  1.00 49.22 ? 104  GLU A CD  1 
ATOM   783  O  OE1 . GLU A 1 104 ? 7.866   19.073  -1.897  1.00 50.77 ? 104  GLU A OE1 1 
ATOM   784  O  OE2 . GLU A 1 104 ? 8.189   21.149  -2.524  1.00 50.64 ? 104  GLU A OE2 1 
ATOM   785  N  N   . GLY A 1 105 ? 7.688   18.412  3.055   1.00 36.08 ? 105  GLY A N   1 
ATOM   786  C  CA  . GLY A 1 105 ? 7.810   18.282  4.495   1.00 35.77 ? 105  GLY A CA  1 
ATOM   787  C  C   . GLY A 1 105 ? 6.886   17.245  5.100   1.00 36.53 ? 105  GLY A C   1 
ATOM   788  O  O   . GLY A 1 105 ? 6.431   17.390  6.234   1.00 37.33 ? 105  GLY A O   1 
ATOM   789  N  N   . GLU A 1 106 ? 6.602   16.196  4.342   1.00 35.42 ? 106  GLU A N   1 
ATOM   790  C  CA  . GLU A 1 106 ? 5.741   15.124  4.814   1.00 34.10 ? 106  GLU A CA  1 
ATOM   791  C  C   . GLU A 1 106 ? 6.422   13.791  4.546   1.00 31.97 ? 106  GLU A C   1 
ATOM   792  O  O   . GLU A 1 106 ? 6.999   13.591  3.481   1.00 30.79 ? 106  GLU A O   1 
ATOM   793  C  CB  . GLU A 1 106 ? 4.397   15.163  4.081   1.00 37.37 ? 106  GLU A CB  1 
ATOM   794  C  CG  . GLU A 1 106 ? 3.474   16.279  4.529   1.00 41.71 ? 106  GLU A CG  1 
ATOM   795  C  CD  . GLU A 1 106 ? 2.245   15.749  5.236   1.00 44.29 ? 106  GLU A CD  1 
ATOM   796  O  OE1 . GLU A 1 106 ? 2.407   14.968  6.198   1.00 45.53 ? 106  GLU A OE1 1 
ATOM   797  O  OE2 . GLU A 1 106 ? 1.120   16.113  4.832   1.00 44.93 ? 106  GLU A OE2 1 
ATOM   798  N  N   . GLN A 1 107 ? 6.390   12.890  5.519   1.00 26.51 ? 107  GLN A N   1 
ATOM   799  C  CA  . GLN A 1 107 ? 6.973   11.577  5.311   1.00 23.78 ? 107  GLN A CA  1 
ATOM   800  C  C   . GLN A 1 107 ? 5.837   10.613  5.007   1.00 23.31 ? 107  GLN A C   1 
ATOM   801  O  O   . GLN A 1 107 ? 4.928   10.434  5.819   1.00 22.68 ? 107  GLN A O   1 
ATOM   802  C  CB  . GLN A 1 107 ? 7.726   11.108  6.546   1.00 21.69 ? 107  GLN A CB  1 
ATOM   803  C  CG  . GLN A 1 107 ? 8.363   9.752   6.368   1.00 21.99 ? 107  GLN A CG  1 
ATOM   804  C  CD  . GLN A 1 107 ? 9.222   9.658   5.123   1.00 21.16 ? 107  GLN A CD  1 
ATOM   805  O  OE1 . GLN A 1 107 ? 10.230  10.351  4.984   1.00 21.37 ? 107  GLN A OE1 1 
ATOM   806  N  NE2 . GLN A 1 107 ? 8.824   8.783   4.205   1.00 21.76 ? 107  GLN A NE2 1 
ATOM   807  N  N   . TYR A 1 108 ? 5.890   9.994   3.835   1.00 21.47 ? 108  TYR A N   1 
ATOM   808  C  CA  . TYR A 1 108 ? 4.859   9.062   3.421   1.00 20.15 ? 108  TYR A CA  1 
ATOM   809  C  C   . TYR A 1 108 ? 5.236   7.624   3.707   1.00 18.89 ? 108  TYR A C   1 
ATOM   810  O  O   . TYR A 1 108 ? 6.395   7.235   3.595   1.00 17.25 ? 108  TYR A O   1 
ATOM   811  C  CB  . TYR A 1 108 ? 4.572   9.264   1.929   1.00 23.85 ? 108  TYR A CB  1 
ATOM   812  C  CG  . TYR A 1 108 ? 3.981   10.628  1.673   1.00 28.07 ? 108  TYR A CG  1 
ATOM   813  C  CD1 . TYR A 1 108 ? 2.655   10.901  2.008   1.00 29.99 ? 108  TYR A CD1 1 
ATOM   814  C  CD2 . TYR A 1 108 ? 4.766   11.673  1.192   1.00 31.15 ? 108  TYR A CD2 1 
ATOM   815  C  CE1 . TYR A 1 108 ? 2.124   12.182  1.876   1.00 31.98 ? 108  TYR A CE1 1 
ATOM   816  C  CE2 . TYR A 1 108 ? 4.247   12.961  1.057   1.00 31.93 ? 108  TYR A CE2 1 
ATOM   817  C  CZ  . TYR A 1 108 ? 2.924   13.202  1.403   1.00 32.07 ? 108  TYR A CZ  1 
ATOM   818  O  OH  . TYR A 1 108 ? 2.394   14.465  1.279   1.00 34.42 ? 108  TYR A OH  1 
ATOM   819  N  N   . MET A 1 109 ? 4.233   6.847   4.093   1.00 15.98 ? 109  MET A N   1 
ATOM   820  C  CA  . MET A 1 109 ? 4.410   5.444   4.417   1.00 14.90 ? 109  MET A CA  1 
ATOM   821  C  C   . MET A 1 109 ? 3.470   4.596   3.584   1.00 14.27 ? 109  MET A C   1 
ATOM   822  O  O   . MET A 1 109 ? 2.350   5.014   3.296   1.00 14.47 ? 109  MET A O   1 
ATOM   823  C  CB  . MET A 1 109 ? 4.057   5.189   5.885   1.00 16.12 ? 109  MET A CB  1 
ATOM   824  C  CG  . MET A 1 109 ? 4.880   5.952   6.898   1.00 16.15 ? 109  MET A CG  1 
ATOM   825  S  SD  . MET A 1 109 ? 6.564   5.382   6.940   1.00 19.11 ? 109  MET A SD  1 
ATOM   826  C  CE  . MET A 1 109 ? 6.339   3.711   7.510   1.00 18.56 ? 109  MET A CE  1 
ATOM   827  N  N   . PHE A 1 110 ? 3.937   3.418   3.183   1.00 13.20 ? 110  PHE A N   1 
ATOM   828  C  CA  . PHE A 1 110 ? 3.089   2.475   2.474   1.00 12.93 ? 110  PHE A CA  1 
ATOM   829  C  C   . PHE A 1 110 ? 2.962   1.259   3.391   1.00 12.53 ? 110  PHE A C   1 
ATOM   830  O  O   . PHE A 1 110 ? 3.871   0.941   4.173   1.00 12.83 ? 110  PHE A O   1 
ATOM   831  C  CB  . PHE A 1 110 ? 3.655   2.116   1.093   1.00 13.02 ? 110  PHE A CB  1 
ATOM   832  C  CG  . PHE A 1 110 ? 4.955   1.364   1.114   1.00 12.27 ? 110  PHE A CG  1 
ATOM   833  C  CD1 . PHE A 1 110 ? 4.984   -0.024  1.267   1.00 13.19 ? 110  PHE A CD1 1 
ATOM   834  C  CD2 . PHE A 1 110 ? 6.150   2.035   0.878   1.00 13.09 ? 110  PHE A CD2 1 
ATOM   835  C  CE1 . PHE A 1 110 ? 6.187   -0.729  1.168   1.00 11.92 ? 110  PHE A CE1 1 
ATOM   836  C  CE2 . PHE A 1 110 ? 7.353   1.345   0.783   1.00 12.59 ? 110  PHE A CE2 1 
ATOM   837  C  CZ  . PHE A 1 110 ? 7.373   -0.039  0.924   1.00 12.32 ? 110  PHE A CZ  1 
ATOM   838  N  N   . PHE A 1 111 ? 1.814   0.598   3.332   1.00 12.85 ? 111  PHE A N   1 
ATOM   839  C  CA  . PHE A 1 111 ? 1.565   -0.534  4.213   1.00 13.07 ? 111  PHE A CA  1 
ATOM   840  C  C   . PHE A 1 111 ? 0.361   -1.327  3.722   1.00 13.24 ? 111  PHE A C   1 
ATOM   841  O  O   . PHE A 1 111 ? -0.352  -0.899  2.814   1.00 13.42 ? 111  PHE A O   1 
ATOM   842  C  CB  . PHE A 1 111 ? 1.279   -0.010  5.635   1.00 12.43 ? 111  PHE A CB  1 
ATOM   843  C  CG  . PHE A 1 111 ? 0.342   1.178   5.666   1.00 11.53 ? 111  PHE A CG  1 
ATOM   844  C  CD1 . PHE A 1 111 ? 0.831   2.469   5.454   1.00 12.40 ? 111  PHE A CD1 1 
ATOM   845  C  CD2 . PHE A 1 111 ? -1.033  1.002   5.830   1.00 11.24 ? 111  PHE A CD2 1 
ATOM   846  C  CE1 . PHE A 1 111 ? -0.031  3.562   5.389   1.00 11.99 ? 111  PHE A CE1 1 
ATOM   847  C  CE2 . PHE A 1 111 ? -1.916  2.090   5.770   1.00 12.07 ? 111  PHE A CE2 1 
ATOM   848  C  CZ  . PHE A 1 111 ? -1.411  3.377   5.545   1.00 11.53 ? 111  PHE A CZ  1 
ATOM   849  N  N   . CYS A 1 112 ? 0.172   -2.498  4.325   1.00 13.31 ? 112  CYS A N   1 
ATOM   850  C  CA  . CYS A 1 112 ? -0.972  -3.359  4.043   1.00 13.36 ? 112  CYS A CA  1 
ATOM   851  C  C   . CYS A 1 112 ? -1.908  -3.194  5.250   1.00 13.33 ? 112  CYS A C   1 
ATOM   852  O  O   . CYS A 1 112 ? -1.456  -3.155  6.399   1.00 14.00 ? 112  CYS A O   1 
ATOM   853  C  CB  . CYS A 1 112 ? -0.533  -4.823  3.919   1.00 14.36 ? 112  CYS A CB  1 
ATOM   854  S  SG  . CYS A 1 112 ? -1.921  -5.978  3.784   1.00 18.41 ? 112  CYS A SG  1 
ATOM   855  N  N   . THR A 1 113 ? -3.206  -3.089  4.989   1.00 15.16 ? 113  THR A N   1 
ATOM   856  C  CA  . THR A 1 113 ? -4.165  -2.920  6.075   1.00 15.28 ? 113  THR A CA  1 
ATOM   857  C  C   . THR A 1 113 ? -4.859  -4.203  6.521   1.00 16.23 ? 113  THR A C   1 
ATOM   858  O  O   . THR A 1 113 ? -5.754  -4.148  7.354   1.00 16.60 ? 113  THR A O   1 
ATOM   859  C  CB  . THR A 1 113 ? -5.254  -1.879  5.727   1.00 14.79 ? 113  THR A CB  1 
ATOM   860  O  OG1 . THR A 1 113 ? -5.967  -2.290  4.557   1.00 15.22 ? 113  THR A OG1 1 
ATOM   861  C  CG2 . THR A 1 113 ? -4.629  -0.519  5.490   1.00 15.28 ? 113  THR A CG2 1 
ATOM   862  N  N   . PHE A 1 114 ? -4.480  -5.351  5.969   1.00 16.99 ? 114  PHE A N   1 
ATOM   863  C  CA  . PHE A 1 114 ? -5.101  -6.599  6.422   1.00 17.81 ? 114  PHE A CA  1 
ATOM   864  C  C   . PHE A 1 114 ? -4.739  -6.692  7.906   1.00 18.29 ? 114  PHE A C   1 
ATOM   865  O  O   . PHE A 1 114 ? -3.615  -6.403  8.293   1.00 17.80 ? 114  PHE A O   1 
ATOM   866  C  CB  . PHE A 1 114 ? -4.525  -7.796  5.653   1.00 17.39 ? 114  PHE A CB  1 
ATOM   867  C  CG  . PHE A 1 114 ? -5.179  -9.115  5.994   1.00 19.22 ? 114  PHE A CG  1 
ATOM   868  C  CD1 . PHE A 1 114 ? -4.911  -9.748  7.206   1.00 19.70 ? 114  PHE A CD1 1 
ATOM   869  C  CD2 . PHE A 1 114 ? -6.058  -9.716  5.105   1.00 20.14 ? 114  PHE A CD2 1 
ATOM   870  C  CE1 . PHE A 1 114 ? -5.513  -10.971 7.527   1.00 21.57 ? 114  PHE A CE1 1 
ATOM   871  C  CE2 . PHE A 1 114 ? -6.669  -10.944 5.420   1.00 20.78 ? 114  PHE A CE2 1 
ATOM   872  C  CZ  . PHE A 1 114 ? -6.388  -11.565 6.634   1.00 19.57 ? 114  PHE A CZ  1 
ATOM   873  N  N   . PRO A 1 115 ? -5.694  -7.090  8.758   1.00 21.56 ? 115  PRO A N   1 
ATOM   874  C  CA  . PRO A 1 115 ? -5.456  -7.205  10.199  1.00 21.20 ? 115  PRO A CA  1 
ATOM   875  C  C   . PRO A 1 115 ? -4.096  -7.764  10.644  1.00 20.94 ? 115  PRO A C   1 
ATOM   876  O  O   . PRO A 1 115 ? -3.772  -8.925  10.388  1.00 21.43 ? 115  PRO A O   1 
ATOM   877  C  CB  . PRO A 1 115 ? -6.627  -8.065  10.658  1.00 21.58 ? 115  PRO A CB  1 
ATOM   878  C  CG  . PRO A 1 115 ? -7.726  -7.580  9.779   1.00 22.61 ? 115  PRO A CG  1 
ATOM   879  C  CD  . PRO A 1 115 ? -7.062  -7.519  8.419   1.00 21.59 ? 115  PRO A CD  1 
ATOM   880  N  N   . GLY A 1 116 ? -3.316  -6.914  11.309  1.00 20.00 ? 116  GLY A N   1 
ATOM   881  C  CA  . GLY A 1 116 ? -2.011  -7.291  11.827  1.00 19.31 ? 116  GLY A CA  1 
ATOM   882  C  C   . GLY A 1 116 ? -0.816  -7.232  10.889  1.00 18.61 ? 116  GLY A C   1 
ATOM   883  O  O   . GLY A 1 116 ? 0.326   -7.175  11.343  1.00 17.53 ? 116  GLY A O   1 
ATOM   884  N  N   . HIS A 1 117 ? -1.056  -7.216  9.585   1.00 16.86 ? 117  HIS A N   1 
ATOM   885  C  CA  . HIS A 1 117 ? 0.059   -7.220  8.643   1.00 16.95 ? 117  HIS A CA  1 
ATOM   886  C  C   . HIS A 1 117 ? 1.016   -6.044  8.694   1.00 16.89 ? 117  HIS A C   1 
ATOM   887  O  O   . HIS A 1 117 ? 2.215   -6.217  8.460   1.00 16.14 ? 117  HIS A O   1 
ATOM   888  C  CB  . HIS A 1 117 ? -0.452  -7.360  7.207   1.00 16.66 ? 117  HIS A CB  1 
ATOM   889  C  CG  . HIS A 1 117 ? -1.059  -8.697  6.905   1.00 16.55 ? 117  HIS A CG  1 
ATOM   890  N  ND1 . HIS A 1 117 ? -1.359  -9.104  5.621   1.00 17.11 ? 117  HIS A ND1 1 
ATOM   891  C  CD2 . HIS A 1 117 ? -1.430  -9.715  7.719   1.00 17.64 ? 117  HIS A CD2 1 
ATOM   892  C  CE1 . HIS A 1 117 ? -1.884  -10.315 5.657   1.00 16.23 ? 117  HIS A CE1 1 
ATOM   893  N  NE2 . HIS A 1 117 ? -1.938  -10.710 6.919   1.00 15.90 ? 117  HIS A NE2 1 
ATOM   894  N  N   . SER A 1 118 ? 0.509   -4.854  9.010   1.00 17.48 ? 118  SER A N   1 
ATOM   895  C  CA  . SER A 1 118 ? 1.373   -3.675  9.028   1.00 18.32 ? 118  SER A CA  1 
ATOM   896  C  C   . SER A 1 118 ? 2.541   -3.776  10.003  1.00 18.99 ? 118  SER A C   1 
ATOM   897  O  O   . SER A 1 118 ? 3.481   -2.978  9.936   1.00 18.56 ? 118  SER A O   1 
ATOM   898  C  CB  . SER A 1 118 ? 0.556   -2.401  9.300   1.00 18.55 ? 118  SER A CB  1 
ATOM   899  O  OG  . SER A 1 118 ? -0.038  -2.415  10.581  1.00 19.42 ? 118  SER A OG  1 
ATOM   900  N  N   . ALA A 1 119 ? 2.501   -4.763  10.892  1.00 19.70 ? 119  ALA A N   1 
ATOM   901  C  CA  . ALA A 1 119 ? 3.586   -4.965  11.845  1.00 20.13 ? 119  ALA A CA  1 
ATOM   902  C  C   . ALA A 1 119 ? 4.888   -5.221  11.083  1.00 20.01 ? 119  ALA A C   1 
ATOM   903  O  O   . ALA A 1 119 ? 5.955   -4.758  11.482  1.00 20.36 ? 119  ALA A O   1 
ATOM   904  C  CB  . ALA A 1 119 ? 3.270   -6.151  12.754  1.00 21.60 ? 119  ALA A CB  1 
ATOM   905  N  N   . LEU A 1 120 ? 4.786   -5.967  9.985   1.00 18.45 ? 120  LEU A N   1 
ATOM   906  C  CA  . LEU A 1 120 ? 5.934   -6.289  9.142   1.00 17.84 ? 120  LEU A CA  1 
ATOM   907  C  C   . LEU A 1 120 ? 5.822   -5.655  7.757   1.00 17.24 ? 120  LEU A C   1 
ATOM   908  O  O   . LEU A 1 120 ? 6.832   -5.333  7.133   1.00 16.74 ? 120  LEU A O   1 
ATOM   909  C  CB  . LEU A 1 120 ? 6.062   -7.804  8.957   1.00 19.53 ? 120  LEU A CB  1 
ATOM   910  C  CG  . LEU A 1 120 ? 6.527   -8.654  10.139  1.00 21.18 ? 120  LEU A CG  1 
ATOM   911  C  CD1 . LEU A 1 120 ? 6.475   -10.123 9.744   1.00 22.69 ? 120  LEU A CD1 1 
ATOM   912  C  CD2 . LEU A 1 120 ? 7.941   -8.270  10.542  1.00 22.24 ? 120  LEU A CD2 1 
ATOM   913  N  N   . MET A 1 121 ? 4.594   -5.475  7.288   1.00 15.10 ? 121  MET A N   1 
ATOM   914  C  CA  . MET A 1 121 ? 4.366   -4.928  5.955   1.00 14.34 ? 121  MET A CA  1 
ATOM   915  C  C   . MET A 1 121 ? 4.194   -3.422  5.934   1.00 14.18 ? 121  MET A C   1 
ATOM   916  O  O   . MET A 1 121 ? 3.082   -2.900  5.874   1.00 13.41 ? 121  MET A O   1 
ATOM   917  C  CB  . MET A 1 121 ? 3.172   -5.633  5.312   1.00 15.16 ? 121  MET A CB  1 
ATOM   918  C  CG  . MET A 1 121 ? 3.398   -7.136  5.217   1.00 15.05 ? 121  MET A CG  1 
ATOM   919  S  SD  . MET A 1 121 ? 2.061   -8.024  4.390   1.00 15.53 ? 121  MET A SD  1 
ATOM   920  C  CE  . MET A 1 121 ? 2.461   -7.664  2.630   1.00 16.04 ? 121  MET A CE  1 
ATOM   921  N  N   . TRP A 1 122 ? 5.331   -2.735  5.983   1.00 14.20 ? 122  TRP A N   1 
ATOM   922  C  CA  . TRP A 1 122 ? 5.387   -1.280  5.976   1.00 13.59 ? 122  TRP A CA  1 
ATOM   923  C  C   . TRP A 1 122 ? 6.672   -0.830  5.298   1.00 13.70 ? 122  TRP A C   1 
ATOM   924  O  O   . TRP A 1 122 ? 7.623   -1.600  5.157   1.00 13.56 ? 122  TRP A O   1 
ATOM   925  C  CB  . TRP A 1 122 ? 5.379   -0.721  7.411   1.00 15.82 ? 122  TRP A CB  1 
ATOM   926  C  CG  . TRP A 1 122 ? 6.501   -1.249  8.279   1.00 16.92 ? 122  TRP A CG  1 
ATOM   927  C  CD1 . TRP A 1 122 ? 6.459   -2.348  9.090   1.00 17.79 ? 122  TRP A CD1 1 
ATOM   928  C  CD2 . TRP A 1 122 ? 7.842   -0.745  8.360   1.00 18.36 ? 122  TRP A CD2 1 
ATOM   929  N  NE1 . TRP A 1 122 ? 7.686   -2.562  9.668   1.00 18.80 ? 122  TRP A NE1 1 
ATOM   930  C  CE2 . TRP A 1 122 ? 8.554   -1.595  9.238   1.00 18.93 ? 122  TRP A CE2 1 
ATOM   931  C  CE3 . TRP A 1 122 ? 8.511   0.338   7.774   1.00 18.79 ? 122  TRP A CE3 1 
ATOM   932  C  CZ2 . TRP A 1 122 ? 9.906   -1.399  9.543   1.00 20.41 ? 122  TRP A CZ2 1 
ATOM   933  C  CZ3 . TRP A 1 122 ? 9.861   0.535   8.081   1.00 20.22 ? 122  TRP A CZ3 1 
ATOM   934  C  CH2 . TRP A 1 122 ? 10.539  -0.333  8.959   1.00 20.06 ? 122  TRP A CH2 1 
ATOM   935  N  N   . GLY A 1 123 ? 6.702   0.431   4.890   1.00 12.58 ? 123  GLY A N   1 
ATOM   936  C  CA  . GLY A 1 123 ? 7.901   0.956   4.270   1.00 12.34 ? 123  GLY A CA  1 
ATOM   937  C  C   . GLY A 1 123 ? 7.785   2.448   4.057   1.00 11.80 ? 123  GLY A C   1 
ATOM   938  O  O   . GLY A 1 123 ? 6.711   3.013   4.222   1.00 12.26 ? 123  GLY A O   1 
ATOM   939  N  N   . HIS A 1 124 ? 8.891   3.096   3.712   1.00 14.30 ? 124  HIS A N   1 
ATOM   940  C  CA  . HIS A 1 124 ? 8.867   4.526   3.440   1.00 14.41 ? 124  HIS A CA  1 
ATOM   941  C  C   . HIS A 1 124 ? 8.826   4.798   1.938   1.00 15.27 ? 124  HIS A C   1 
ATOM   942  O  O   . HIS A 1 124 ? 9.452   4.087   1.151   1.00 16.38 ? 124  HIS A O   1 
ATOM   943  C  CB  . HIS A 1 124 ? 10.117  5.225   3.987   1.00 16.44 ? 124  HIS A CB  1 
ATOM   944  C  CG  . HIS A 1 124 ? 10.246  5.181   5.474   1.00 17.44 ? 124  HIS A CG  1 
ATOM   945  N  ND1 . HIS A 1 124 ? 10.849  4.138   6.140   1.00 18.76 ? 124  HIS A ND1 1 
ATOM   946  C  CD2 . HIS A 1 124 ? 9.860   6.063   6.425   1.00 17.54 ? 124  HIS A CD2 1 
ATOM   947  C  CE1 . HIS A 1 124 ? 10.830  4.379   7.437   1.00 19.06 ? 124  HIS A CE1 1 
ATOM   948  N  NE2 . HIS A 1 124 ? 10.235  5.543   7.640   1.00 16.05 ? 124  HIS A NE2 1 
ATOM   949  N  N   . LEU A 1 125 ? 8.085   5.829   1.551   1.00 17.24 ? 125  LEU A N   1 
ATOM   950  C  CA  . LEU A 1 125 ? 8.028   6.248   0.157   1.00 19.50 ? 125  LEU A CA  1 
ATOM   951  C  C   . LEU A 1 125 ? 8.512   7.696   0.212   1.00 22.17 ? 125  LEU A C   1 
ATOM   952  O  O   . LEU A 1 125 ? 7.855   8.550   0.807   1.00 22.29 ? 125  LEU A O   1 
ATOM   953  C  CB  . LEU A 1 125 ? 6.604   6.174   -0.395  1.00 20.40 ? 125  LEU A CB  1 
ATOM   954  C  CG  . LEU A 1 125 ? 6.468   6.597   -1.862  1.00 22.16 ? 125  LEU A CG  1 
ATOM   955  C  CD1 . LEU A 1 125 ? 5.487   5.690   -2.583  1.00 22.47 ? 125  LEU A CD1 1 
ATOM   956  C  CD2 . LEU A 1 125 ? 6.015   8.050   -1.930  1.00 22.49 ? 125  LEU A CD2 1 
ATOM   957  N  N   . THR A 1 126 ? 9.666   7.963   -0.388  1.00 26.12 ? 126  THR A N   1 
ATOM   958  C  CA  . THR A 1 126 ? 10.231  9.304   -0.354  1.00 27.94 ? 126  THR A CA  1 
ATOM   959  C  C   . THR A 1 126 ? 10.446  9.888   -1.739  1.00 29.26 ? 126  THR A C   1 
ATOM   960  O  O   . THR A 1 126 ? 10.807  9.176   -2.676  1.00 28.87 ? 126  THR A O   1 
ATOM   961  C  CB  . THR A 1 126 ? 11.574  9.310   0.394   1.00 30.25 ? 126  THR A CB  1 
ATOM   962  O  OG1 . THR A 1 126 ? 12.523  8.511   -0.319  1.00 34.28 ? 126  THR A OG1 1 
ATOM   963  C  CG2 . THR A 1 126 ? 11.392  8.725   1.786   1.00 32.84 ? 126  THR A CG2 1 
ATOM   964  N  N   . LEU A 1 127 ? 10.235  11.194  -1.846  1.00 33.28 ? 127  LEU A N   1 
ATOM   965  C  CA  . LEU A 1 127 ? 10.383  11.904  -3.104  1.00 35.32 ? 127  LEU A CA  1 
ATOM   966  C  C   . LEU A 1 127 ? 11.770  12.504  -3.244  1.00 36.85 ? 127  LEU A C   1 
ATOM   967  O  O   . LEU A 1 127 ? 12.276  13.153  -2.327  1.00 38.76 ? 127  LEU A O   1 
ATOM   968  C  CB  . LEU A 1 127 ? 9.347   13.034  -3.188  1.00 35.90 ? 127  LEU A CB  1 
ATOM   969  C  CG  . LEU A 1 127 ? 8.516   13.152  -4.468  1.00 36.71 ? 127  LEU A CG  1 
ATOM   970  C  CD1 . LEU A 1 127 ? 7.741   14.458  -4.438  1.00 37.95 ? 127  LEU A CD1 1 
ATOM   971  C  CD2 . LEU A 1 127 ? 9.414   13.113  -5.689  1.00 37.26 ? 127  LEU A CD2 1 
ATOM   972  N  N   . LYS A 1 128 ? 12.395  12.278  -4.391  1.00 40.99 ? 128  LYS A N   1 
ATOM   973  C  CA  . LYS A 1 128 ? 13.727  12.809  -4.672  1.00 43.20 ? 128  LYS A CA  1 
ATOM   974  C  C   . LYS A 1 128 ? 14.015  12.723  -6.175  1.00 44.29 ? 128  LYS A C   1 
ATOM   975  O  O   . LYS A 1 128 ? 13.976  13.724  -6.910  1.00 46.27 ? 128  LYS A O   1 
ATOM   976  C  CB  . LYS A 1 128 ? 14.807  12.049  -3.922  1.00 44.34 ? 128  LYS A CB  1 
ATOM   977  C  CG  . LYS A 1 128 ? 14.840  10.546  -4.192  1.00 45.23 ? 128  LYS A CG  1 
ATOM   978  C  CD  . LYS A 1 128 ? 16.267  10.046  -4.362  1.00 45.44 ? 128  LYS A CD  1 
ATOM   979  C  CE  . LYS A 1 128 ? 16.821  10.437  -5.723  1.00 45.50 ? 128  LYS A CE  1 
ATOM   980  N  NZ  . LYS A 1 128 ? 16.067  9.784   -6.831  1.00 45.57 ? 128  LYS A NZ  1 
HETATM 981  CU CU  . CU  B 2 .   ? -1.118  -8.004  3.919   1.00 16.19 ? 901  CU  A CU  1 
HETATM 982  RE RE  . REQ C 3 .   ? 10.279  6.689   9.502   1.00 19.33 ? 801  REQ A RE  1 
HETATM 983  N  N1  . REQ C 3 .   ? 9.516   4.844   10.328  1.00 18.43 ? 801  REQ A N1  1 
HETATM 984  N  N2  . REQ C 3 .   ? 12.101  5.610   9.985   1.00 18.24 ? 801  REQ A N2  1 
HETATM 985  O  O1  . REQ C 3 .   ? 10.376  8.285   12.176  1.00 22.49 ? 801  REQ A O1  1 
HETATM 986  O  O2  . REQ C 3 .   ? 11.568  9.039   7.998   1.00 19.32 ? 801  REQ A O2  1 
HETATM 987  O  O3  . REQ C 3 .   ? 7.625   8.083   8.996   1.00 16.78 ? 801  REQ A O3  1 
HETATM 988  C  C1  . REQ C 3 .   ? 10.348  7.694   11.173  1.00 14.45 ? 801  REQ A C1  1 
HETATM 989  C  C2  . REQ C 3 .   ? 11.108  8.166   8.573   1.00 18.97 ? 801  REQ A C2  1 
HETATM 990  C  C3  . REQ C 3 .   ? 8.598   7.579   9.171   1.00 17.37 ? 801  REQ A C3  1 
HETATM 991  C  C7  . REQ C 3 .   ? 8.213   4.490   10.474  1.00 18.23 ? 801  REQ A C7  1 
HETATM 992  C  C8  . REQ C 3 .   ? 7.812   3.228   10.986  1.00 18.69 ? 801  REQ A C8  1 
HETATM 993  C  C9  . REQ C 3 .   ? 8.764   2.321   11.356  1.00 18.99 ? 801  REQ A C9  1 
HETATM 994  C  C10 . REQ C 3 .   ? 10.173  2.633   11.233  1.00 17.88 ? 801  REQ A C10 1 
HETATM 995  C  C11 . REQ C 3 .   ? 10.494  3.936   10.695  1.00 17.97 ? 801  REQ A C11 1 
HETATM 996  C  C12 . REQ C 3 .   ? 11.878  4.342   10.523  1.00 18.31 ? 801  REQ A C12 1 
HETATM 997  C  C13 . REQ C 3 .   ? 12.946  3.452   10.889  1.00 19.34 ? 801  REQ A C13 1 
HETATM 998  C  C14 . REQ C 3 .   ? 14.273  3.931   10.682  1.00 19.92 ? 801  REQ A C14 1 
HETATM 999  C  C15 . REQ C 3 .   ? 14.501  5.195   10.149  1.00 20.44 ? 801  REQ A C15 1 
HETATM 1000 C  C16 . REQ C 3 .   ? 13.386  6.007   9.810   1.00 19.91 ? 801  REQ A C16 1 
HETATM 1001 C  C17 . REQ C 3 .   ? 11.293  1.750   11.598  1.00 19.37 ? 801  REQ A C17 1 
HETATM 1002 C  C18 . REQ C 3 .   ? 12.593  2.138   11.437  1.00 18.06 ? 801  REQ A C18 1 
HETATM 1003 C  C19 . REQ C 3 .   ? 8.313   1.018   11.850  1.00 19.90 ? 801  REQ A C19 1 
HETATM 1004 C  C20 . REQ C 3 .   ? 15.446  3.114   11.017  1.00 22.22 ? 801  REQ A C20 1 
HETATM 1005 O  O   . HOH D 4 .   ? 7.743   -6.371  4.741   1.00 15.43 ? 5000 HOH A O   1 
HETATM 1006 O  O   . HOH D 4 .   ? -2.287  -4.139  8.884   1.00 17.60 ? 5001 HOH A O   1 
HETATM 1007 O  O   . HOH D 4 .   ? 4.632   -7.199  -8.460  1.00 18.13 ? 5002 HOH A O   1 
HETATM 1008 O  O   . HOH D 4 .   ? -2.326  10.870  4.713   1.00 17.96 ? 5003 HOH A O   1 
HETATM 1009 O  O   . HOH D 4 .   ? 3.191   12.730  8.824   1.00 19.37 ? 5004 HOH A O   1 
HETATM 1010 O  O   . HOH D 4 .   ? 0.455   6.461   12.400  1.00 20.93 ? 5005 HOH A O   1 
HETATM 1011 O  O   . HOH D 4 .   ? 12.544  2.071   4.805   1.00 23.37 ? 5006 HOH A O   1 
HETATM 1012 O  O   . HOH D 4 .   ? -5.814  -3.297  9.899   1.00 19.89 ? 5007 HOH A O   1 
HETATM 1013 O  O   . HOH D 4 .   ? -9.068  2.871   6.524   1.00 20.78 ? 5008 HOH A O   1 
HETATM 1014 O  O   . HOH D 4 .   ? 3.490   6.052   -13.694 1.00 20.19 ? 5009 HOH A O   1 
HETATM 1015 O  O   . HOH D 4 .   ? 5.387   -17.033 -0.190  1.00 25.05 ? 5010 HOH A O   1 
HETATM 1016 O  O   . HOH D 4 .   ? -5.996  5.100   -5.278  1.00 22.76 ? 5011 HOH A O   1 
HETATM 1017 O  O   . HOH D 4 .   ? 8.401   -3.702  3.665   1.00 21.03 ? 5012 HOH A O   1 
HETATM 1018 O  O   . HOH D 4 .   ? 1.119   -16.703 -6.191  1.00 21.06 ? 5013 HOH A O   1 
HETATM 1019 O  O   . HOH D 4 .   ? -0.957  13.979  7.979   1.00 22.74 ? 5014 HOH A O   1 
HETATM 1020 O  O   . HOH D 4 .   ? -2.278  1.791   -12.601 1.00 25.06 ? 5015 HOH A O   1 
HETATM 1021 O  O   . HOH D 4 .   ? 10.323  -2.564  -9.699  1.00 24.88 ? 5016 HOH A O   1 
HETATM 1022 O  O   . HOH D 4 .   ? -3.253  8.055   12.667  1.00 21.06 ? 5017 HOH A O   1 
HETATM 1023 O  O   . HOH D 4 .   ? 11.819  7.841   -20.730 1.00 25.56 ? 5018 HOH A O   1 
HETATM 1024 O  O   . HOH D 4 .   ? 13.361  2.287   7.607   1.00 25.05 ? 5019 HOH A O   1 
HETATM 1025 O  O   . HOH D 4 .   ? 4.037   0.190   -14.618 1.00 26.18 ? 5020 HOH A O   1 
HETATM 1026 O  O   . HOH D 4 .   ? -4.902  3.879   -10.728 1.00 25.00 ? 5021 HOH A O   1 
HETATM 1027 O  O   . HOH D 4 .   ? 0.813   -0.705  -14.610 1.00 25.15 ? 5022 HOH A O   1 
HETATM 1028 O  O   . HOH D 4 .   ? -2.802  13.170  2.970   1.00 25.71 ? 5023 HOH A O   1 
HETATM 1029 O  O   . HOH D 4 .   ? -5.902  -10.396 -10.535 1.00 24.80 ? 5024 HOH A O   1 
HETATM 1030 O  O   . HOH D 4 .   ? 5.855   4.426   -15.508 1.00 25.81 ? 5025 HOH A O   1 
HETATM 1031 O  O   . HOH D 4 .   ? 12.232  5.539   0.912   1.00 26.42 ? 5026 HOH A O   1 
HETATM 1032 O  O   . HOH D 4 .   ? 12.317  2.191   -5.283  1.00 26.02 ? 5027 HOH A O   1 
HETATM 1033 O  O   . HOH D 4 .   ? -2.307  -13.494 8.153   1.00 23.89 ? 5028 HOH A O   1 
HETATM 1034 O  O   . HOH D 4 .   ? 1.321   15.368  -9.987  1.00 25.55 ? 5029 HOH A O   1 
HETATM 1035 O  O   . HOH D 4 .   ? 9.024   -7.079  -7.249  1.00 24.16 ? 5030 HOH A O   1 
HETATM 1036 O  O   . HOH D 4 .   ? 11.138  6.960   -9.613  1.00 26.85 ? 5031 HOH A O   1 
HETATM 1037 O  O   . HOH D 4 .   ? 1.474   -22.980 0.916   1.00 25.46 ? 5032 HOH A O   1 
HETATM 1038 O  O   . HOH D 4 .   ? 14.604  8.453   6.634   1.00 26.82 ? 5033 HOH A O   1 
HETATM 1039 O  O   . HOH D 4 .   ? 14.217  -3.239  1.350   1.00 27.46 ? 5034 HOH A O   1 
HETATM 1040 O  O   . HOH D 4 .   ? 15.952  -0.029  3.221   1.00 27.06 ? 5035 HOH A O   1 
HETATM 1041 O  O   . HOH D 4 .   ? -10.678 4.530   0.825   1.00 28.96 ? 5036 HOH A O   1 
HETATM 1042 O  O   . HOH D 4 .   ? -5.654  9.750   11.559  1.00 27.07 ? 5037 HOH A O   1 
HETATM 1043 O  O   . HOH D 4 .   ? 3.300   -7.130  -11.193 1.00 26.78 ? 5038 HOH A O   1 
HETATM 1044 O  O   . HOH D 4 .   ? -13.091 0.176   1.032   1.00 26.98 ? 5039 HOH A O   1 
HETATM 1045 O  O   . HOH D 4 .   ? -10.576 -1.598  14.364  1.00 24.69 ? 5040 HOH A O   1 
HETATM 1046 O  O   . HOH D 4 .   ? -5.283  -19.210 -3.193  1.00 26.55 ? 5041 HOH A O   1 
HETATM 1047 O  O   . HOH D 4 .   ? -4.766  6.985   -7.204  1.00 26.03 ? 5042 HOH A O   1 
HETATM 1048 O  O   . HOH D 4 .   ? -3.784  10.443  -11.982 1.00 29.02 ? 5043 HOH A O   1 
HETATM 1049 O  O   . HOH D 4 .   ? 8.720   -15.953 7.782   1.00 25.48 ? 5044 HOH A O   1 
HETATM 1050 O  O   . HOH D 4 .   ? 3.858   20.029  -1.300  1.00 29.32 ? 5045 HOH A O   1 
HETATM 1051 O  O   . HOH D 4 .   ? 10.816  3.260   -7.529  1.00 28.99 ? 5046 HOH A O   1 
HETATM 1052 O  O   . HOH D 4 .   ? 1.578   -16.539 -9.068  1.00 27.78 ? 5047 HOH A O   1 
HETATM 1053 O  O   . HOH D 4 .   ? 10.911  -3.205  -5.896  1.00 27.65 ? 5048 HOH A O   1 
HETATM 1054 O  O   . HOH D 4 .   ? -7.782  6.866   -3.479  1.00 29.34 ? 5049 HOH A O   1 
HETATM 1055 O  O   . HOH D 4 .   ? -11.794 9.358   8.311   1.00 29.32 ? 5050 HOH A O   1 
HETATM 1056 O  O   . HOH D 4 .   ? -5.524  12.052  -1.291  1.00 29.44 ? 5051 HOH A O   1 
HETATM 1057 O  O   . HOH D 4 .   ? 4.966   -11.999 -8.437  1.00 26.81 ? 5052 HOH A O   1 
HETATM 1058 O  O   . HOH D 4 .   ? 11.428  -0.351  -4.119  1.00 26.03 ? 5053 HOH A O   1 
HETATM 1059 O  O   . HOH D 4 .   ? 14.799  5.207   -12.058 1.00 28.07 ? 5054 HOH A O   1 
HETATM 1060 O  O   . HOH D 4 .   ? -7.896  -2.616  -0.482  1.00 24.79 ? 5055 HOH A O   1 
HETATM 1061 O  O   . HOH D 4 .   ? 10.322  -11.113 0.473   1.00 28.02 ? 5056 HOH A O   1 
HETATM 1062 O  O   . HOH D 4 .   ? -0.042  0.762   12.979  1.00 28.41 ? 5057 HOH A O   1 
HETATM 1063 O  O   . HOH D 4 .   ? -16.409 1.326   7.225   1.00 28.08 ? 5058 HOH A O   1 
HETATM 1064 O  O   . HOH D 4 .   ? -9.115  7.248   12.904  1.00 25.51 ? 5059 HOH A O   1 
HETATM 1065 O  O   . HOH D 4 .   ? 0.079   -4.660  13.960  1.00 28.15 ? 5060 HOH A O   1 
HETATM 1066 O  O   . HOH D 4 .   ? -2.058  -1.488  14.068  1.00 26.70 ? 5061 HOH A O   1 
HETATM 1067 O  O   . HOH D 4 .   ? 7.665   -6.119  14.698  1.00 29.40 ? 5062 HOH A O   1 
HETATM 1068 O  O   . HOH D 4 .   ? -0.719  15.262  2.602   1.00 25.77 ? 5063 HOH A O   1 
HETATM 1069 O  O   . HOH D 4 .   ? -4.597  14.194  6.833   1.00 27.85 ? 5064 HOH A O   1 
# 
